data_5WDL
#
_entry.id   5WDL
#
_cell.length_a   104.841
_cell.length_b   140.299
_cell.length_c   221.087
_cell.angle_alpha   90.000
_cell.angle_beta   90.000
_cell.angle_gamma   90.000
#
_symmetry.space_group_name_H-M   'P 21 21 21'
#
loop_
_entity.id
_entity.type
_entity.pdbx_description
1 polymer 'Aminopeptidase C'
2 non-polymer N-[(3S)-6-carbamimidamido-2-oxohexan-3-yl]glycinamide
3 non-polymer 'POTASSIUM ION'
4 water water
#
_entity_poly.entity_id   1
_entity_poly.type   'polypeptide(L)'
_entity_poly.pdbx_seq_one_letter_code
;MGSDKIHHHHHHENLYFQQDTEKKVSEEGFVFTTVKENPITSVKNQNRAGTCWCYSSYSFLESELLRMGKGEYDLSEMFT
VYNTYLDRADAAVRTHGDVSFSQGGSFYDALYGMETFGLVPEEEMRPGMMYADTLSNHTELSALTDAMVAAIAKGKLRKL
QSDENNAMLWKKAVAAVHQIYLGVPPEKFTYKGKEYTPKSFFESTGLKASDYVSLTSYTHHPFYTQFPLEIQDNWRHGMS
YNLPLDEFMEVFDNAINTGYTIAWGSDVSESGFTRDGVAVMPDDEKVQELSGSDMAHWLKLKPEEKKLNTKPQPQKWCTQ
AERQLAYDNYETTDDHGMQIYGIAKDQEGNEYYMVKNSWGTNSKYNGIWYASKAFVRYKTMNIVVHKDALPKAIKAKLGI
K
;
_entity_poly.pdbx_strand_id   A,B,C,D,E,F
#
# COMPACT_ATOMS: atom_id res chain seq x y z
N GLY A 29 21.73 -38.56 24.97
CA GLY A 29 22.44 -37.35 24.59
C GLY A 29 23.61 -37.60 23.66
N PHE A 30 24.39 -36.56 23.42
CA PHE A 30 25.57 -36.62 22.55
C PHE A 30 26.85 -36.63 23.38
N VAL A 31 27.80 -37.45 22.96
CA VAL A 31 29.15 -37.46 23.54
C VAL A 31 30.13 -37.40 22.38
N PHE A 32 30.81 -36.27 22.23
CA PHE A 32 31.68 -36.02 21.09
C PHE A 32 33.14 -36.24 21.47
N THR A 33 33.90 -36.75 20.50
CA THR A 33 35.33 -37.00 20.66
C THR A 33 36.07 -36.36 19.49
N THR A 34 36.96 -35.42 19.79
CA THR A 34 37.70 -34.71 18.75
C THR A 34 38.68 -35.65 18.04
N VAL A 35 38.61 -35.67 16.72
CA VAL A 35 39.57 -36.42 15.91
C VAL A 35 40.78 -35.57 15.53
N LYS A 36 40.53 -34.39 14.99
CA LYS A 36 41.58 -33.41 14.72
C LYS A 36 40.94 -32.04 14.68
N GLU A 37 41.65 -31.04 15.22
CA GLU A 37 41.20 -29.66 15.17
C GLU A 37 42.40 -28.75 14.97
N ASN A 38 42.16 -27.63 14.30
CA ASN A 38 43.17 -26.65 13.96
C ASN A 38 42.99 -25.37 14.76
N PRO A 39 44.05 -24.59 14.95
CA PRO A 39 43.96 -23.43 15.85
C PRO A 39 42.95 -22.38 15.38
N ILE A 40 42.18 -21.87 16.34
CA ILE A 40 41.22 -20.79 16.10
C ILE A 40 41.38 -19.75 17.22
N THR A 41 40.78 -18.58 17.00
CA THR A 41 40.77 -17.54 17.99
C THR A 41 39.52 -17.67 18.87
N SER A 42 39.28 -16.70 19.73
CA SER A 42 38.16 -16.75 20.66
C SER A 42 36.83 -16.60 19.93
N VAL A 43 35.77 -17.14 20.53
CA VAL A 43 34.43 -17.01 19.98
C VAL A 43 33.94 -15.57 20.16
N LYS A 44 33.47 -14.97 19.08
CA LYS A 44 32.97 -13.60 19.10
C LYS A 44 31.44 -13.62 19.17
N ASN A 45 30.85 -12.42 19.26
CA ASN A 45 29.40 -12.28 19.37
C ASN A 45 28.95 -11.15 18.46
N GLN A 46 28.25 -11.49 17.39
CA GLN A 46 27.72 -10.48 16.48
C GLN A 46 26.53 -9.74 17.07
N ASN A 47 25.84 -10.35 18.04
CA ASN A 47 24.70 -9.75 18.76
C ASN A 47 23.62 -9.39 17.76
N ARG A 48 23.02 -8.21 17.83
CA ARG A 48 21.83 -7.87 17.03
C ARG A 48 22.24 -7.15 15.76
N ALA A 49 22.90 -7.91 14.88
CA ALA A 49 23.30 -7.41 13.58
C ALA A 49 23.57 -8.60 12.68
N GLY A 50 23.25 -8.44 11.39
CA GLY A 50 23.45 -9.51 10.43
C GLY A 50 24.85 -9.55 9.85
N THR A 51 25.87 -9.48 10.70
CA THR A 51 27.24 -9.36 10.26
C THR A 51 28.01 -10.67 10.38
N CYS A 52 27.30 -11.81 10.38
CA CYS A 52 27.96 -13.11 10.49
C CYS A 52 28.94 -13.34 9.35
N TRP A 53 28.67 -12.77 8.18
CA TRP A 53 29.58 -12.92 7.04
C TRP A 53 30.95 -12.35 7.35
N CYS A 54 31.01 -11.26 8.11
CA CYS A 54 32.28 -10.64 8.43
C CYS A 54 32.95 -11.29 9.64
N TYR A 55 32.16 -11.67 10.65
CA TYR A 55 32.74 -12.33 11.82
C TYR A 55 33.32 -13.70 11.47
N SER A 56 32.62 -14.46 10.63
CA SER A 56 33.13 -15.77 10.24
C SER A 56 34.32 -15.64 9.30
N SER A 57 34.30 -14.64 8.42
CA SER A 57 35.44 -14.40 7.54
C SER A 57 36.70 -14.08 8.34
N TYR A 58 36.55 -13.32 9.42
CA TYR A 58 37.71 -12.93 10.22
C TYR A 58 38.16 -14.04 11.15
N SER A 59 37.24 -14.85 11.67
CA SER A 59 37.65 -16.09 12.33
C SER A 59 38.47 -16.96 11.38
N PHE A 60 38.07 -16.99 10.10
CA PHE A 60 38.83 -17.74 9.10
C PHE A 60 40.19 -17.09 8.83
N LEU A 61 40.20 -15.78 8.58
CA LEU A 61 41.47 -15.11 8.28
C LEU A 61 42.41 -15.12 9.48
N GLU A 62 41.87 -15.06 10.70
CA GLU A 62 42.74 -15.12 11.88
C GLU A 62 43.37 -16.50 12.04
N SER A 63 42.60 -17.56 11.73
CA SER A 63 43.19 -18.89 11.71
C SER A 63 44.22 -19.03 10.59
N GLU A 64 44.02 -18.32 9.47
CA GLU A 64 45.02 -18.31 8.41
C GLU A 64 46.30 -17.64 8.88
N LEU A 65 46.19 -16.56 9.66
CA LEU A 65 47.38 -15.89 10.17
C LEU A 65 48.10 -16.75 11.20
N LEU A 66 47.35 -17.47 12.03
CA LEU A 66 47.97 -18.42 12.95
C LEU A 66 48.71 -19.51 12.19
N ARG A 67 48.09 -20.05 11.14
CA ARG A 67 48.72 -21.11 10.36
C ARG A 67 49.98 -20.62 9.67
N MET A 68 49.96 -19.36 9.22
CA MET A 68 51.10 -18.77 8.53
C MET A 68 52.17 -18.24 9.48
N GLY A 69 52.06 -18.53 10.77
CA GLY A 69 53.06 -18.11 11.72
C GLY A 69 53.10 -16.62 11.99
N LYS A 70 51.99 -15.93 11.77
CA LYS A 70 51.92 -14.48 11.95
C LYS A 70 51.42 -14.09 13.34
N GLY A 71 50.98 -15.04 14.15
CA GLY A 71 50.50 -14.74 15.49
C GLY A 71 49.00 -14.56 15.54
N GLU A 72 48.52 -14.20 16.72
CA GLU A 72 47.10 -14.01 16.95
C GLU A 72 46.70 -12.57 16.65
N TYR A 73 45.63 -12.41 15.88
CA TYR A 73 45.10 -11.09 15.53
C TYR A 73 43.64 -10.98 15.98
N ASP A 74 43.19 -9.74 16.15
CA ASP A 74 41.79 -9.43 16.44
C ASP A 74 41.37 -8.32 15.48
N LEU A 75 40.92 -8.70 14.30
CA LEU A 75 40.56 -7.75 13.26
C LEU A 75 39.18 -7.13 13.54
N SER A 76 39.02 -5.88 13.13
CA SER A 76 37.78 -5.13 13.36
C SER A 76 36.78 -5.44 12.25
N GLU A 77 35.68 -6.11 12.61
CA GLU A 77 34.61 -6.33 11.64
C GLU A 77 33.89 -5.02 11.29
N MET A 78 33.74 -4.13 12.27
CA MET A 78 33.00 -2.89 12.02
C MET A 78 33.66 -2.04 10.94
N PHE A 79 34.98 -2.13 10.80
CA PHE A 79 35.65 -1.41 9.72
C PHE A 79 35.22 -1.95 8.36
N THR A 80 35.25 -3.27 8.19
CA THR A 80 34.86 -3.86 6.92
C THR A 80 33.35 -3.78 6.70
N VAL A 81 32.57 -3.94 7.76
CA VAL A 81 31.12 -3.79 7.64
C VAL A 81 30.78 -2.38 7.17
N TYR A 82 31.47 -1.37 7.71
CA TYR A 82 31.22 0.01 7.32
C TYR A 82 31.45 0.23 5.83
N ASN A 83 32.63 -0.18 5.33
CA ASN A 83 32.95 0.06 3.93
C ASN A 83 32.12 -0.81 2.99
N THR A 84 31.76 -2.02 3.42
CA THR A 84 30.93 -2.87 2.57
C THR A 84 29.56 -2.25 2.35
N TYR A 85 28.95 -1.70 3.42
CA TYR A 85 27.62 -1.12 3.29
C TYR A 85 27.62 0.08 2.35
N LEU A 86 28.70 0.86 2.33
CA LEU A 86 28.77 1.99 1.40
C LEU A 86 28.80 1.50 -0.04
N ASP A 87 29.53 0.42 -0.32
CA ASP A 87 29.55 -0.14 -1.67
C ASP A 87 28.21 -0.75 -2.03
N ARG A 88 27.55 -1.41 -1.07
CA ARG A 88 26.25 -2.01 -1.34
C ARG A 88 25.20 -0.93 -1.60
N ALA A 89 25.29 0.20 -0.91
CA ALA A 89 24.38 1.32 -1.19
C ALA A 89 24.60 1.84 -2.60
N ASP A 90 25.86 1.92 -3.03
CA ASP A 90 26.16 2.33 -4.40
C ASP A 90 25.59 1.34 -5.40
N ALA A 91 25.69 0.04 -5.10
CA ALA A 91 25.13 -0.97 -6.01
C ALA A 91 23.62 -0.86 -6.09
N ALA A 92 22.96 -0.58 -4.97
CA ALA A 92 21.51 -0.42 -4.99
C ALA A 92 21.09 0.78 -5.82
N VAL A 93 21.85 1.88 -5.72
CA VAL A 93 21.49 3.08 -6.46
C VAL A 93 21.76 2.90 -7.94
N ARG A 94 22.89 2.26 -8.29
CA ARG A 94 23.20 2.05 -9.71
C ARG A 94 22.18 1.15 -10.38
N THR A 95 21.69 0.13 -9.67
CA THR A 95 20.70 -0.78 -10.22
C THR A 95 19.27 -0.36 -9.91
N HIS A 96 19.07 0.87 -9.44
CA HIS A 96 17.74 1.42 -9.19
C HIS A 96 16.91 0.52 -8.29
N GLY A 97 17.55 -0.05 -7.27
CA GLY A 97 16.89 -0.84 -6.27
C GLY A 97 16.90 -2.34 -6.49
N ASP A 98 17.43 -2.81 -7.62
CA ASP A 98 17.48 -4.26 -7.84
C ASP A 98 18.38 -4.93 -6.82
N VAL A 99 19.61 -4.45 -6.66
CA VAL A 99 20.46 -4.92 -5.58
C VAL A 99 19.83 -4.47 -4.26
N SER A 100 19.37 -5.42 -3.46
CA SER A 100 18.78 -5.08 -2.17
C SER A 100 19.85 -4.56 -1.21
N PHE A 101 19.44 -3.62 -0.36
CA PHE A 101 20.32 -3.05 0.65
C PHE A 101 19.92 -3.60 2.01
N SER A 102 20.72 -4.52 2.53
CA SER A 102 20.47 -5.13 3.83
C SER A 102 21.80 -5.38 4.53
N GLN A 103 21.74 -6.01 5.70
CA GLN A 103 22.91 -6.15 6.56
C GLN A 103 23.82 -7.29 6.14
N GLY A 104 23.34 -8.23 5.33
CA GLY A 104 24.09 -9.43 5.01
C GLY A 104 25.30 -9.17 4.13
N GLY A 105 26.00 -10.26 3.82
CA GLY A 105 27.19 -10.17 3.00
C GLY A 105 27.72 -11.56 2.69
N SER A 106 28.95 -11.59 2.18
CA SER A 106 29.58 -12.84 1.76
C SER A 106 31.03 -12.86 2.18
N PHE A 107 31.65 -14.04 2.07
CA PHE A 107 33.08 -14.17 2.32
C PHE A 107 33.88 -13.34 1.33
N TYR A 108 33.38 -13.20 0.09
CA TYR A 108 34.11 -12.39 -0.89
C TYR A 108 34.10 -10.91 -0.51
N ASP A 109 33.08 -10.45 0.21
CA ASP A 109 33.07 -9.07 0.68
C ASP A 109 34.30 -8.78 1.55
N ALA A 110 34.71 -9.75 2.38
CA ALA A 110 35.87 -9.55 3.23
C ALA A 110 37.17 -9.70 2.44
N LEU A 111 37.24 -10.67 1.52
CA LEU A 111 38.42 -10.80 0.68
C LEU A 111 38.62 -9.58 -0.21
N TYR A 112 37.54 -9.10 -0.81
CA TYR A 112 37.60 -7.84 -1.57
C TYR A 112 37.93 -6.68 -0.65
N GLY A 113 37.40 -6.70 0.57
CA GLY A 113 37.56 -5.57 1.47
C GLY A 113 39.00 -5.37 1.91
N MET A 114 39.67 -6.46 2.29
CA MET A 114 41.04 -6.32 2.79
C MET A 114 41.99 -5.84 1.70
N GLU A 115 41.73 -6.20 0.44
CA GLU A 115 42.54 -5.71 -0.67
C GLU A 115 42.21 -4.26 -1.02
N THR A 116 40.95 -3.86 -0.89
CA THR A 116 40.50 -2.54 -1.31
C THR A 116 40.55 -1.52 -0.17
N PHE A 117 40.01 -1.87 0.98
CA PHE A 117 39.95 -0.95 2.11
C PHE A 117 41.08 -1.16 3.12
N GLY A 118 41.57 -2.39 3.25
CA GLY A 118 42.57 -2.71 4.23
C GLY A 118 41.97 -3.33 5.48
N LEU A 119 42.77 -3.35 6.54
CA LEU A 119 42.37 -3.92 7.81
C LEU A 119 42.78 -2.99 8.94
N VAL A 120 42.00 -2.99 10.01
CA VAL A 120 42.35 -2.28 11.24
C VAL A 120 42.12 -3.22 12.41
N PRO A 121 42.85 -3.08 13.51
CA PRO A 121 42.61 -3.92 14.69
C PRO A 121 41.28 -3.59 15.35
N GLU A 122 40.81 -4.55 16.16
CA GLU A 122 39.50 -4.41 16.81
C GLU A 122 39.41 -3.13 17.63
N GLU A 123 40.51 -2.70 18.23
CA GLU A 123 40.49 -1.54 19.12
C GLU A 123 40.15 -0.24 18.39
N GLU A 124 40.38 -0.18 17.08
CA GLU A 124 40.20 1.06 16.34
C GLU A 124 38.74 1.34 15.97
N MET A 125 37.88 0.31 15.95
CA MET A 125 36.45 0.52 15.67
C MET A 125 35.68 -0.62 16.35
N ARG A 126 35.24 -0.38 17.59
CA ARG A 126 34.57 -1.42 18.36
C ARG A 126 33.06 -1.40 18.10
N PRO A 127 32.40 -2.55 18.25
CA PRO A 127 30.94 -2.57 18.12
C PRO A 127 30.28 -1.87 19.30
N GLY A 128 29.24 -1.10 18.99
CA GLY A 128 28.44 -0.45 20.00
C GLY A 128 29.06 0.78 20.64
N MET A 129 30.28 1.15 20.24
CA MET A 129 30.99 2.24 20.90
C MET A 129 30.26 3.57 20.77
N MET A 130 29.43 3.73 19.75
CA MET A 130 28.77 5.01 19.51
C MET A 130 27.48 5.20 20.29
N TYR A 131 26.84 4.11 20.73
CA TYR A 131 25.60 4.19 21.49
C TYR A 131 25.74 3.55 22.87
N ALA A 132 26.92 3.72 23.47
CA ALA A 132 27.16 3.36 24.87
C ALA A 132 26.91 1.87 25.14
N ASP A 133 27.36 1.03 24.22
CA ASP A 133 27.25 -0.42 24.35
C ASP A 133 28.60 -1.05 24.01
N THR A 134 28.69 -2.37 24.21
CA THR A 134 29.86 -3.13 23.82
C THR A 134 29.54 -4.21 22.79
N LEU A 135 28.27 -4.37 22.42
CA LEU A 135 27.87 -5.31 21.39
C LEU A 135 27.00 -4.57 20.37
N SER A 136 26.94 -5.09 19.16
CA SER A 136 26.28 -4.40 18.06
C SER A 136 24.76 -4.44 18.20
N ASN A 137 24.12 -3.32 17.86
CA ASN A 137 22.67 -3.26 17.67
C ASN A 137 22.43 -2.27 16.53
N HIS A 138 22.32 -2.81 15.31
CA HIS A 138 22.24 -2.02 14.09
C HIS A 138 20.81 -1.85 13.60
N THR A 139 19.82 -2.07 14.46
CA THR A 139 18.42 -1.97 14.05
C THR A 139 18.06 -0.54 13.66
N GLU A 140 18.46 0.43 14.48
CA GLU A 140 18.16 1.82 14.16
C GLU A 140 18.98 2.29 12.96
N LEU A 141 20.26 1.89 12.89
CA LEU A 141 21.09 2.26 11.74
C LEU A 141 20.49 1.77 10.44
N SER A 142 20.00 0.53 10.42
CA SER A 142 19.38 0.02 9.21
C SER A 142 18.08 0.74 8.90
N ALA A 143 17.27 1.03 9.93
CA ALA A 143 16.01 1.74 9.70
C ALA A 143 16.26 3.06 8.97
N LEU A 144 17.30 3.79 9.36
CA LEU A 144 17.61 5.05 8.70
C LEU A 144 18.19 4.81 7.30
N THR A 145 19.24 3.98 7.21
CA THR A 145 19.95 3.84 5.96
C THR A 145 19.12 3.10 4.91
N ASP A 146 18.30 2.12 5.32
CA ASP A 146 17.39 1.50 4.36
C ASP A 146 16.45 2.54 3.78
N ALA A 147 15.95 3.45 4.62
CA ALA A 147 15.04 4.49 4.14
C ALA A 147 15.77 5.47 3.22
N MET A 148 17.04 5.78 3.52
CA MET A 148 17.78 6.73 2.70
C MET A 148 18.08 6.15 1.33
N VAL A 149 18.60 4.91 1.28
CA VAL A 149 18.96 4.31 0.00
C VAL A 149 17.71 4.11 -0.86
N ALA A 150 16.59 3.74 -0.25
CA ALA A 150 15.36 3.55 -1.01
C ALA A 150 14.83 4.86 -1.56
N ALA A 151 15.00 5.96 -0.83
CA ALA A 151 14.55 7.25 -1.35
C ALA A 151 15.32 7.67 -2.59
N ILE A 152 16.56 7.20 -2.73
CA ILE A 152 17.37 7.50 -3.91
C ILE A 152 17.17 6.46 -5.00
N ALA A 153 17.29 5.18 -4.66
CA ALA A 153 17.32 4.13 -5.67
C ALA A 153 15.93 3.88 -6.25
N LYS A 154 14.89 3.97 -5.43
CA LYS A 154 13.53 3.65 -5.86
C LYS A 154 12.63 4.87 -5.89
N GLY A 155 13.19 6.07 -5.82
CA GLY A 155 12.42 7.30 -5.81
C GLY A 155 12.15 7.87 -7.19
N LYS A 156 11.74 9.14 -7.21
CA LYS A 156 11.39 9.84 -8.43
C LYS A 156 12.46 10.85 -8.86
N LEU A 157 13.61 10.86 -8.19
CA LEU A 157 14.67 11.81 -8.52
C LEU A 157 15.24 11.51 -9.91
N ARG A 158 15.29 12.55 -10.74
CA ARG A 158 15.80 12.40 -12.11
C ARG A 158 17.27 12.79 -12.24
N LYS A 159 17.80 13.60 -11.33
CA LYS A 159 19.20 14.00 -11.40
C LYS A 159 19.71 14.16 -9.98
N LEU A 160 20.62 13.29 -9.57
CA LEU A 160 21.16 13.34 -8.23
C LEU A 160 22.22 14.43 -8.12
N GLN A 161 22.28 15.06 -6.95
CA GLN A 161 23.10 16.25 -6.77
C GLN A 161 24.56 15.90 -6.48
N SER A 162 25.46 16.78 -6.90
CA SER A 162 26.89 16.59 -6.73
C SER A 162 27.55 17.93 -6.50
N ASP A 163 28.73 17.90 -5.88
CA ASP A 163 29.46 19.11 -5.53
C ASP A 163 30.35 19.55 -6.70
N GLU A 164 31.18 20.57 -6.47
CA GLU A 164 32.04 21.10 -7.53
CA GLU A 164 32.03 21.10 -7.54
C GLU A 164 33.06 20.08 -8.01
N ASN A 165 33.33 19.05 -7.22
CA ASN A 165 34.27 18.00 -7.60
C ASN A 165 33.56 16.75 -8.10
N ASN A 166 32.30 16.87 -8.49
CA ASN A 166 31.51 15.75 -9.03
C ASN A 166 31.35 14.61 -8.03
N ALA A 167 31.42 14.93 -6.73
CA ALA A 167 31.17 13.95 -5.68
C ALA A 167 29.70 13.97 -5.32
N MET A 168 29.10 12.78 -5.25
CA MET A 168 27.67 12.67 -5.01
C MET A 168 27.33 13.03 -3.57
N LEU A 169 26.30 13.86 -3.38
CA LEU A 169 25.91 14.28 -2.04
C LEU A 169 25.23 13.16 -1.26
N TRP A 170 24.45 12.31 -1.93
CA TRP A 170 23.78 11.24 -1.21
C TRP A 170 24.79 10.24 -0.63
N LYS A 171 25.92 10.03 -1.30
CA LYS A 171 26.95 9.16 -0.74
C LYS A 171 27.56 9.77 0.52
N LYS A 172 27.71 11.10 0.54
CA LYS A 172 28.16 11.75 1.77
C LYS A 172 27.17 11.54 2.89
N ALA A 173 25.88 11.63 2.58
CA ALA A 173 24.84 11.48 3.61
C ALA A 173 24.83 10.06 4.17
N VAL A 174 24.88 9.05 3.29
CA VAL A 174 24.86 7.67 3.76
C VAL A 174 26.13 7.36 4.54
N ALA A 175 27.27 7.93 4.13
CA ALA A 175 28.50 7.73 4.87
C ALA A 175 28.46 8.42 6.23
N ALA A 176 27.90 9.63 6.28
CA ALA A 176 27.84 10.37 7.54
C ALA A 176 26.96 9.63 8.56
N VAL A 177 25.84 9.08 8.11
CA VAL A 177 24.96 8.37 9.02
C VAL A 177 25.62 7.07 9.50
N HIS A 178 26.31 6.37 8.60
CA HIS A 178 27.01 5.15 9.01
C HIS A 178 28.08 5.43 10.04
N GLN A 179 28.79 6.55 9.91
CA GLN A 179 29.83 6.90 10.87
C GLN A 179 29.24 7.23 12.24
N ILE A 180 28.04 7.80 12.27
CA ILE A 180 27.41 8.15 13.54
C ILE A 180 27.05 6.92 14.35
N TYR A 181 26.70 5.82 13.68
CA TYR A 181 26.29 4.60 14.37
C TYR A 181 27.39 3.56 14.49
N LEU A 182 28.37 3.57 13.59
CA LEU A 182 29.45 2.58 13.64
C LEU A 182 30.79 3.15 14.08
N GLY A 183 31.00 4.45 13.96
CA GLY A 183 32.25 5.08 14.30
C GLY A 183 32.98 5.61 13.08
N VAL A 184 33.97 6.44 13.34
CA VAL A 184 34.78 7.03 12.28
C VAL A 184 35.92 6.07 11.93
N PRO A 185 36.12 5.74 10.66
CA PRO A 185 37.25 4.87 10.28
C PRO A 185 38.57 5.60 10.48
N PRO A 186 39.54 4.94 11.10
CA PRO A 186 40.83 5.61 11.32
C PRO A 186 41.64 5.71 10.04
N GLU A 187 42.25 6.88 9.83
CA GLU A 187 43.19 7.05 8.73
C GLU A 187 44.58 6.57 9.09
N LYS A 188 45.00 6.80 10.34
CA LYS A 188 46.28 6.33 10.84
C LYS A 188 46.07 5.82 12.26
N PHE A 189 46.86 4.80 12.63
CA PHE A 189 46.75 4.24 13.97
C PHE A 189 48.06 3.55 14.32
N THR A 190 48.25 3.36 15.62
CA THR A 190 49.44 2.71 16.17
C THR A 190 49.06 1.36 16.75
N TYR A 191 49.78 0.32 16.35
CA TYR A 191 49.48 -1.04 16.82
C TYR A 191 50.80 -1.70 17.19
N LYS A 192 50.98 -1.99 18.48
CA LYS A 192 52.17 -2.66 19.01
C LYS A 192 53.45 -1.90 18.64
N GLY A 193 53.41 -0.58 18.82
CA GLY A 193 54.58 0.26 18.67
C GLY A 193 54.81 0.84 17.29
N LYS A 194 54.15 0.34 16.26
CA LYS A 194 54.33 0.82 14.90
C LYS A 194 53.08 1.53 14.41
N GLU A 195 53.28 2.57 13.60
CA GLU A 195 52.18 3.32 13.02
C GLU A 195 51.76 2.72 11.67
N TYR A 196 50.45 2.59 11.49
CA TYR A 196 49.87 1.96 10.32
C TYR A 196 48.77 2.82 9.72
N THR A 197 48.49 2.58 8.45
CA THR A 197 47.24 2.89 7.79
C THR A 197 46.47 1.60 7.59
N PRO A 198 45.16 1.66 7.34
CA PRO A 198 44.43 0.43 7.04
C PRO A 198 45.06 -0.38 5.91
N LYS A 199 45.58 0.31 4.89
CA LYS A 199 46.22 -0.39 3.77
C LYS A 199 47.56 -0.97 4.20
N SER A 200 48.39 -0.19 4.89
CA SER A 200 49.70 -0.69 5.29
C SER A 200 49.59 -1.76 6.37
N PHE A 201 48.54 -1.71 7.21
CA PHE A 201 48.33 -2.76 8.18
C PHE A 201 47.93 -4.06 7.52
N PHE A 202 47.13 -3.99 6.45
CA PHE A 202 46.79 -5.19 5.70
C PHE A 202 48.03 -5.80 5.05
N GLU A 203 48.91 -4.95 4.54
CA GLU A 203 50.13 -5.45 3.90
C GLU A 203 51.05 -6.15 4.88
N SER A 204 51.07 -5.71 6.14
CA SER A 204 51.92 -6.34 7.15
C SER A 204 51.47 -7.76 7.48
N THR A 205 50.22 -8.11 7.19
CA THR A 205 49.75 -9.46 7.46
C THR A 205 50.20 -10.46 6.41
N GLY A 206 50.52 -10.01 5.20
CA GLY A 206 50.94 -10.91 4.15
C GLY A 206 49.81 -11.66 3.48
N LEU A 207 48.56 -11.37 3.85
CA LEU A 207 47.43 -12.05 3.24
C LEU A 207 47.26 -11.62 1.79
N LYS A 208 46.85 -12.56 0.94
CA LYS A 208 46.54 -12.28 -0.46
C LYS A 208 45.19 -12.90 -0.78
N ALA A 209 44.27 -12.08 -1.29
CA ALA A 209 42.96 -12.60 -1.66
C ALA A 209 43.05 -13.65 -2.75
N SER A 210 44.07 -13.55 -3.60
CA SER A 210 44.27 -14.52 -4.67
C SER A 210 44.63 -15.91 -4.15
N ASP A 211 44.99 -16.04 -2.88
CA ASP A 211 45.29 -17.34 -2.31
C ASP A 211 44.04 -18.13 -1.95
N TYR A 212 42.87 -17.53 -2.03
CA TYR A 212 41.64 -18.15 -1.56
C TYR A 212 40.65 -18.30 -2.70
N VAL A 213 39.94 -19.43 -2.70
CA VAL A 213 38.96 -19.74 -3.73
C VAL A 213 37.63 -20.07 -3.09
N SER A 214 36.55 -19.72 -3.77
CA SER A 214 35.20 -20.05 -3.35
C SER A 214 34.73 -21.30 -4.09
N LEU A 215 34.13 -22.22 -3.36
CA LEU A 215 33.72 -23.51 -3.90
C LEU A 215 32.25 -23.76 -3.61
N THR A 216 31.57 -24.41 -4.56
CA THR A 216 30.18 -24.79 -4.38
C THR A 216 29.94 -26.08 -5.17
N SER A 217 28.69 -26.56 -5.13
CA SER A 217 28.37 -27.83 -5.78
C SER A 217 26.89 -27.80 -6.19
N TYR A 218 26.64 -27.45 -7.44
CA TYR A 218 25.28 -27.41 -7.99
C TYR A 218 25.32 -27.86 -9.45
N THR A 219 24.14 -28.20 -9.98
CA THR A 219 24.04 -28.74 -11.32
C THR A 219 23.43 -27.80 -12.34
N HIS A 220 22.92 -26.63 -11.93
CA HIS A 220 22.42 -25.69 -12.92
C HIS A 220 23.54 -24.94 -13.64
N HIS A 221 24.79 -25.33 -13.40
CA HIS A 221 25.96 -24.89 -14.13
C HIS A 221 26.89 -26.09 -14.32
N PRO A 222 27.68 -26.11 -15.40
CA PRO A 222 28.58 -27.24 -15.62
C PRO A 222 29.63 -27.33 -14.52
N PHE A 223 30.01 -28.56 -14.21
CA PHE A 223 31.04 -28.80 -13.21
C PHE A 223 32.40 -28.27 -13.67
N TYR A 224 33.25 -27.95 -12.70
CA TYR A 224 34.61 -27.47 -12.93
C TYR A 224 34.65 -26.15 -13.68
N THR A 225 33.60 -25.35 -13.54
CA THR A 225 33.55 -23.99 -14.07
C THR A 225 33.26 -23.02 -12.94
N GLN A 226 33.33 -21.73 -13.27
CA GLN A 226 33.06 -20.66 -12.32
C GLN A 226 31.75 -19.96 -12.68
N PHE A 227 30.94 -19.68 -11.67
CA PHE A 227 29.73 -18.91 -11.85
C PHE A 227 29.45 -18.15 -10.56
N PRO A 228 28.81 -16.99 -10.63
CA PRO A 228 28.43 -16.27 -9.41
C PRO A 228 27.12 -16.83 -8.86
N LEU A 229 27.14 -17.19 -7.58
CA LEU A 229 25.93 -17.73 -6.94
C LEU A 229 24.81 -16.72 -6.97
N GLU A 230 23.61 -17.18 -7.34
CA GLU A 230 22.45 -16.31 -7.50
C GLU A 230 21.75 -16.13 -6.15
N ILE A 231 22.45 -15.46 -5.24
CA ILE A 231 21.94 -15.18 -3.91
C ILE A 231 22.06 -13.68 -3.66
N GLN A 232 21.20 -13.16 -2.79
CA GLN A 232 21.09 -11.71 -2.62
C GLN A 232 22.37 -11.09 -2.08
N ASP A 233 23.00 -11.74 -1.10
CA ASP A 233 24.18 -11.16 -0.47
C ASP A 233 25.44 -11.30 -1.34
N ASN A 234 25.34 -11.93 -2.50
CA ASN A 234 26.44 -11.97 -3.46
C ASN A 234 26.25 -10.89 -4.53
N TRP A 235 25.93 -9.68 -4.10
CA TRP A 235 25.69 -8.58 -5.02
C TRP A 235 26.96 -8.12 -5.73
N ARG A 236 28.14 -8.44 -5.20
CA ARG A 236 29.38 -8.20 -5.91
C ARG A 236 29.61 -9.19 -7.04
N HIS A 237 28.83 -10.27 -7.08
CA HIS A 237 28.95 -11.29 -8.14
C HIS A 237 30.31 -11.96 -8.11
N GLY A 238 30.72 -12.39 -6.92
CA GLY A 238 31.95 -13.14 -6.78
C GLY A 238 31.79 -14.56 -7.32
N MET A 239 32.84 -15.05 -7.96
CA MET A 239 32.78 -16.34 -8.62
C MET A 239 33.05 -17.47 -7.62
N SER A 240 32.52 -18.66 -7.95
CA SER A 240 32.76 -19.87 -7.19
C SER A 240 33.04 -21.01 -8.14
N TYR A 241 33.99 -21.86 -7.78
CA TYR A 241 34.27 -23.06 -8.55
C TYR A 241 33.24 -24.14 -8.23
N ASN A 242 32.74 -24.78 -9.29
CA ASN A 242 31.68 -25.78 -9.17
C ASN A 242 32.30 -27.18 -9.18
N LEU A 243 32.01 -27.96 -8.15
CA LEU A 243 32.53 -29.32 -8.01
C LEU A 243 31.39 -30.31 -7.83
N PRO A 244 31.57 -31.55 -8.27
CA PRO A 244 30.62 -32.61 -7.90
C PRO A 244 30.56 -32.78 -6.39
N LEU A 245 29.41 -33.25 -5.91
CA LEU A 245 29.15 -33.26 -4.47
C LEU A 245 30.16 -34.11 -3.71
N ASP A 246 30.56 -35.25 -4.29
CA ASP A 246 31.51 -36.12 -3.59
C ASP A 246 32.89 -35.48 -3.53
N GLU A 247 33.36 -34.91 -4.63
CA GLU A 247 34.64 -34.19 -4.60
C GLU A 247 34.55 -32.93 -3.75
N PHE A 248 33.37 -32.30 -3.69
CA PHE A 248 33.17 -31.13 -2.84
C PHE A 248 33.42 -31.48 -1.37
N MET A 249 32.90 -32.62 -0.92
CA MET A 249 33.09 -33.02 0.47
C MET A 249 34.52 -33.47 0.74
N GLU A 250 35.26 -33.92 -0.27
CA GLU A 250 36.65 -34.29 -0.01
C GLU A 250 37.49 -33.07 0.33
N VAL A 251 37.15 -31.90 -0.21
CA VAL A 251 37.90 -30.69 0.11
C VAL A 251 37.77 -30.36 1.59
N PHE A 252 36.60 -30.61 2.17
CA PHE A 252 36.40 -30.39 3.59
C PHE A 252 37.41 -31.19 4.41
N ASP A 253 37.44 -32.51 4.21
CA ASP A 253 38.31 -33.36 5.00
C ASP A 253 39.78 -33.08 4.71
N ASN A 254 40.11 -32.85 3.43
CA ASN A 254 41.51 -32.58 3.07
C ASN A 254 42.01 -31.29 3.70
N ALA A 255 41.15 -30.28 3.79
CA ALA A 255 41.56 -29.02 4.41
C ALA A 255 41.81 -29.19 5.89
N ILE A 256 40.89 -29.85 6.61
CA ILE A 256 41.05 -30.03 8.05
C ILE A 256 42.24 -30.93 8.35
N ASN A 257 42.37 -32.04 7.60
CA ASN A 257 43.43 -33.00 7.88
C ASN A 257 44.83 -32.46 7.55
N THR A 258 44.92 -31.47 6.68
CA THR A 258 46.21 -30.86 6.37
C THR A 258 46.44 -29.55 7.12
N GLY A 259 45.61 -29.25 8.12
CA GLY A 259 45.86 -28.12 9.00
C GLY A 259 45.19 -26.82 8.63
N TYR A 260 44.26 -26.82 7.67
CA TYR A 260 43.57 -25.62 7.25
C TYR A 260 42.17 -25.57 7.87
N THR A 261 41.60 -24.37 7.90
CA THR A 261 40.22 -24.17 8.30
C THR A 261 39.39 -23.74 7.10
N ILE A 262 38.07 -23.75 7.28
CA ILE A 262 37.12 -23.55 6.19
C ILE A 262 36.14 -22.46 6.59
N ALA A 263 35.95 -21.47 5.71
CA ALA A 263 34.85 -20.51 5.86
C ALA A 263 33.60 -21.16 5.30
N TRP A 264 32.62 -21.40 6.17
CA TRP A 264 31.48 -22.25 5.86
C TRP A 264 30.21 -21.39 5.77
N GLY A 265 29.70 -21.20 4.55
CA GLY A 265 28.43 -20.55 4.34
C GLY A 265 27.36 -21.60 4.10
N SER A 266 26.34 -21.59 4.95
CA SER A 266 25.40 -22.70 4.96
C SER A 266 24.00 -22.22 5.32
N ASP A 267 23.03 -23.07 5.01
CA ASP A 267 21.66 -22.92 5.48
C ASP A 267 21.56 -23.45 6.90
N VAL A 268 20.96 -22.67 7.79
CA VAL A 268 20.75 -23.10 9.17
C VAL A 268 19.28 -23.07 9.57
N SER A 269 18.39 -22.78 8.62
CA SER A 269 16.95 -22.77 8.90
C SER A 269 16.35 -24.16 8.69
N GLU A 270 16.84 -25.10 9.49
CA GLU A 270 16.38 -26.48 9.47
C GLU A 270 16.04 -26.94 10.89
N SER A 271 15.18 -27.96 10.97
CA SER A 271 14.86 -28.53 12.27
C SER A 271 16.07 -29.23 12.88
N GLY A 272 17.01 -29.68 12.06
CA GLY A 272 18.19 -30.35 12.59
C GLY A 272 19.18 -29.40 13.24
N PHE A 273 19.19 -28.13 12.83
CA PHE A 273 20.06 -27.14 13.43
C PHE A 273 19.39 -26.61 14.69
N THR A 274 19.91 -27.00 15.85
CA THR A 274 19.30 -26.70 17.14
C THR A 274 20.12 -25.65 17.87
N ARG A 275 19.50 -25.07 18.89
CA ARG A 275 20.16 -24.11 19.78
C ARG A 275 21.10 -24.78 20.76
N ASP A 276 21.18 -26.12 20.75
CA ASP A 276 21.99 -26.87 21.69
C ASP A 276 23.31 -27.35 21.09
N GLY A 277 23.81 -26.66 20.06
CA GLY A 277 25.15 -26.89 19.56
C GLY A 277 25.32 -28.02 18.58
N VAL A 278 24.24 -28.58 18.03
CA VAL A 278 24.35 -29.65 17.06
C VAL A 278 23.56 -29.28 15.81
N ALA A 279 24.03 -29.80 14.67
CA ALA A 279 23.34 -29.66 13.40
C ALA A 279 23.36 -31.03 12.72
N VAL A 280 22.22 -31.71 12.69
CA VAL A 280 22.13 -33.06 12.17
C VAL A 280 21.09 -33.12 11.07
N MET A 281 21.21 -34.18 10.25
CA MET A 281 20.27 -34.45 9.16
C MET A 281 19.75 -35.87 9.34
N PRO A 282 18.84 -36.06 10.30
CA PRO A 282 18.39 -37.43 10.61
C PRO A 282 17.44 -37.96 9.54
N ASP A 283 17.54 -39.27 9.28
CA ASP A 283 16.62 -39.95 8.38
C ASP A 283 15.36 -40.31 9.17
N ASP A 284 14.27 -39.58 8.93
CA ASP A 284 13.05 -39.79 9.69
C ASP A 284 12.49 -41.18 9.50
N GLU A 285 12.63 -41.74 8.29
CA GLU A 285 12.10 -43.07 8.01
C GLU A 285 12.87 -44.14 8.76
N LYS A 286 14.20 -44.03 8.80
CA LYS A 286 15.01 -45.06 9.46
C LYS A 286 14.81 -45.03 10.98
N VAL A 287 14.61 -43.85 11.56
CA VAL A 287 14.39 -43.75 13.00
C VAL A 287 13.05 -44.38 13.40
N GLN A 288 12.03 -44.25 12.54
CA GLN A 288 10.72 -44.83 12.85
C GLN A 288 10.76 -46.36 12.91
N GLU A 289 11.65 -46.99 12.14
CA GLU A 289 11.73 -48.45 12.17
C GLU A 289 12.41 -48.96 13.43
N LEU A 290 13.43 -48.25 13.91
CA LEU A 290 14.16 -48.70 15.11
C LEU A 290 13.35 -48.52 16.38
N SER A 291 12.30 -47.70 16.35
CA SER A 291 11.46 -47.49 17.52
C SER A 291 10.53 -48.68 17.76
N SER A 293 7.46 -48.81 18.41
CA SER A 293 6.28 -48.24 17.76
C SER A 293 6.36 -48.34 16.24
N ASP A 294 5.23 -48.66 15.61
CA ASP A 294 5.18 -48.77 14.16
C ASP A 294 5.11 -47.37 13.54
N MET A 295 4.88 -47.30 12.22
CA MET A 295 4.87 -46.01 11.54
C MET A 295 3.68 -45.16 11.96
N ALA A 296 2.58 -45.79 12.38
CA ALA A 296 1.40 -45.03 12.80
C ALA A 296 1.58 -44.48 14.22
N HIS A 297 2.08 -45.30 15.14
CA HIS A 297 2.27 -44.83 16.51
C HIS A 297 3.47 -43.90 16.61
N TRP A 298 4.48 -44.07 15.75
CA TRP A 298 5.64 -43.17 15.77
C TRP A 298 5.25 -41.76 15.36
N LEU A 299 4.29 -41.61 14.44
CA LEU A 299 3.87 -40.30 13.97
C LEU A 299 2.95 -39.57 14.94
N LYS A 300 2.78 -40.10 16.15
CA LYS A 300 2.05 -39.41 17.21
C LYS A 300 2.82 -39.48 18.52
N LEU A 301 4.14 -39.41 18.44
CA LEU A 301 5.03 -39.42 19.60
C LEU A 301 5.63 -38.03 19.75
N LYS A 302 5.76 -37.58 21.00
CA LYS A 302 6.22 -36.23 21.28
C LYS A 302 7.60 -36.00 20.67
N PRO A 303 7.94 -34.75 20.31
CA PRO A 303 9.30 -34.46 19.87
C PRO A 303 10.36 -34.84 20.89
N GLU A 304 10.05 -34.73 22.18
CA GLU A 304 10.96 -35.24 23.21
C GLU A 304 11.06 -36.76 23.16
N GLU A 305 9.98 -37.43 22.75
CA GLU A 305 9.98 -38.88 22.62
C GLU A 305 10.56 -39.37 21.29
N LYS A 306 10.67 -38.47 20.30
CA LYS A 306 11.26 -38.87 19.01
C LYS A 306 12.78 -38.79 19.04
N LYS A 307 13.33 -37.93 19.89
CA LYS A 307 14.78 -37.73 20.05
C LYS A 307 15.52 -37.73 18.71
N LEU A 308 15.00 -36.94 17.77
CA LEU A 308 15.61 -36.87 16.44
C LEU A 308 16.89 -36.05 16.45
N ASN A 309 16.94 -34.98 17.24
CA ASN A 309 18.07 -34.07 17.26
C ASN A 309 18.79 -34.05 18.61
N THR A 310 18.52 -35.03 19.47
CA THR A 310 19.10 -35.08 20.80
C THR A 310 20.00 -36.29 21.04
N LYS A 311 19.97 -37.27 20.16
CA LYS A 311 20.80 -38.46 20.27
C LYS A 311 21.32 -38.80 18.88
N PRO A 312 22.43 -39.53 18.80
CA PRO A 312 22.94 -39.96 17.49
C PRO A 312 21.91 -40.80 16.75
N GLN A 313 21.64 -40.42 15.51
CA GLN A 313 20.64 -41.05 14.66
C GLN A 313 21.23 -41.36 13.30
N PRO A 314 20.64 -42.28 12.56
CA PRO A 314 21.07 -42.51 11.18
C PRO A 314 20.81 -41.28 10.32
N GLN A 315 21.80 -40.89 9.55
CA GLN A 315 21.74 -39.66 8.77
C GLN A 315 21.24 -39.95 7.35
N LYS A 316 20.62 -38.94 6.75
CA LYS A 316 20.22 -38.98 5.36
C LYS A 316 21.34 -38.41 4.50
N TRP A 317 21.89 -39.23 3.61
CA TRP A 317 22.99 -38.82 2.74
C TRP A 317 22.41 -38.44 1.38
N CYS A 318 22.30 -37.15 1.13
CA CYS A 318 21.60 -36.65 -0.04
C CYS A 318 22.36 -36.97 -1.32
N THR A 319 21.61 -37.11 -2.40
CA THR A 319 22.21 -37.17 -3.72
C THR A 319 22.43 -35.76 -4.26
N GLN A 320 23.10 -35.69 -5.40
CA GLN A 320 23.32 -34.40 -6.04
C GLN A 320 21.99 -33.76 -6.44
N ALA A 321 21.03 -34.58 -6.89
CA ALA A 321 19.74 -34.04 -7.32
C ALA A 321 18.90 -33.59 -6.13
N GLU A 322 18.94 -34.33 -5.02
CA GLU A 322 18.22 -33.90 -3.83
C GLU A 322 18.80 -32.60 -3.28
N ARG A 323 20.13 -32.45 -3.35
CA ARG A 323 20.75 -31.19 -2.96
C ARG A 323 20.31 -30.06 -3.88
N GLN A 324 20.20 -30.34 -5.18
CA GLN A 324 19.81 -29.30 -6.13
C GLN A 324 18.35 -28.89 -5.92
N LEU A 325 17.48 -29.85 -5.61
CA LEU A 325 16.07 -29.55 -5.40
C LEU A 325 15.88 -28.57 -4.25
N ALA A 326 16.59 -28.78 -3.14
CA ALA A 326 16.45 -27.89 -1.99
C ALA A 326 16.93 -26.47 -2.30
N TYR A 327 17.94 -26.34 -3.15
CA TYR A 327 18.38 -25.00 -3.55
C TYR A 327 17.39 -24.37 -4.51
N ASP A 328 16.71 -25.19 -5.34
CA ASP A 328 15.74 -24.66 -6.28
C ASP A 328 14.42 -24.28 -5.62
N ASN A 329 13.99 -25.02 -4.60
CA ASN A 329 12.66 -24.86 -4.05
C ASN A 329 12.64 -24.07 -2.74
N TYR A 330 13.70 -23.33 -2.45
CA TYR A 330 13.85 -22.43 -1.30
C TYR A 330 14.11 -23.14 0.02
N GLU A 331 14.34 -24.45 0.02
CA GLU A 331 14.64 -25.14 1.27
C GLU A 331 16.09 -24.98 1.70
N THR A 332 16.98 -24.58 0.79
CA THR A 332 18.37 -24.28 1.14
C THR A 332 18.64 -22.83 0.74
N THR A 333 18.77 -21.96 1.72
CA THR A 333 19.01 -20.55 1.47
C THR A 333 20.30 -20.10 2.14
N ASP A 334 20.86 -19.00 1.64
CA ASP A 334 22.11 -18.45 2.16
C ASP A 334 21.82 -17.73 3.47
N ASP A 335 21.85 -18.49 4.57
CA ASP A 335 21.43 -18.00 5.88
C ASP A 335 22.57 -17.46 6.73
N HIS A 336 23.62 -18.26 6.90
CA HIS A 336 24.59 -18.02 7.96
C HIS A 336 26.00 -18.36 7.48
N GLY A 337 26.98 -17.64 8.01
CA GLY A 337 28.38 -17.91 7.75
C GLY A 337 29.11 -18.29 9.02
N MET A 338 29.88 -19.38 8.97
CA MET A 338 30.59 -19.89 10.13
C MET A 338 31.96 -20.37 9.70
N GLN A 339 32.71 -20.97 10.64
CA GLN A 339 34.03 -21.51 10.36
C GLN A 339 34.13 -22.94 10.83
N ILE A 340 34.51 -23.84 9.93
CA ILE A 340 34.80 -25.23 10.26
C ILE A 340 36.29 -25.37 10.49
N TYR A 341 36.66 -25.93 11.65
CA TYR A 341 38.07 -26.04 12.03
C TYR A 341 38.48 -27.42 12.52
N GLY A 342 37.55 -28.38 12.60
CA GLY A 342 37.93 -29.69 13.10
C GLY A 342 36.90 -30.74 12.75
N ILE A 343 37.27 -31.98 13.06
CA ILE A 343 36.44 -33.16 12.85
C ILE A 343 36.29 -33.88 14.18
N ALA A 344 35.07 -34.34 14.48
CA ALA A 344 34.79 -35.07 15.71
C ALA A 344 33.86 -36.23 15.39
N LYS A 345 33.74 -37.14 16.36
CA LYS A 345 32.87 -38.30 16.26
C LYS A 345 32.01 -38.39 17.51
N ASP A 346 30.87 -39.06 17.39
CA ASP A 346 30.00 -39.29 18.53
C ASP A 346 30.24 -40.70 19.08
N GLN A 347 29.44 -41.09 20.08
CA GLN A 347 29.61 -42.40 20.71
C GLN A 347 29.32 -43.55 19.74
N GLU A 348 28.48 -43.31 18.72
CA GLU A 348 28.13 -44.35 17.76
C GLU A 348 29.02 -44.33 16.51
N GLY A 349 29.98 -43.41 16.43
CA GLY A 349 30.92 -43.37 15.33
C GLY A 349 30.57 -42.44 14.18
N ASN A 350 29.45 -41.71 14.26
CA ASN A 350 29.12 -40.77 13.21
C ASN A 350 30.10 -39.60 13.19
N GLU A 351 30.45 -39.14 12.00
CA GLU A 351 31.44 -38.08 11.83
C GLU A 351 30.77 -36.71 11.79
N TYR A 352 31.42 -35.75 12.43
CA TYR A 352 30.93 -34.38 12.51
C TYR A 352 32.06 -33.41 12.17
N TYR A 353 31.68 -32.23 11.71
CA TYR A 353 32.61 -31.12 11.57
C TYR A 353 32.42 -30.18 12.76
N MET A 354 33.54 -29.70 13.29
CA MET A 354 33.52 -28.79 14.43
C MET A 354 33.41 -27.36 13.91
N VAL A 355 32.37 -26.64 14.37
CA VAL A 355 32.00 -25.35 13.82
C VAL A 355 32.19 -24.28 14.89
N LYS A 356 32.86 -23.19 14.53
CA LYS A 356 33.01 -22.02 15.40
C LYS A 356 31.98 -20.98 14.99
N ASN A 357 30.99 -20.76 15.85
CA ASN A 357 29.93 -19.81 15.58
C ASN A 357 30.32 -18.42 16.08
N SER A 358 29.44 -17.44 15.85
CA SER A 358 29.68 -16.06 16.27
C SER A 358 28.49 -15.53 17.05
N TRP A 359 27.92 -16.36 17.92
CA TRP A 359 26.78 -15.99 18.76
C TRP A 359 27.16 -15.91 20.24
N GLY A 360 28.44 -15.67 20.54
CA GLY A 360 28.88 -15.67 21.92
C GLY A 360 29.11 -17.07 22.45
N THR A 361 29.42 -17.14 23.73
CA THR A 361 29.78 -18.41 24.37
C THR A 361 28.70 -18.93 25.30
N ASN A 362 27.50 -18.34 25.28
CA ASN A 362 26.43 -18.76 26.18
C ASN A 362 25.57 -19.86 25.55
N SER A 363 26.23 -20.97 25.21
CA SER A 363 25.56 -22.14 24.67
C SER A 363 26.19 -23.39 25.28
N LYS A 364 25.68 -24.56 24.88
CA LYS A 364 26.09 -25.82 25.51
C LYS A 364 27.59 -26.06 25.34
N TYR A 365 28.14 -25.76 24.17
CA TYR A 365 29.56 -25.98 23.90
C TYR A 365 30.30 -24.66 23.78
N ASN A 366 29.80 -23.62 24.46
CA ASN A 366 30.47 -22.32 24.55
C ASN A 366 30.70 -21.71 23.16
N GLY A 367 29.65 -21.68 22.36
CA GLY A 367 29.69 -21.10 21.04
C GLY A 367 30.18 -22.03 19.94
N ILE A 368 30.42 -23.30 20.25
CA ILE A 368 30.89 -24.28 19.27
C ILE A 368 29.72 -25.17 18.87
N TRP A 369 29.63 -25.47 17.58
CA TRP A 369 28.59 -26.34 17.06
C TRP A 369 29.22 -27.59 16.44
N TYR A 370 28.47 -28.69 16.48
CA TYR A 370 28.85 -29.94 15.83
C TYR A 370 27.88 -30.20 14.69
N ALA A 371 28.36 -30.08 13.46
CA ALA A 371 27.54 -30.28 12.27
C ALA A 371 27.92 -31.60 11.62
N SER A 372 26.95 -32.51 11.51
CA SER A 372 27.22 -33.81 10.90
C SER A 372 27.61 -33.65 9.43
N LYS A 373 28.40 -34.59 8.93
CA LYS A 373 28.82 -34.52 7.54
C LYS A 373 27.63 -34.61 6.58
N ALA A 374 26.57 -35.31 6.98
CA ALA A 374 25.38 -35.37 6.14
C ALA A 374 24.69 -34.00 6.07
N PHE A 375 24.66 -33.28 7.19
CA PHE A 375 24.09 -31.94 7.17
C PHE A 375 24.92 -31.00 6.29
N VAL A 376 26.24 -31.03 6.45
CA VAL A 376 27.11 -30.16 5.65
C VAL A 376 26.98 -30.50 4.18
N ARG A 377 26.90 -31.78 3.84
CA ARG A 377 26.76 -32.18 2.44
C ARG A 377 25.47 -31.63 1.83
N TYR A 378 24.41 -31.52 2.61
CA TYR A 378 23.10 -31.15 2.13
C TYR A 378 22.87 -29.64 2.12
N LYS A 379 23.30 -28.93 3.18
CA LYS A 379 22.88 -27.56 3.42
C LYS A 379 23.98 -26.54 3.20
N THR A 380 25.15 -26.95 2.69
CA THR A 380 26.21 -25.99 2.42
C THR A 380 25.89 -25.18 1.17
N MET A 381 25.98 -23.86 1.28
CA MET A 381 25.82 -23.00 0.13
C MET A 381 27.14 -22.86 -0.63
N ASN A 382 28.21 -22.47 0.07
CA ASN A 382 29.54 -22.34 -0.52
C ASN A 382 30.56 -22.28 0.60
N ILE A 383 31.82 -22.51 0.24
CA ILE A 383 32.93 -22.44 1.19
C ILE A 383 34.08 -21.68 0.56
N VAL A 384 34.95 -21.15 1.43
CA VAL A 384 36.19 -20.51 1.01
C VAL A 384 37.33 -21.15 1.78
N VAL A 385 38.36 -21.61 1.06
CA VAL A 385 39.55 -22.18 1.66
C VAL A 385 40.76 -21.62 0.93
N HIS A 386 41.93 -21.79 1.54
CA HIS A 386 43.18 -21.50 0.87
C HIS A 386 43.40 -22.51 -0.25
N LYS A 387 44.04 -22.06 -1.34
CA LYS A 387 44.27 -22.93 -2.48
C LYS A 387 45.01 -24.21 -2.09
N ASP A 388 46.03 -24.08 -1.21
CA ASP A 388 46.83 -25.24 -0.84
C ASP A 388 46.06 -26.26 -0.01
N ALA A 389 44.84 -25.94 0.42
CA ALA A 389 43.99 -26.92 1.08
C ALA A 389 43.29 -27.84 0.09
N LEU A 390 43.33 -27.53 -1.21
CA LEU A 390 42.68 -28.35 -2.22
C LEU A 390 43.52 -29.60 -2.52
N PRO A 391 42.87 -30.75 -2.66
CA PRO A 391 43.60 -31.95 -3.12
C PRO A 391 44.20 -31.73 -4.49
N LYS A 392 45.29 -32.45 -4.76
CA LYS A 392 46.03 -32.27 -6.00
C LYS A 392 45.15 -32.56 -7.22
N ALA A 393 44.31 -33.60 -7.13
CA ALA A 393 43.44 -33.94 -8.26
C ALA A 393 42.41 -32.86 -8.53
N ILE A 394 41.80 -32.32 -7.47
CA ILE A 394 40.81 -31.26 -7.65
C ILE A 394 41.44 -29.99 -8.19
N LYS A 395 42.65 -29.67 -7.73
CA LYS A 395 43.35 -28.49 -8.25
C LYS A 395 43.55 -28.59 -9.76
N ALA A 396 43.84 -29.78 -10.27
CA ALA A 396 44.07 -29.93 -11.70
C ALA A 396 42.77 -29.78 -12.49
N LYS A 397 41.68 -30.34 -11.97
CA LYS A 397 40.39 -30.27 -12.67
C LYS A 397 39.89 -28.83 -12.76
N LEU A 398 40.20 -28.01 -11.77
CA LEU A 398 39.76 -26.61 -11.76
C LEU A 398 40.72 -25.67 -12.47
N GLY A 399 41.90 -26.14 -12.85
CA GLY A 399 42.89 -25.30 -13.50
C GLY A 399 43.59 -24.33 -12.57
N ILE A 400 43.76 -24.70 -11.31
CA ILE A 400 44.38 -23.84 -10.30
C ILE A 400 45.80 -24.32 -10.07
N LYS A 401 46.77 -23.44 -10.28
CA LYS A 401 48.17 -23.75 -9.98
C LYS A 401 48.51 -23.36 -8.54
N GLY B 29 -5.93 46.63 -19.94
CA GLY B 29 -4.88 46.23 -19.02
C GLY B 29 -4.90 46.98 -17.71
N PHE B 30 -3.86 46.79 -16.90
CA PHE B 30 -3.72 47.47 -15.62
C PHE B 30 -2.68 48.57 -15.74
N VAL B 31 -2.96 49.71 -15.12
CA VAL B 31 -2.01 50.82 -15.01
C VAL B 31 -1.99 51.23 -13.54
N PHE B 32 -0.91 50.92 -12.84
CA PHE B 32 -0.84 51.14 -11.39
C PHE B 32 -0.07 52.41 -11.08
N THR B 33 -0.51 53.11 -10.04
CA THR B 33 0.12 54.34 -9.57
C THR B 33 0.35 54.20 -8.07
N THR B 34 1.61 54.29 -7.64
CA THR B 34 1.92 54.14 -6.23
C THR B 34 1.31 55.30 -5.43
N VAL B 35 0.55 54.96 -4.40
CA VAL B 35 0.05 55.97 -3.47
C VAL B 35 1.03 56.23 -2.34
N LYS B 36 1.51 55.16 -1.71
CA LYS B 36 2.59 55.25 -0.74
C LYS B 36 3.29 53.91 -0.67
N GLU B 37 4.61 53.94 -0.53
CA GLU B 37 5.39 52.71 -0.36
C GLU B 37 6.53 52.98 0.61
N ASN B 38 6.91 51.93 1.33
CA ASN B 38 7.95 52.00 2.34
C ASN B 38 9.20 51.25 1.87
N PRO B 39 10.37 51.60 2.39
CA PRO B 39 11.60 51.01 1.86
C PRO B 39 11.67 49.50 2.04
N ILE B 40 12.13 48.81 1.00
CA ILE B 40 12.32 47.37 1.01
C ILE B 40 13.70 47.06 0.43
N THR B 41 14.13 45.83 0.64
CA THR B 41 15.40 45.35 0.08
C THR B 41 15.12 44.70 -1.28
N SER B 42 16.15 44.08 -1.86
CA SER B 42 16.03 43.52 -3.20
C SER B 42 15.15 42.27 -3.19
N VAL B 43 14.55 41.99 -4.35
CA VAL B 43 13.74 40.80 -4.51
C VAL B 43 14.64 39.58 -4.53
N LYS B 44 14.32 38.59 -3.69
CA LYS B 44 15.07 37.36 -3.59
C LYS B 44 14.37 36.25 -4.37
N ASN B 45 15.01 35.08 -4.43
CA ASN B 45 14.48 33.94 -5.17
C ASN B 45 14.63 32.68 -4.31
N GLN B 46 13.50 32.15 -3.83
CA GLN B 46 13.53 30.92 -3.06
C GLN B 46 13.75 29.71 -3.94
N ASN B 47 13.45 29.82 -5.23
CA ASN B 47 13.68 28.79 -6.25
C ASN B 47 12.95 27.51 -5.83
N ARG B 48 13.59 26.35 -5.91
CA ARG B 48 12.90 25.06 -5.76
C ARG B 48 13.00 24.59 -4.31
N ALA B 49 12.31 25.34 -3.45
CA ALA B 49 12.21 25.00 -2.04
C ALA B 49 10.99 25.74 -1.47
N GLY B 50 10.29 25.09 -0.55
CA GLY B 50 9.14 25.70 0.06
C GLY B 50 9.51 26.58 1.25
N THR B 51 10.49 27.46 1.06
CA THR B 51 11.04 28.26 2.15
C THR B 51 10.58 29.72 2.09
N CYS B 52 9.46 29.99 1.42
CA CYS B 52 8.97 31.36 1.32
C CYS B 52 8.66 31.95 2.70
N TRP B 53 8.31 31.10 3.67
CA TRP B 53 8.03 31.60 5.01
C TRP B 53 9.24 32.32 5.59
N CYS B 54 10.45 31.85 5.27
CA CYS B 54 11.65 32.51 5.78
C CYS B 54 12.07 33.67 4.89
N TYR B 55 11.92 33.53 3.58
CA TYR B 55 12.29 34.61 2.67
C TYR B 55 11.39 35.82 2.86
N SER B 56 10.09 35.61 3.06
CA SER B 56 9.18 36.72 3.30
C SER B 56 9.39 37.30 4.69
N SER B 57 9.67 36.44 5.68
CA SER B 57 9.94 36.93 7.03
C SER B 57 11.16 37.83 7.03
N TYR B 58 12.18 37.49 6.25
CA TYR B 58 13.40 38.28 6.23
C TYR B 58 13.25 39.55 5.39
N SER B 59 12.46 39.50 4.32
CA SER B 59 12.07 40.74 3.65
C SER B 59 11.38 41.68 4.62
N PHE B 60 10.55 41.13 5.52
CA PHE B 60 9.88 41.95 6.52
C PHE B 60 10.86 42.48 7.55
N LEU B 61 11.70 41.61 8.12
CA LEU B 61 12.64 42.06 9.14
C LEU B 61 13.68 43.01 8.58
N GLU B 62 14.05 42.87 7.30
CA GLU B 62 14.99 43.81 6.70
C GLU B 62 14.37 45.18 6.51
N SER B 63 13.08 45.24 6.17
CA SER B 63 12.40 46.53 6.16
C SER B 63 12.28 47.12 7.55
N GLU B 64 12.16 46.26 8.57
CA GLU B 64 12.12 46.74 9.95
C GLU B 64 13.45 47.36 10.36
N LEU B 65 14.55 46.75 9.93
CA LEU B 65 15.86 47.31 10.26
C LEU B 65 16.09 48.63 9.54
N LEU B 66 15.61 48.73 8.30
CA LEU B 66 15.65 50.01 7.59
C LEU B 66 14.82 51.07 8.30
N ARG B 67 13.62 50.70 8.76
CA ARG B 67 12.75 51.64 9.44
C ARG B 67 13.35 52.09 10.77
N MET B 68 14.02 51.18 11.47
CA MET B 68 14.66 51.48 12.75
C MET B 68 16.05 52.09 12.59
N GLY B 69 16.45 52.46 11.38
CA GLY B 69 17.72 53.13 11.16
C GLY B 69 18.95 52.27 11.32
N LYS B 70 18.85 50.96 11.14
CA LYS B 70 19.99 50.07 11.29
C LYS B 70 20.73 49.81 9.99
N GLY B 71 20.22 50.28 8.86
CA GLY B 71 20.85 50.07 7.58
C GLY B 71 20.29 48.86 6.86
N GLU B 72 20.89 48.58 5.71
CA GLU B 72 20.44 47.49 4.84
C GLU B 72 21.13 46.19 5.24
N TYR B 73 20.34 45.13 5.38
CA TYR B 73 20.84 43.81 5.74
C TYR B 73 20.46 42.78 4.67
N ASP B 74 21.22 41.70 4.65
CA ASP B 74 20.94 40.52 3.82
C ASP B 74 21.09 39.31 4.73
N LEU B 75 20.01 38.94 5.42
CA LEU B 75 20.04 37.84 6.37
C LEU B 75 19.96 36.49 5.64
N SER B 76 20.61 35.49 6.21
CA SER B 76 20.68 34.16 5.60
C SER B 76 19.42 33.37 5.96
N GLU B 77 18.60 33.07 4.95
CA GLU B 77 17.45 32.20 5.18
C GLU B 77 17.90 30.77 5.46
N MET B 78 18.97 30.32 4.79
CA MET B 78 19.42 28.94 4.93
C MET B 78 19.84 28.62 6.36
N PHE B 79 20.34 29.60 7.09
CA PHE B 79 20.68 29.37 8.50
C PHE B 79 19.43 29.06 9.31
N THR B 80 18.39 29.89 9.16
CA THR B 80 17.15 29.67 9.89
C THR B 80 16.40 28.45 9.37
N VAL B 81 16.41 28.25 8.04
CA VAL B 81 15.77 27.07 7.47
C VAL B 81 16.39 25.80 8.03
N TYR B 82 17.73 25.77 8.14
CA TYR B 82 18.42 24.62 8.69
C TYR B 82 17.97 24.33 10.12
N ASN B 83 18.00 25.35 10.98
CA ASN B 83 17.65 25.14 12.38
C ASN B 83 16.17 24.86 12.57
N THR B 84 15.31 25.46 11.74
CA THR B 84 13.88 25.20 11.86
C THR B 84 13.57 23.74 11.54
N TYR B 85 14.21 23.19 10.51
CA TYR B 85 13.95 21.81 10.12
C TYR B 85 14.38 20.83 11.20
N LEU B 86 15.48 21.12 11.91
CA LEU B 86 15.90 20.25 13.00
C LEU B 86 14.89 20.25 14.14
N ASP B 87 14.31 21.42 14.45
CA ASP B 87 13.27 21.47 15.46
C ASP B 87 11.99 20.80 14.98
N ARG B 88 11.68 20.94 13.68
CA ARG B 88 10.48 20.30 13.15
C ARG B 88 10.63 18.78 13.12
N ALA B 89 11.85 18.30 12.85
CA ALA B 89 12.10 16.87 12.93
C ALA B 89 11.92 16.36 14.36
N ASP B 90 12.38 17.13 15.34
CA ASP B 90 12.17 16.77 16.74
C ASP B 90 10.69 16.75 17.09
N ALA B 91 9.94 17.73 16.57
CA ALA B 91 8.50 17.77 16.84
C ALA B 91 7.79 16.57 16.23
N ALA B 92 8.22 16.16 15.03
CA ALA B 92 7.62 14.98 14.41
C ALA B 92 7.91 13.72 15.21
N VAL B 93 9.13 13.59 15.75
CA VAL B 93 9.48 12.38 16.48
C VAL B 93 8.78 12.35 17.84
N ARG B 94 8.72 13.49 18.53
CA ARG B 94 8.08 13.51 19.85
C ARG B 94 6.60 13.18 19.76
N THR B 95 5.93 13.63 18.70
CA THR B 95 4.51 13.33 18.50
C THR B 95 4.27 12.10 17.65
N HIS B 96 5.30 11.27 17.42
CA HIS B 96 5.15 10.02 16.68
C HIS B 96 4.50 10.22 15.32
N GLY B 97 4.90 11.29 14.63
CA GLY B 97 4.46 11.53 13.27
C GLY B 97 3.25 12.43 13.11
N ASP B 98 2.63 12.87 14.20
CA ASP B 98 1.49 13.77 14.08
C ASP B 98 1.90 15.10 13.46
N VAL B 99 2.93 15.72 14.01
CA VAL B 99 3.51 16.91 13.39
C VAL B 99 4.16 16.46 12.08
N SER B 100 3.62 16.93 10.95
CA SER B 100 4.16 16.57 9.66
C SER B 100 5.53 17.22 9.46
N PHE B 101 6.42 16.50 8.78
CA PHE B 101 7.76 17.00 8.49
C PHE B 101 7.82 17.39 7.02
N SER B 102 7.78 18.69 6.75
CA SER B 102 7.82 19.21 5.39
C SER B 102 8.62 20.51 5.38
N GLN B 103 8.68 21.14 4.20
CA GLN B 103 9.53 22.29 4.00
C GLN B 103 8.92 23.59 4.50
N GLY B 104 7.61 23.63 4.71
CA GLY B 104 6.93 24.86 5.04
C GLY B 104 7.27 25.37 6.43
N GLY B 105 6.67 26.51 6.74
CA GLY B 105 6.90 27.14 8.03
C GLY B 105 6.01 28.35 8.19
N SER B 106 6.32 29.15 9.21
CA SER B 106 5.51 30.30 9.56
C SER B 106 6.41 31.49 9.91
N PHE B 107 5.79 32.67 9.99
CA PHE B 107 6.52 33.85 10.43
C PHE B 107 7.04 33.67 11.85
N TYR B 108 6.31 32.93 12.69
CA TYR B 108 6.78 32.71 14.05
C TYR B 108 8.03 31.84 14.07
N ASP B 109 8.21 30.97 13.08
CA ASP B 109 9.44 30.18 13.00
C ASP B 109 10.66 31.09 12.91
N ALA B 110 10.55 32.19 12.17
CA ALA B 110 11.66 33.12 12.04
C ALA B 110 11.82 33.99 13.30
N LEU B 111 10.69 34.44 13.88
CA LEU B 111 10.75 35.21 15.11
C LEU B 111 11.31 34.38 16.26
N TYR B 112 10.85 33.13 16.39
CA TYR B 112 11.45 32.23 17.37
C TYR B 112 12.90 31.92 17.02
N GLY B 113 13.21 31.82 15.73
CA GLY B 113 14.55 31.42 15.33
C GLY B 113 15.61 32.45 15.68
N MET B 114 15.33 33.73 15.44
CA MET B 114 16.32 34.76 15.70
C MET B 114 16.63 34.89 17.18
N GLU B 115 15.64 34.65 18.04
CA GLU B 115 15.88 34.69 19.48
C GLU B 115 16.61 33.45 19.97
N THR B 116 16.36 32.30 19.35
CA THR B 116 16.90 31.03 19.82
C THR B 116 18.22 30.68 19.14
N PHE B 117 18.27 30.77 17.81
CA PHE B 117 19.48 30.41 17.05
C PHE B 117 20.32 31.62 16.68
N GLY B 118 19.70 32.79 16.51
CA GLY B 118 20.41 33.97 16.08
C GLY B 118 20.25 34.22 14.59
N LEU B 119 21.13 35.07 14.07
CA LEU B 119 21.13 35.44 12.67
C LEU B 119 22.56 35.42 12.14
N VAL B 120 22.71 35.10 10.87
CA VAL B 120 23.99 35.21 10.19
C VAL B 120 23.76 35.91 8.85
N PRO B 121 24.76 36.60 8.31
CA PRO B 121 24.57 37.23 6.99
C PRO B 121 24.49 36.19 5.89
N GLU B 122 23.94 36.63 4.74
CA GLU B 122 23.70 35.73 3.63
C GLU B 122 24.97 35.02 3.18
N GLU B 123 26.11 35.71 3.26
CA GLU B 123 27.37 35.17 2.76
C GLU B 123 27.85 33.96 3.54
N GLU B 124 27.42 33.79 4.79
CA GLU B 124 27.91 32.71 5.63
C GLU B 124 27.23 31.36 5.36
N MET B 125 26.04 31.38 4.75
CA MET B 125 25.38 30.12 4.37
C MET B 125 24.47 30.43 3.18
N ARG B 126 25.04 30.27 1.96
CA ARG B 126 24.33 30.61 0.74
C ARG B 126 23.51 29.43 0.23
N PRO B 127 22.43 29.69 -0.49
CA PRO B 127 21.68 28.59 -1.09
C PRO B 127 22.46 27.93 -2.22
N GLY B 128 22.41 26.59 -2.25
CA GLY B 128 22.98 25.83 -3.34
C GLY B 128 24.50 25.67 -3.32
N MET B 129 25.20 26.26 -2.34
CA MET B 129 26.65 26.20 -2.35
C MET B 129 27.19 24.77 -2.25
N MET B 130 26.40 23.84 -1.69
CA MET B 130 26.88 22.48 -1.49
C MET B 130 26.72 21.59 -2.71
N TYR B 131 25.84 21.95 -3.65
CA TYR B 131 25.67 21.21 -4.89
C TYR B 131 25.94 22.10 -6.09
N ALA B 132 26.90 23.01 -5.94
CA ALA B 132 27.44 23.81 -7.05
C ALA B 132 26.37 24.65 -7.74
N ASP B 133 25.49 25.26 -6.95
CA ASP B 133 24.45 26.14 -7.46
C ASP B 133 24.45 27.44 -6.68
N THR B 134 23.60 28.37 -7.12
CA THR B 134 23.40 29.63 -6.43
C THR B 134 21.96 29.81 -5.95
N LEU B 135 21.08 28.85 -6.27
CA LEU B 135 19.70 28.87 -5.81
C LEU B 135 19.38 27.51 -5.17
N SER B 136 18.36 27.52 -4.32
CA SER B 136 18.02 26.33 -3.56
C SER B 136 17.35 25.28 -4.46
N ASN B 137 17.69 24.02 -4.21
CA ASN B 137 16.96 22.87 -4.78
C ASN B 137 16.98 21.80 -3.69
N HIS B 138 15.92 21.79 -2.88
CA HIS B 138 15.86 20.94 -1.69
C HIS B 138 15.05 19.67 -1.92
N THR B 139 14.86 19.28 -3.18
CA THR B 139 14.05 18.10 -3.45
C THR B 139 14.74 16.84 -2.95
N GLU B 140 16.04 16.71 -3.21
CA GLU B 140 16.76 15.52 -2.74
C GLU B 140 16.93 15.56 -1.22
N LEU B 141 17.24 16.74 -0.66
CA LEU B 141 17.34 16.86 0.79
C LEU B 141 16.04 16.43 1.47
N SER B 142 14.90 16.85 0.92
CA SER B 142 13.63 16.43 1.50
C SER B 142 13.42 14.93 1.33
N ALA B 143 13.77 14.39 0.16
CA ALA B 143 13.61 12.96 -0.08
C ALA B 143 14.36 12.14 0.97
N LEU B 144 15.57 12.57 1.33
CA LEU B 144 16.33 11.84 2.35
C LEU B 144 15.78 12.07 3.74
N THR B 145 15.60 13.34 4.13
CA THR B 145 15.22 13.62 5.52
C THR B 145 13.79 13.20 5.83
N ASP B 146 12.88 13.30 4.87
CA ASP B 146 11.53 12.79 5.09
C ASP B 146 11.56 11.30 5.40
N ALA B 147 12.39 10.54 4.68
CA ALA B 147 12.49 9.10 4.91
C ALA B 147 13.13 8.80 6.26
N MET B 148 14.10 9.61 6.68
CA MET B 148 14.76 9.37 7.96
C MET B 148 13.82 9.66 9.12
N VAL B 149 13.15 10.81 9.08
CA VAL B 149 12.25 11.19 10.17
C VAL B 149 11.10 10.19 10.28
N ALA B 150 10.58 9.73 9.14
CA ALA B 150 9.48 8.77 9.18
C ALA B 150 9.93 7.42 9.73
N ALA B 151 11.17 7.02 9.45
CA ALA B 151 11.67 5.75 9.98
C ALA B 151 11.74 5.78 11.50
N ILE B 152 11.93 6.95 12.09
CA ILE B 152 11.96 7.09 13.54
C ILE B 152 10.56 7.35 14.10
N ALA B 153 9.86 8.34 13.54
CA ALA B 153 8.61 8.79 14.16
C ALA B 153 7.48 7.81 13.94
N LYS B 154 7.41 7.19 12.76
CA LYS B 154 6.31 6.28 12.43
C LYS B 154 6.77 4.85 12.27
N GLY B 155 7.98 4.51 12.72
CA GLY B 155 8.50 3.17 12.62
C GLY B 155 8.14 2.33 13.83
N LYS B 156 8.83 1.20 13.96
CA LYS B 156 8.57 0.26 15.04
C LYS B 156 9.63 0.28 16.12
N LEU B 157 10.57 1.24 16.08
CA LEU B 157 11.62 1.30 17.09
C LEU B 157 11.02 1.67 18.45
N ARG B 158 11.33 0.87 19.47
CA ARG B 158 10.81 1.07 20.81
C ARG B 158 11.75 1.83 21.73
N LYS B 159 13.04 1.88 21.41
CA LYS B 159 14.02 2.59 22.23
C LYS B 159 15.05 3.19 21.30
N LEU B 160 15.07 4.52 21.21
CA LEU B 160 16.01 5.22 20.34
C LEU B 160 17.38 5.28 20.99
N GLN B 161 18.42 5.18 20.17
CA GLN B 161 19.78 5.06 20.69
C GLN B 161 20.36 6.42 21.05
N SER B 162 21.24 6.41 22.04
CA SER B 162 21.88 7.63 22.54
C SER B 162 23.30 7.31 22.98
N ASP B 163 24.13 8.34 23.02
CA ASP B 163 25.53 8.18 23.37
C ASP B 163 25.71 8.27 24.89
N GLU B 164 26.96 8.35 25.34
CA GLU B 164 27.24 8.42 26.77
C GLU B 164 26.82 9.73 27.40
N ASN B 165 26.42 10.73 26.60
CA ASN B 165 25.94 12.00 27.10
C ASN B 165 24.44 12.18 26.88
N ASN B 166 23.71 11.09 26.65
CA ASN B 166 22.26 11.10 26.45
C ASN B 166 21.86 11.94 25.24
N ALA B 167 22.74 12.08 24.26
CA ALA B 167 22.42 12.75 23.02
C ALA B 167 21.90 11.73 22.01
N MET B 168 20.78 12.06 21.37
CA MET B 168 20.15 11.12 20.45
C MET B 168 20.99 10.97 19.18
N LEU B 169 21.20 9.72 18.76
CA LEU B 169 21.98 9.49 17.55
C LEU B 169 21.21 9.89 16.30
N TRP B 170 19.88 9.71 16.30
CA TRP B 170 19.11 10.08 15.12
C TRP B 170 19.15 11.59 14.88
N LYS B 171 19.20 12.38 15.96
CA LYS B 171 19.33 13.82 15.77
C LYS B 171 20.68 14.19 15.16
N LYS B 172 21.73 13.46 15.52
CA LYS B 172 23.02 13.66 14.86
C LYS B 172 22.92 13.34 13.37
N ALA B 173 22.21 12.26 13.03
CA ALA B 173 22.09 11.84 11.64
C ALA B 173 21.33 12.87 10.82
N VAL B 174 20.19 13.33 11.35
CA VAL B 174 19.38 14.30 10.61
C VAL B 174 20.11 15.62 10.47
N ALA B 175 20.88 16.01 11.50
CA ALA B 175 21.65 17.25 11.42
C ALA B 175 22.78 17.12 10.40
N ALA B 176 23.46 15.97 10.39
CA ALA B 176 24.57 15.78 9.47
C ALA B 176 24.10 15.83 8.02
N VAL B 177 22.95 15.23 7.73
CA VAL B 177 22.45 15.22 6.36
C VAL B 177 22.05 16.63 5.93
N HIS B 178 21.44 17.40 6.83
CA HIS B 178 21.07 18.77 6.50
C HIS B 178 22.31 19.61 6.20
N GLN B 179 23.39 19.37 6.93
CA GLN B 179 24.61 20.14 6.71
C GLN B 179 25.24 19.81 5.37
N ILE B 180 25.08 18.56 4.91
CA ILE B 180 25.65 18.16 3.63
C ILE B 180 24.94 18.88 2.48
N TYR B 181 23.65 19.16 2.64
CA TYR B 181 22.87 19.80 1.59
C TYR B 181 22.70 21.30 1.78
N LEU B 182 22.74 21.80 3.02
CA LEU B 182 22.57 23.23 3.28
C LEU B 182 23.85 23.94 3.70
N GLY B 183 24.84 23.22 4.19
CA GLY B 183 26.08 23.82 4.66
C GLY B 183 26.22 23.73 6.16
N VAL B 184 27.44 24.00 6.61
CA VAL B 184 27.75 23.98 8.04
C VAL B 184 27.43 25.35 8.62
N PRO B 185 26.66 25.43 9.70
CA PRO B 185 26.37 26.72 10.33
C PRO B 185 27.62 27.29 11.00
N PRO B 186 27.91 28.57 10.78
CA PRO B 186 29.12 29.15 11.38
C PRO B 186 28.96 29.37 12.87
N GLU B 187 30.01 29.00 13.62
CA GLU B 187 30.07 29.35 15.03
C GLU B 187 30.61 30.76 15.23
N LYS B 188 31.56 31.16 14.37
CA LYS B 188 32.13 32.50 14.39
C LYS B 188 32.23 32.99 12.96
N PHE B 189 32.08 34.30 12.78
CA PHE B 189 32.22 34.89 11.46
C PHE B 189 32.53 36.37 11.61
N THR B 190 33.08 36.94 10.54
CA THR B 190 33.43 38.35 10.48
C THR B 190 32.51 39.06 9.48
N TYR B 191 31.90 40.15 9.93
CA TYR B 191 30.98 40.93 9.10
C TYR B 191 31.30 42.40 9.31
N LYS B 192 31.78 43.05 8.25
CA LYS B 192 32.11 44.48 8.27
C LYS B 192 33.11 44.81 9.37
N GLY B 193 34.14 43.99 9.50
CA GLY B 193 35.25 44.25 10.39
C GLY B 193 35.14 43.68 11.79
N LYS B 194 33.95 43.25 12.21
CA LYS B 194 33.75 42.75 13.57
C LYS B 194 33.47 41.25 13.55
N GLU B 195 33.96 40.57 14.57
CA GLU B 195 33.72 39.14 14.74
C GLU B 195 32.43 38.95 15.50
N TYR B 196 31.58 38.03 15.03
CA TYR B 196 30.28 37.79 15.62
C TYR B 196 30.07 36.30 15.82
N THR B 197 29.15 35.98 16.71
CA THR B 197 28.46 34.70 16.74
C THR B 197 27.04 34.91 16.24
N PRO B 198 26.34 33.84 15.84
CA PRO B 198 24.93 34.00 15.46
C PRO B 198 24.09 34.71 16.53
N LYS B 199 24.36 34.44 17.81
CA LYS B 199 23.62 35.09 18.88
C LYS B 199 24.00 36.56 18.99
N SER B 200 25.31 36.85 19.00
CA SER B 200 25.76 38.23 19.17
C SER B 200 25.42 39.07 17.95
N PHE B 201 25.38 38.46 16.75
CA PHE B 201 24.99 39.20 15.57
C PHE B 201 23.51 39.58 15.62
N PHE B 202 22.67 38.69 16.16
CA PHE B 202 21.27 39.03 16.36
C PHE B 202 21.12 40.16 17.37
N GLU B 203 21.93 40.14 18.43
CA GLU B 203 21.85 41.19 19.44
C GLU B 203 22.26 42.55 18.89
N SER B 204 23.19 42.58 17.93
CA SER B 204 23.62 43.84 17.35
C SER B 204 22.54 44.49 16.49
N THR B 205 21.55 43.72 16.02
CA THR B 205 20.50 44.29 15.20
C THR B 205 19.45 45.03 16.03
N GLY B 206 19.32 44.69 17.31
CA GLY B 206 18.32 45.31 18.15
C GLY B 206 16.91 44.79 17.96
N LEU B 207 16.72 43.75 17.15
CA LEU B 207 15.38 43.21 16.96
C LEU B 207 14.92 42.47 18.22
N LYS B 208 13.64 42.58 18.52
CA LYS B 208 13.02 41.88 19.63
C LYS B 208 11.75 41.20 19.12
N ALA B 209 11.64 39.90 19.38
CA ALA B 209 10.46 39.16 18.93
C ALA B 209 9.19 39.67 19.60
N SER B 210 9.30 40.20 20.83
CA SER B 210 8.16 40.73 21.55
C SER B 210 7.58 41.99 20.91
N ASP B 211 8.30 42.63 19.99
CA ASP B 211 7.77 43.81 19.31
C ASP B 211 6.77 43.47 18.22
N TYR B 212 6.60 42.19 17.89
CA TYR B 212 5.81 41.79 16.75
C TYR B 212 4.65 40.91 17.21
N VAL B 213 3.50 41.12 16.59
CA VAL B 213 2.29 40.39 16.92
C VAL B 213 1.72 39.77 15.66
N SER B 214 1.11 38.60 15.82
CA SER B 214 0.41 37.94 14.73
C SER B 214 -1.08 38.24 14.82
N LEU B 215 -1.68 38.55 13.68
CA LEU B 215 -3.09 38.94 13.63
C LEU B 215 -3.82 38.08 12.60
N THR B 216 -5.08 37.77 12.92
CA THR B 216 -5.95 37.03 12.01
C THR B 216 -7.39 37.48 12.23
N SER B 217 -8.32 36.88 11.50
CA SER B 217 -9.72 37.30 11.59
C SER B 217 -10.61 36.09 11.29
N TYR B 218 -11.07 35.42 12.34
CA TYR B 218 -11.95 34.28 12.19
C TYR B 218 -12.95 34.26 13.34
N THR B 219 -14.02 33.49 13.15
CA THR B 219 -15.13 33.46 14.12
C THR B 219 -15.21 32.17 14.93
N HIS B 220 -14.41 31.15 14.62
CA HIS B 220 -14.43 29.94 15.44
C HIS B 220 -13.67 30.12 16.75
N HIS B 221 -13.24 31.34 17.05
CA HIS B 221 -12.69 31.75 18.33
C HIS B 221 -13.22 33.14 18.64
N PRO B 222 -13.35 33.50 19.91
CA PRO B 222 -13.84 34.84 20.25
C PRO B 222 -12.88 35.91 19.78
N PHE B 223 -13.45 37.05 19.37
CA PHE B 223 -12.65 38.19 18.94
C PHE B 223 -11.85 38.75 20.12
N TYR B 224 -10.74 39.41 19.79
CA TYR B 224 -9.88 40.08 20.77
C TYR B 224 -9.26 39.08 21.76
N THR B 225 -9.10 37.84 21.32
CA THR B 225 -8.42 36.81 22.07
C THR B 225 -7.28 36.24 21.23
N GLN B 226 -6.48 35.38 21.85
CA GLN B 226 -5.37 34.73 21.18
C GLN B 226 -5.66 33.25 20.99
N PHE B 227 -5.34 32.73 19.82
CA PHE B 227 -5.43 31.30 19.56
C PHE B 227 -4.38 30.92 18.53
N PRO B 228 -3.85 29.70 18.59
CA PRO B 228 -2.91 29.26 17.56
C PRO B 228 -3.66 28.73 16.35
N LEU B 229 -3.33 29.26 15.17
CA LEU B 229 -4.00 28.85 13.94
C LEU B 229 -3.80 27.36 13.69
N GLU B 230 -4.89 26.69 13.31
CA GLU B 230 -4.90 25.24 13.13
C GLU B 230 -4.44 24.91 11.70
N ILE B 231 -3.16 25.20 11.44
CA ILE B 231 -2.54 24.95 10.15
C ILE B 231 -1.28 24.14 10.37
N GLN B 232 -0.90 23.37 9.35
CA GLN B 232 0.16 22.37 9.51
C GLN B 232 1.50 23.03 9.83
N ASP B 233 1.82 24.13 9.18
CA ASP B 233 3.12 24.76 9.39
C ASP B 233 3.20 25.56 10.68
N ASN B 234 2.12 25.63 11.45
CA ASN B 234 2.14 26.24 12.78
C ASN B 234 2.34 25.18 13.86
N TRP B 235 3.28 24.27 13.62
CA TRP B 235 3.54 23.19 14.56
C TRP B 235 4.14 23.68 15.86
N ARG B 236 4.72 24.88 15.87
CA ARG B 236 5.16 25.51 17.12
C ARG B 236 3.99 26.07 17.92
N HIS B 237 2.80 26.16 17.32
CA HIS B 237 1.60 26.66 17.99
C HIS B 237 1.76 28.11 18.43
N GLY B 238 2.22 28.94 17.51
CA GLY B 238 2.32 30.37 17.78
C GLY B 238 0.95 31.03 17.83
N MET B 239 0.81 31.98 18.74
CA MET B 239 -0.48 32.63 18.96
C MET B 239 -0.74 33.73 17.94
N SER B 240 -2.02 34.00 17.70
CA SER B 240 -2.46 35.10 16.87
C SER B 240 -3.61 35.82 17.54
N TYR B 241 -3.61 37.15 17.46
CA TYR B 241 -4.73 37.95 17.95
C TYR B 241 -5.85 37.95 16.93
N ASN B 242 -7.08 37.77 17.43
CA ASN B 242 -8.26 37.67 16.58
C ASN B 242 -8.99 39.02 16.54
N LEU B 243 -9.18 39.55 15.33
CA LEU B 243 -9.86 40.83 15.13
C LEU B 243 -11.05 40.67 14.19
N PRO B 244 -12.08 41.48 14.35
CA PRO B 244 -13.14 41.54 13.33
C PRO B 244 -12.56 41.98 11.99
N LEU B 245 -13.22 41.54 10.92
CA LEU B 245 -12.64 41.69 9.58
C LEU B 245 -12.39 43.16 9.22
N ASP B 246 -13.31 44.04 9.61
CA ASP B 246 -13.14 45.46 9.29
C ASP B 246 -11.98 46.07 10.06
N GLU B 247 -11.88 45.78 11.36
CA GLU B 247 -10.74 46.25 12.13
C GLU B 247 -9.45 45.58 11.68
N PHE B 248 -9.53 44.33 11.20
CA PHE B 248 -8.37 43.64 10.66
C PHE B 248 -7.80 44.39 9.47
N MET B 249 -8.68 44.83 8.56
CA MET B 249 -8.23 45.55 7.36
C MET B 249 -7.73 46.95 7.69
N GLU B 250 -8.19 47.56 8.79
CA GLU B 250 -7.68 48.87 9.16
C GLU B 250 -6.20 48.81 9.55
N VAL B 251 -5.76 47.67 10.09
CA VAL B 251 -4.36 47.52 10.45
C VAL B 251 -3.48 47.58 9.21
N PHE B 252 -3.97 47.03 8.10
CA PHE B 252 -3.22 47.07 6.85
C PHE B 252 -2.92 48.51 6.43
N ASP B 253 -3.97 49.33 6.30
CA ASP B 253 -3.77 50.70 5.84
C ASP B 253 -3.00 51.54 6.84
N ASN B 254 -3.28 51.38 8.13
CA ASN B 254 -2.57 52.17 9.13
C ASN B 254 -1.09 51.81 9.16
N ALA B 255 -0.76 50.53 8.96
CA ALA B 255 0.64 50.13 8.97
C ALA B 255 1.39 50.76 7.81
N ILE B 256 0.83 50.70 6.61
CA ILE B 256 1.50 51.28 5.45
C ILE B 256 1.60 52.79 5.58
N ASN B 257 0.51 53.44 6.01
CA ASN B 257 0.47 54.89 6.08
C ASN B 257 1.38 55.47 7.16
N THR B 258 1.73 54.70 8.19
CA THR B 258 2.63 55.16 9.23
C THR B 258 4.06 54.66 9.02
N GLY B 259 4.36 54.10 7.85
CA GLY B 259 5.73 53.75 7.49
C GLY B 259 6.15 52.33 7.76
N TYR B 260 5.23 51.43 8.10
CA TYR B 260 5.53 50.05 8.42
C TYR B 260 5.20 49.14 7.23
N THR B 261 5.81 47.96 7.22
CA THR B 261 5.46 46.91 6.27
C THR B 261 4.81 45.75 7.01
N ILE B 262 4.24 44.83 6.24
CA ILE B 262 3.42 43.76 6.77
C ILE B 262 3.94 42.42 6.24
N ALA B 263 4.16 41.47 7.14
CA ALA B 263 4.43 40.09 6.73
C ALA B 263 3.09 39.43 6.44
N TRP B 264 2.85 39.07 5.18
CA TRP B 264 1.53 38.69 4.69
C TRP B 264 1.51 37.20 4.36
N GLY B 265 0.81 36.43 5.19
CA GLY B 265 0.55 35.03 4.91
C GLY B 265 -0.84 34.87 4.34
N SER B 266 -0.92 34.30 3.14
CA SER B 266 -2.18 34.31 2.41
C SER B 266 -2.32 33.04 1.58
N ASP B 267 -3.56 32.78 1.18
CA ASP B 267 -3.85 31.76 0.19
C ASP B 267 -3.60 32.34 -1.20
N VAL B 268 -2.85 31.61 -2.02
CA VAL B 268 -2.58 32.03 -3.39
C VAL B 268 -3.04 31.00 -4.41
N SER B 269 -3.71 29.94 -3.99
CA SER B 269 -4.25 28.95 -4.90
C SER B 269 -5.66 29.37 -5.33
N GLU B 270 -5.71 30.51 -6.01
CA GLU B 270 -6.95 31.06 -6.53
C GLU B 270 -6.76 31.40 -7.99
N SER B 271 -7.89 31.43 -8.72
CA SER B 271 -7.83 31.83 -10.12
C SER B 271 -7.43 33.30 -10.27
N GLY B 272 -7.72 34.13 -9.26
CA GLY B 272 -7.36 35.53 -9.32
C GLY B 272 -5.88 35.80 -9.12
N PHE B 273 -5.17 34.90 -8.44
CA PHE B 273 -3.73 35.05 -8.25
C PHE B 273 -3.03 34.53 -9.50
N THR B 274 -2.45 35.45 -10.28
CA THR B 274 -1.86 35.11 -11.57
C THR B 274 -0.33 35.18 -11.49
N ARG B 275 0.32 34.56 -12.47
CA ARG B 275 1.76 34.63 -12.60
C ARG B 275 2.25 35.95 -13.17
N ASP B 276 1.33 36.84 -13.54
CA ASP B 276 1.66 38.12 -14.17
C ASP B 276 1.58 39.29 -13.21
N GLY B 277 1.75 39.05 -11.91
CA GLY B 277 1.93 40.11 -10.94
C GLY B 277 0.67 40.75 -10.38
N VAL B 278 -0.50 40.16 -10.59
CA VAL B 278 -1.73 40.70 -10.00
C VAL B 278 -2.43 39.61 -9.22
N ALA B 279 -3.16 40.03 -8.18
CA ALA B 279 -4.01 39.13 -7.40
C ALA B 279 -5.34 39.83 -7.18
N VAL B 280 -6.38 39.38 -7.87
CA VAL B 280 -7.68 40.02 -7.84
C VAL B 280 -8.73 39.03 -7.39
N MET B 281 -9.86 39.55 -6.91
CA MET B 281 -11.00 38.75 -6.50
C MET B 281 -12.22 39.22 -7.26
N PRO B 282 -12.32 38.89 -8.54
CA PRO B 282 -13.42 39.40 -9.36
C PRO B 282 -14.73 38.71 -9.03
N ASP B 283 -15.81 39.48 -9.13
CA ASP B 283 -17.16 38.95 -8.96
C ASP B 283 -17.59 38.27 -10.25
N ASP B 284 -17.64 36.94 -10.24
CA ASP B 284 -17.91 36.18 -11.46
C ASP B 284 -19.28 36.51 -12.03
N GLU B 285 -20.27 36.77 -11.17
CA GLU B 285 -21.61 37.08 -11.65
C GLU B 285 -21.67 38.45 -12.31
N LYS B 286 -21.04 39.45 -11.69
CA LYS B 286 -21.11 40.82 -12.21
C LYS B 286 -20.35 40.97 -13.52
N VAL B 287 -19.22 40.25 -13.67
CA VAL B 287 -18.45 40.35 -14.90
C VAL B 287 -19.24 39.75 -16.07
N GLN B 288 -20.01 38.70 -15.80
CA GLN B 288 -20.86 38.09 -16.83
C GLN B 288 -21.96 39.04 -17.28
N GLY B 292 -21.29 40.49 -22.18
CA GLY B 292 -22.14 40.31 -23.33
C GLY B 292 -22.51 38.86 -23.59
N SER B 293 -21.96 37.97 -22.75
CA SER B 293 -22.20 36.54 -22.86
C SER B 293 -23.27 36.11 -21.86
N ASP B 294 -24.20 35.27 -22.32
CA ASP B 294 -25.23 34.75 -21.45
C ASP B 294 -24.64 33.75 -20.47
N MET B 295 -25.46 33.35 -19.49
CA MET B 295 -24.98 32.44 -18.44
C MET B 295 -24.65 31.06 -19.01
N ALA B 296 -25.46 30.57 -19.96
CA ALA B 296 -25.19 29.27 -20.55
C ALA B 296 -23.98 29.32 -21.49
N HIS B 297 -23.72 30.49 -22.10
CA HIS B 297 -22.52 30.64 -22.92
C HIS B 297 -21.29 30.99 -22.10
N TRP B 298 -21.49 31.67 -20.96
CA TRP B 298 -20.37 32.00 -20.08
C TRP B 298 -19.84 30.76 -19.36
N LEU B 299 -20.73 29.84 -19.00
CA LEU B 299 -20.31 28.64 -18.29
C LEU B 299 -19.68 27.59 -19.20
N LYS B 300 -19.47 27.91 -20.47
CA LYS B 300 -18.70 27.06 -21.37
C LYS B 300 -17.76 27.89 -22.24
N LEU B 301 -17.22 28.98 -21.70
CA LEU B 301 -16.32 29.84 -22.44
C LEU B 301 -14.90 29.73 -21.90
N GLU B 304 -10.03 32.02 -19.87
CA GLU B 304 -9.01 32.80 -20.56
C GLU B 304 -9.62 33.83 -21.52
N GLU B 305 -10.80 33.49 -22.05
CA GLU B 305 -11.50 34.38 -22.96
C GLU B 305 -12.34 35.42 -22.24
N LYS B 306 -12.64 35.23 -20.96
CA LYS B 306 -13.46 36.17 -20.21
C LYS B 306 -12.68 37.35 -19.62
N LYS B 307 -11.40 37.52 -19.99
CA LYS B 307 -10.55 38.60 -19.49
C LYS B 307 -10.80 38.87 -18.01
N LEU B 308 -10.84 37.79 -17.23
CA LEU B 308 -11.20 37.89 -15.81
C LEU B 308 -10.07 38.46 -14.95
N ASN B 309 -8.82 38.17 -15.29
CA ASN B 309 -7.68 38.56 -14.47
C ASN B 309 -6.75 39.54 -15.20
N THR B 310 -7.23 40.18 -16.27
CA THR B 310 -6.39 41.04 -17.08
C THR B 310 -6.80 42.52 -17.08
N LYS B 311 -8.00 42.85 -16.62
CA LYS B 311 -8.49 44.21 -16.62
C LYS B 311 -9.21 44.48 -15.31
N PRO B 312 -9.32 45.75 -14.91
CA PRO B 312 -10.07 46.07 -13.67
C PRO B 312 -11.51 45.58 -13.77
N GLN B 313 -11.93 44.84 -12.76
CA GLN B 313 -13.25 44.22 -12.70
C GLN B 313 -13.89 44.50 -11.36
N PRO B 314 -15.22 44.38 -11.26
CA PRO B 314 -15.88 44.50 -9.95
C PRO B 314 -15.44 43.38 -9.03
N GLN B 315 -15.09 43.75 -7.79
CA GLN B 315 -14.53 42.82 -6.83
C GLN B 315 -15.61 42.23 -5.92
N LYS B 316 -15.34 41.04 -5.41
CA LYS B 316 -16.20 40.40 -4.42
C LYS B 316 -15.70 40.77 -3.03
N TRP B 317 -16.46 41.62 -2.34
CA TRP B 317 -16.12 42.04 -0.99
C TRP B 317 -16.80 41.09 0.00
N CYS B 318 -16.00 40.21 0.59
CA CYS B 318 -16.53 39.12 1.39
C CYS B 318 -17.03 39.61 2.75
N THR B 319 -18.01 38.91 3.29
CA THR B 319 -18.43 39.11 4.66
C THR B 319 -17.56 38.27 5.60
N GLN B 320 -17.75 38.47 6.90
CA GLN B 320 -17.02 37.67 7.88
C GLN B 320 -17.39 36.20 7.77
N ALA B 321 -18.67 35.92 7.48
CA ALA B 321 -19.11 34.53 7.38
C ALA B 321 -18.60 33.89 6.08
N GLU B 322 -18.61 34.65 4.98
CA GLU B 322 -18.06 34.14 3.72
C GLU B 322 -16.57 33.89 3.84
N ARG B 323 -15.87 34.75 4.58
CA ARG B 323 -14.45 34.50 4.85
C ARG B 323 -14.27 33.25 5.70
N GLN B 324 -15.15 33.05 6.68
CA GLN B 324 -15.03 31.89 7.55
C GLN B 324 -15.30 30.58 6.81
N LEU B 325 -16.29 30.59 5.91
CA LEU B 325 -16.62 29.37 5.17
C LEU B 325 -15.44 28.89 4.34
N ALA B 326 -14.75 29.81 3.65
CA ALA B 326 -13.62 29.42 2.81
C ALA B 326 -12.50 28.80 3.64
N TYR B 327 -12.30 29.27 4.87
CA TYR B 327 -11.30 28.64 5.74
C TYR B 327 -11.78 27.28 6.25
N ASP B 328 -13.09 27.12 6.43
CA ASP B 328 -13.61 25.85 6.94
C ASP B 328 -13.66 24.78 5.85
N ASN B 329 -13.92 25.16 4.60
CA ASN B 329 -14.16 24.19 3.54
C ASN B 329 -12.97 23.98 2.61
N TYR B 330 -11.77 24.37 3.05
CA TYR B 330 -10.48 24.17 2.35
C TYR B 330 -10.25 25.12 1.18
N GLU B 331 -11.12 26.10 0.96
CA GLU B 331 -10.86 27.05 -0.13
C GLU B 331 -9.85 28.12 0.25
N THR B 332 -9.59 28.33 1.54
CA THR B 332 -8.55 29.23 2.02
C THR B 332 -7.59 28.41 2.86
N THR B 333 -6.39 28.18 2.33
CA THR B 333 -5.36 27.38 2.99
C THR B 333 -4.08 28.19 3.14
N ASP B 334 -3.24 27.75 4.06
CA ASP B 334 -1.95 28.39 4.36
C ASP B 334 -0.97 28.06 3.25
N ASP B 335 -0.97 28.86 2.18
CA ASP B 335 -0.20 28.57 0.97
C ASP B 335 1.15 29.26 0.92
N HIS B 336 1.17 30.59 1.07
CA HIS B 336 2.33 31.38 0.67
C HIS B 336 2.54 32.55 1.63
N GLY B 337 3.80 32.92 1.80
CA GLY B 337 4.18 34.07 2.60
C GLY B 337 4.84 35.15 1.77
N MET B 338 4.39 36.40 1.92
CA MET B 338 4.90 37.52 1.14
C MET B 338 5.01 38.73 2.07
N GLN B 339 5.36 39.88 1.50
CA GLN B 339 5.47 41.13 2.24
C GLN B 339 4.68 42.23 1.55
N ILE B 340 3.79 42.87 2.30
CA ILE B 340 3.08 44.06 1.83
C ILE B 340 3.85 45.29 2.30
N TYR B 341 4.18 46.18 1.37
CA TYR B 341 4.97 47.35 1.69
C TYR B 341 4.42 48.65 1.13
N GLY B 342 3.30 48.61 0.39
CA GLY B 342 2.77 49.84 -0.16
C GLY B 342 1.33 49.72 -0.60
N ILE B 343 0.76 50.86 -0.98
CA ILE B 343 -0.61 50.95 -1.48
C ILE B 343 -0.57 51.61 -2.85
N ALA B 344 -1.35 51.08 -3.78
CA ALA B 344 -1.41 51.62 -5.14
C ALA B 344 -2.86 51.67 -5.61
N LYS B 345 -3.07 52.38 -6.71
CA LYS B 345 -4.37 52.48 -7.35
C LYS B 345 -4.22 52.16 -8.83
N ASP B 346 -5.30 51.70 -9.43
CA ASP B 346 -5.33 51.44 -10.86
C ASP B 346 -5.98 52.63 -11.57
N GLN B 347 -6.19 52.51 -12.88
CA GLN B 347 -6.77 53.60 -13.65
C GLN B 347 -8.19 53.91 -13.23
N GLU B 348 -8.90 52.94 -12.67
CA GLU B 348 -10.28 53.15 -12.25
C GLU B 348 -10.40 53.54 -10.77
N GLY B 349 -9.29 53.64 -10.05
CA GLY B 349 -9.31 54.05 -8.67
C GLY B 349 -9.38 52.93 -7.65
N ASN B 350 -9.38 51.68 -8.09
CA ASN B 350 -9.40 50.55 -7.17
C ASN B 350 -8.10 50.47 -6.38
N GLU B 351 -8.21 50.12 -5.11
CA GLU B 351 -7.06 50.11 -4.22
C GLU B 351 -6.40 48.73 -4.21
N TYR B 352 -5.06 48.73 -4.22
CA TYR B 352 -4.27 47.51 -4.19
C TYR B 352 -3.18 47.65 -3.15
N TYR B 353 -2.73 46.52 -2.61
CA TYR B 353 -1.55 46.47 -1.77
C TYR B 353 -0.37 46.02 -2.61
N MET B 354 0.77 46.69 -2.43
CA MET B 354 1.98 46.36 -3.18
C MET B 354 2.73 45.26 -2.46
N VAL B 355 2.93 44.14 -3.16
CA VAL B 355 3.42 42.91 -2.56
C VAL B 355 4.80 42.58 -3.11
N LYS B 356 5.74 42.29 -2.22
CA LYS B 356 7.07 41.84 -2.59
C LYS B 356 7.11 40.31 -2.48
N ASN B 357 7.18 39.65 -3.64
CA ASN B 357 7.22 38.20 -3.67
C ASN B 357 8.68 37.73 -3.58
N SER B 358 8.86 36.41 -3.55
CA SER B 358 10.19 35.81 -3.44
C SER B 358 10.42 34.78 -4.53
N TRP B 359 9.97 35.08 -5.75
CA TRP B 359 10.12 34.20 -6.89
C TRP B 359 11.08 34.75 -7.93
N GLY B 360 12.01 35.63 -7.52
CA GLY B 360 12.90 36.28 -8.45
C GLY B 360 12.25 37.46 -9.15
N THR B 361 12.99 38.05 -10.07
CA THR B 361 12.57 39.27 -10.76
C THR B 361 12.13 39.02 -12.20
N ASN B 362 11.96 37.76 -12.60
CA ASN B 362 11.57 37.44 -13.98
C ASN B 362 10.05 37.38 -14.10
N SER B 363 9.40 38.51 -13.79
CA SER B 363 7.96 38.63 -13.92
C SER B 363 7.64 40.03 -14.46
N LYS B 364 6.34 40.29 -14.66
CA LYS B 364 5.92 41.53 -15.31
C LYS B 364 6.38 42.75 -14.52
N TYR B 365 6.29 42.70 -13.20
CA TYR B 365 6.68 43.81 -12.34
C TYR B 365 7.95 43.49 -11.55
N ASN B 366 8.79 42.61 -12.09
CA ASN B 366 10.10 42.28 -11.51
C ASN B 366 9.97 41.71 -10.09
N GLY B 367 9.07 40.75 -9.93
CA GLY B 367 8.87 40.10 -8.66
C GLY B 367 7.91 40.80 -7.72
N ILE B 368 7.28 41.87 -8.15
CA ILE B 368 6.32 42.63 -7.34
C ILE B 368 4.92 42.27 -7.78
N TRP B 369 4.03 42.11 -6.81
CA TRP B 369 2.64 41.78 -7.06
C TRP B 369 1.73 42.91 -6.57
N TYR B 370 0.60 43.07 -7.24
CA TYR B 370 -0.44 44.02 -6.84
C TYR B 370 -1.65 43.21 -6.41
N ALA B 371 -1.94 43.23 -5.11
CA ALA B 371 -3.05 42.48 -4.54
C ALA B 371 -4.16 43.44 -4.15
N SER B 372 -5.33 43.26 -4.75
CA SER B 372 -6.47 44.12 -4.44
C SER B 372 -6.88 43.97 -2.99
N LYS B 373 -7.48 45.03 -2.44
CA LYS B 373 -7.96 44.96 -1.06
C LYS B 373 -9.01 43.88 -0.88
N ALA B 374 -9.81 43.61 -1.92
CA ALA B 374 -10.81 42.56 -1.82
C ALA B 374 -10.17 41.18 -1.72
N PHE B 375 -9.09 40.96 -2.48
CA PHE B 375 -8.38 39.67 -2.38
C PHE B 375 -7.77 39.50 -0.99
N VAL B 376 -7.11 40.55 -0.49
CA VAL B 376 -6.46 40.47 0.82
C VAL B 376 -7.50 40.23 1.91
N ARG B 377 -8.64 40.91 1.81
CA ARG B 377 -9.70 40.74 2.80
C ARG B 377 -10.21 39.30 2.84
N TYR B 378 -10.24 38.63 1.69
CA TYR B 378 -10.84 37.31 1.59
C TYR B 378 -9.85 36.19 1.88
N LYS B 379 -8.63 36.28 1.37
CA LYS B 379 -7.72 35.15 1.33
C LYS B 379 -6.55 35.25 2.29
N THR B 380 -6.52 36.27 3.16
CA THR B 380 -5.42 36.38 4.11
C THR B 380 -5.58 35.36 5.22
N MET B 381 -4.50 34.62 5.49
CA MET B 381 -4.50 33.70 6.62
C MET B 381 -4.14 34.41 7.91
N ASN B 382 -3.00 35.11 7.92
CA ASN B 382 -2.57 35.86 9.08
C ASN B 382 -1.51 36.85 8.63
N ILE B 383 -1.24 37.84 9.48
CA ILE B 383 -0.20 38.83 9.21
C ILE B 383 0.62 39.06 10.47
N VAL B 384 1.83 39.57 10.28
CA VAL B 384 2.72 39.97 11.36
C VAL B 384 3.15 41.41 11.11
N VAL B 385 2.98 42.27 12.11
CA VAL B 385 3.43 43.65 12.06
C VAL B 385 4.08 44.00 13.39
N HIS B 386 4.81 45.12 13.39
CA HIS B 386 5.31 45.69 14.63
C HIS B 386 4.13 46.22 15.45
N LYS B 387 4.27 46.16 16.78
CA LYS B 387 3.20 46.62 17.65
C LYS B 387 2.77 48.04 17.33
N ASP B 388 3.75 48.92 17.08
CA ASP B 388 3.46 50.33 16.86
C ASP B 388 2.76 50.61 15.54
N ALA B 389 2.63 49.62 14.66
CA ALA B 389 1.84 49.78 13.44
C ALA B 389 0.35 49.66 13.71
N LEU B 390 -0.05 49.18 14.89
CA LEU B 390 -1.45 49.04 15.26
C LEU B 390 -2.03 50.39 15.68
N PRO B 391 -3.26 50.69 15.26
CA PRO B 391 -3.93 51.88 15.80
C PRO B 391 -4.09 51.79 17.30
N LYS B 392 -4.14 52.96 17.95
CA LYS B 392 -4.18 53.00 19.40
C LYS B 392 -5.44 52.31 19.94
N ALA B 393 -6.58 52.51 19.27
CA ALA B 393 -7.83 51.92 19.73
C ALA B 393 -7.78 50.39 19.64
N ILE B 394 -7.22 49.86 18.54
CA ILE B 394 -7.10 48.42 18.39
C ILE B 394 -6.10 47.86 19.39
N LYS B 395 -5.02 48.60 19.66
CA LYS B 395 -4.05 48.18 20.67
C LYS B 395 -4.71 47.97 22.02
N ALA B 396 -5.68 48.84 22.37
CA ALA B 396 -6.33 48.74 23.67
C ALA B 396 -7.27 47.54 23.74
N LYS B 397 -8.03 47.29 22.67
CA LYS B 397 -8.97 46.17 22.68
C LYS B 397 -8.25 44.83 22.81
N LEU B 398 -7.04 44.73 22.28
CA LEU B 398 -6.26 43.50 22.37
C LEU B 398 -5.45 43.40 23.64
N GLY B 399 -5.37 44.47 24.44
CA GLY B 399 -4.59 44.45 25.66
C GLY B 399 -3.10 44.52 25.44
N ILE B 400 -2.65 45.20 24.39
CA ILE B 400 -1.23 45.31 24.05
C ILE B 400 -0.73 46.67 24.53
N LYS B 401 0.23 46.65 25.43
CA LYS B 401 0.84 47.89 25.91
C LYS B 401 1.68 48.53 24.81
N GLY C 29 5.86 -11.87 49.23
CA GLY C 29 4.81 -11.02 48.71
C GLY C 29 4.83 -9.60 49.26
N PHE C 30 3.79 -8.84 48.96
CA PHE C 30 3.64 -7.47 49.43
C PHE C 30 2.62 -7.40 50.55
N VAL C 31 2.91 -6.58 51.56
CA VAL C 31 1.97 -6.26 52.63
C VAL C 31 1.97 -4.75 52.79
N PHE C 32 0.88 -4.10 52.38
CA PHE C 32 0.79 -2.65 52.36
C PHE C 32 0.02 -2.14 53.55
N THR C 33 0.44 -0.99 54.08
CA THR C 33 -0.22 -0.34 55.20
C THR C 33 -0.46 1.12 54.83
N THR C 34 -1.72 1.53 54.83
CA THR C 34 -2.07 2.90 54.46
C THR C 34 -1.53 3.89 55.48
N VAL C 35 -0.81 4.89 55.00
CA VAL C 35 -0.34 5.99 55.85
C VAL C 35 -1.37 7.11 55.91
N LYS C 36 -1.84 7.56 54.75
CA LYS C 36 -2.93 8.51 54.67
C LYS C 36 -3.60 8.35 53.31
N GLU C 37 -4.93 8.45 53.28
CA GLU C 37 -5.68 8.41 52.04
C GLU C 37 -6.85 9.36 52.12
N ASN C 38 -7.23 9.89 50.96
CA ASN C 38 -8.28 10.89 50.84
C ASN C 38 -9.52 10.29 50.17
N PRO C 39 -10.69 10.86 50.40
CA PRO C 39 -11.94 10.24 49.90
C PRO C 39 -11.98 10.16 48.38
N ILE C 40 -12.46 9.02 47.88
CA ILE C 40 -12.66 8.79 46.46
C ILE C 40 -14.03 8.14 46.27
N THR C 41 -14.48 8.14 45.02
CA THR C 41 -15.73 7.48 44.67
C THR C 41 -15.45 6.03 44.26
N SER C 42 -16.47 5.34 43.78
CA SER C 42 -16.33 3.93 43.45
C SER C 42 -15.43 3.74 42.23
N VAL C 43 -14.81 2.56 42.15
CA VAL C 43 -13.97 2.22 41.01
C VAL C 43 -14.85 1.98 39.79
N LYS C 44 -14.50 2.64 38.68
CA LYS C 44 -15.24 2.51 37.44
C LYS C 44 -14.50 1.54 36.51
N ASN C 45 -15.12 1.26 35.36
CA ASN C 45 -14.56 0.33 34.38
C ASN C 45 -14.70 0.95 33.00
N GLN C 46 -13.57 1.37 32.41
CA GLN C 46 -13.61 1.92 31.06
C GLN C 46 -13.82 0.85 30.00
N ASN C 47 -13.48 -0.39 30.31
CA ASN C 47 -13.69 -1.56 29.45
C ASN C 47 -12.99 -1.31 28.12
N ARG C 48 -13.62 -1.58 26.98
CA ARG C 48 -12.94 -1.59 25.67
C ARG C 48 -13.09 -0.23 24.99
N ALA C 49 -12.42 0.76 25.57
CA ALA C 49 -12.36 2.10 25.01
C ALA C 49 -11.15 2.80 25.60
N GLY C 50 -10.51 3.64 24.78
CA GLY C 50 -9.36 4.38 25.23
C GLY C 50 -9.74 5.65 25.96
N THR C 51 -10.66 5.54 26.91
CA THR C 51 -11.24 6.68 27.61
C THR C 51 -10.71 6.84 29.02
N CYS C 52 -9.52 6.31 29.30
CA CYS C 52 -8.93 6.44 30.63
C CYS C 52 -8.73 7.91 31.02
N TRP C 53 -8.46 8.77 30.04
CA TRP C 53 -8.27 10.18 30.31
C TRP C 53 -9.51 10.81 30.93
N CYS C 54 -10.69 10.38 30.50
CA CYS C 54 -11.93 10.94 31.00
C CYS C 54 -12.39 10.29 32.30
N TYR C 55 -12.20 8.97 32.42
CA TYR C 55 -12.57 8.30 33.66
C TYR C 55 -11.69 8.74 34.82
N SER C 56 -10.39 8.92 34.58
CA SER C 56 -9.51 9.39 35.65
C SER C 56 -9.75 10.85 35.97
N SER C 57 -10.05 11.67 34.96
CA SER C 57 -10.36 13.06 35.22
C SER C 57 -11.60 13.20 36.09
N TYR C 58 -12.60 12.33 35.87
CA TYR C 58 -13.82 12.42 36.65
C TYR C 58 -13.66 11.79 38.03
N SER C 59 -12.85 10.74 38.16
CA SER C 59 -12.47 10.26 39.48
C SER C 59 -11.81 11.38 40.28
N PHE C 60 -10.99 12.20 39.61
CA PHE C 60 -10.33 13.32 40.26
C PHE C 60 -11.34 14.41 40.63
N LEU C 61 -12.17 14.82 39.67
CA LEU C 61 -13.13 15.89 39.92
C LEU C 61 -14.17 15.50 40.95
N GLU C 62 -14.54 14.22 41.01
CA GLU C 62 -15.50 13.77 42.02
C GLU C 62 -14.90 13.85 43.42
N SER C 63 -13.60 13.53 43.55
CA SER C 63 -12.93 13.74 44.82
C SER C 63 -12.82 15.22 45.15
N GLU C 64 -12.71 16.07 44.13
CA GLU C 64 -12.72 17.51 44.37
C GLU C 64 -14.06 17.98 44.89
N LEU C 65 -15.16 17.41 44.37
CA LEU C 65 -16.49 17.76 44.85
C LEU C 65 -16.71 17.27 46.27
N LEU C 66 -16.18 16.09 46.60
CA LEU C 66 -16.23 15.61 47.98
C LEU C 66 -15.47 16.54 48.92
N ARG C 67 -14.28 16.96 48.52
CA ARG C 67 -13.46 17.84 49.35
C ARG C 67 -14.15 19.18 49.58
N MET C 68 -14.85 19.69 48.56
CA MET C 68 -15.54 20.96 48.64
C MET C 68 -16.92 20.85 49.29
N GLY C 69 -17.24 19.70 49.89
CA GLY C 69 -18.50 19.54 50.59
C GLY C 69 -19.72 19.49 49.70
N LYS C 70 -19.56 19.12 48.43
CA LYS C 70 -20.68 19.07 47.50
C LYS C 70 -21.33 17.70 47.42
N GLY C 71 -20.77 16.69 48.08
CA GLY C 71 -21.34 15.36 48.06
C GLY C 71 -20.73 14.49 46.99
N GLU C 72 -21.29 13.29 46.87
CA GLU C 72 -20.81 12.31 45.91
C GLU C 72 -21.54 12.50 44.58
N TYR C 73 -20.77 12.52 43.50
CA TYR C 73 -21.30 12.65 42.15
C TYR C 73 -20.88 11.45 41.31
N ASP C 74 -21.63 11.21 40.23
CA ASP C 74 -21.29 10.20 39.23
C ASP C 74 -21.46 10.86 37.87
N LEU C 75 -20.41 11.51 37.40
CA LEU C 75 -20.45 12.25 36.15
C LEU C 75 -20.35 11.31 34.96
N SER C 76 -21.02 11.67 33.87
CA SER C 76 -21.05 10.85 32.66
C SER C 76 -19.81 11.14 31.82
N GLU C 77 -18.93 10.14 31.69
CA GLU C 77 -17.78 10.29 30.80
C GLU C 77 -18.21 10.33 29.34
N MET C 78 -19.25 9.57 28.99
CA MET C 78 -19.67 9.47 27.60
C MET C 78 -20.10 10.82 27.03
N PHE C 79 -20.63 11.71 27.88
CA PHE C 79 -20.98 13.05 27.43
C PHE C 79 -19.74 13.83 27.03
N THR C 80 -18.71 13.83 27.88
CA THR C 80 -17.49 14.55 27.57
C THR C 80 -16.72 13.86 26.45
N VAL C 81 -16.69 12.52 26.45
CA VAL C 81 -16.03 11.78 25.39
C VAL C 81 -16.65 12.11 24.03
N TYR C 82 -17.98 12.18 23.99
CA TYR C 82 -18.67 12.52 22.74
C TYR C 82 -18.26 13.89 22.24
N ASN C 83 -18.34 14.91 23.09
CA ASN C 83 -18.04 16.26 22.65
C ASN C 83 -16.56 16.45 22.33
N THR C 84 -15.69 15.73 23.06
CA THR C 84 -14.26 15.83 22.79
C THR C 84 -13.91 15.27 21.41
N TYR C 85 -14.52 14.14 21.04
CA TYR C 85 -14.20 13.53 19.75
C TYR C 85 -14.61 14.42 18.58
N LEU C 86 -15.73 15.15 18.73
CA LEU C 86 -16.13 16.08 17.67
C LEU C 86 -15.10 17.20 17.52
N ASP C 87 -14.55 17.68 18.64
CA ASP C 87 -13.49 18.69 18.57
C ASP C 87 -12.21 18.10 18.00
N ARG C 88 -11.89 16.85 18.33
CA ARG C 88 -10.68 16.24 17.80
C ARG C 88 -10.81 15.98 16.30
N ALA C 89 -12.00 15.59 15.85
CA ALA C 89 -12.22 15.43 14.41
C ALA C 89 -12.06 16.76 13.69
N ASP C 90 -12.58 17.83 14.28
CA ASP C 90 -12.41 19.16 13.70
C ASP C 90 -10.94 19.54 13.65
N ALA C 91 -10.19 19.22 14.71
CA ALA C 91 -8.76 19.51 14.71
C ALA C 91 -8.04 18.72 13.63
N ALA C 92 -8.43 17.46 13.44
CA ALA C 92 -7.80 16.63 12.41
C ALA C 92 -8.09 17.18 11.00
N VAL C 93 -9.31 17.67 10.78
CA VAL C 93 -9.66 18.17 9.46
C VAL C 93 -8.99 19.51 9.19
N ARG C 94 -8.93 20.38 10.22
CA ARG C 94 -8.29 21.68 10.03
C ARG C 94 -6.80 21.54 9.75
N THR C 95 -6.14 20.56 10.37
CA THR C 95 -4.72 20.32 10.15
C THR C 95 -4.47 19.30 9.05
N HIS C 96 -5.49 18.96 8.25
CA HIS C 96 -5.35 18.06 7.11
C HIS C 96 -4.70 16.73 7.51
N GLY C 97 -5.11 16.23 8.67
CA GLY C 97 -4.67 14.93 9.13
C GLY C 97 -3.47 14.92 10.06
N ASP C 98 -2.86 16.08 10.34
CA ASP C 98 -1.73 16.12 11.24
C ASP C 98 -2.14 15.71 12.64
N VAL C 99 -3.18 16.33 13.18
CA VAL C 99 -3.76 15.89 14.45
C VAL C 99 -4.36 14.51 14.24
N SER C 100 -3.79 13.50 14.88
CA SER C 100 -4.32 12.15 14.77
C SER C 100 -5.67 12.05 15.45
N PHE C 101 -6.57 11.25 14.87
CA PHE C 101 -7.90 11.05 15.42
C PHE C 101 -7.96 9.66 16.04
N SER C 102 -7.95 9.61 17.37
CA SER C 102 -7.99 8.36 18.12
C SER C 102 -8.82 8.56 19.38
N GLN C 103 -8.88 7.52 20.20
CA GLN C 103 -9.76 7.51 21.36
C GLN C 103 -9.20 8.25 22.57
N GLY C 104 -7.89 8.49 22.60
CA GLY C 104 -7.24 9.05 23.77
C GLY C 104 -7.57 10.51 24.02
N GLY C 105 -6.97 11.04 25.08
CA GLY C 105 -7.22 12.41 25.48
C GLY C 105 -6.32 12.80 26.63
N SER C 106 -6.65 13.93 27.24
CA SER C 106 -5.85 14.50 28.31
C SER C 106 -6.75 14.99 29.44
N PHE C 107 -6.13 15.30 30.57
CA PHE C 107 -6.87 15.92 31.68
C PHE C 107 -7.43 17.27 31.26
N TYR C 108 -6.71 18.01 30.42
CA TYR C 108 -7.21 19.30 29.97
C TYR C 108 -8.45 19.15 29.09
N ASP C 109 -8.59 18.02 28.41
CA ASP C 109 -9.81 17.78 27.62
C ASP C 109 -11.05 17.83 28.51
N ALA C 110 -10.95 17.30 29.73
CA ALA C 110 -12.10 17.33 30.64
C ALA C 110 -12.28 18.71 31.28
N LEU C 111 -11.17 19.36 31.66
CA LEU C 111 -11.26 20.69 32.24
C LEU C 111 -11.83 21.69 31.25
N TYR C 112 -11.37 21.64 30.00
CA TYR C 112 -11.97 22.45 28.94
C TYR C 112 -13.42 22.04 28.69
N GLY C 113 -13.71 20.74 28.80
CA GLY C 113 -15.03 20.25 28.45
C GLY C 113 -16.12 20.74 29.38
N MET C 114 -15.88 20.71 30.69
CA MET C 114 -16.91 21.11 31.64
C MET C 114 -17.23 22.60 31.52
N GLU C 115 -16.24 23.43 31.17
CA GLU C 115 -16.51 24.84 30.96
C GLU C 115 -17.23 25.09 29.64
N THR C 116 -16.93 24.30 28.61
CA THR C 116 -17.46 24.53 27.27
C THR C 116 -18.75 23.74 27.02
N PHE C 117 -18.76 22.46 27.33
CA PHE C 117 -19.92 21.61 27.09
C PHE C 117 -20.79 21.42 28.32
N GLY C 118 -20.21 21.49 29.51
CA GLY C 118 -20.93 21.24 30.73
C GLY C 118 -20.74 19.82 31.24
N LEU C 119 -21.62 19.45 32.17
CA LEU C 119 -21.58 18.13 32.78
C LEU C 119 -23.00 17.57 32.85
N VAL C 120 -23.11 16.26 32.73
CA VAL C 120 -24.38 15.56 32.93
C VAL C 120 -24.13 14.36 33.84
N PRO C 121 -25.11 13.91 34.61
CA PRO C 121 -24.90 12.73 35.46
C PRO C 121 -24.79 11.46 34.63
N GLU C 122 -24.23 10.43 35.26
CA GLU C 122 -23.98 9.17 34.57
C GLU C 122 -25.23 8.59 33.95
N GLU C 123 -26.38 8.78 34.60
CA GLU C 123 -27.63 8.19 34.12
C GLU C 123 -28.08 8.74 32.79
N GLU C 124 -27.66 9.96 32.42
CA GLU C 124 -28.18 10.58 31.21
C GLU C 124 -27.47 10.10 29.93
N MET C 125 -26.27 9.53 30.05
CA MET C 125 -25.59 8.94 28.89
C MET C 125 -24.68 7.83 29.41
N ARG C 126 -25.23 6.60 29.43
CA ARG C 126 -24.50 5.48 29.99
C ARG C 126 -23.65 4.80 28.92
N PRO C 127 -22.55 4.18 29.30
CA PRO C 127 -21.76 3.43 28.32
C PRO C 127 -22.48 2.17 27.86
N GLY C 128 -22.41 1.90 26.56
CA GLY C 128 -22.97 0.69 25.99
C GLY C 128 -24.46 0.67 25.84
N MET C 129 -25.17 1.73 26.23
CA MET C 129 -26.62 1.74 26.19
C MET C 129 -27.17 1.59 24.77
N MET C 130 -26.38 1.95 23.75
CA MET C 130 -26.85 1.92 22.38
C MET C 130 -26.69 0.56 21.70
N TYR C 131 -25.80 -0.30 22.21
CA TYR C 131 -25.60 -1.64 21.67
C TYR C 131 -25.86 -2.71 22.71
N ALA C 132 -26.85 -2.47 23.58
CA ALA C 132 -27.37 -3.48 24.51
C ALA C 132 -26.29 -4.00 25.46
N ASP C 133 -25.47 -3.09 25.97
CA ASP C 133 -24.43 -3.41 26.94
C ASP C 133 -24.47 -2.40 28.08
N THR C 134 -23.63 -2.64 29.09
CA THR C 134 -23.46 -1.71 30.20
C THR C 134 -22.03 -1.21 30.30
N LEU C 135 -21.13 -1.70 29.44
CA LEU C 135 -19.75 -1.23 29.40
C LEU C 135 -19.40 -0.85 27.97
N SER C 136 -18.40 0.02 27.82
CA SER C 136 -18.07 0.57 26.52
C SER C 136 -17.36 -0.44 25.64
N ASN C 137 -17.68 -0.41 24.35
CA ASN C 137 -16.93 -1.12 23.31
C ASN C 137 -16.96 -0.22 22.07
N HIS C 138 -15.93 0.60 21.92
CA HIS C 138 -15.88 1.62 20.88
C HIS C 138 -15.07 1.19 19.67
N THR C 139 -14.86 -0.12 19.49
CA THR C 139 -14.07 -0.58 18.35
C THR C 139 -14.77 -0.29 17.04
N GLU C 140 -16.07 -0.57 16.96
CA GLU C 140 -16.80 -0.30 15.73
C GLU C 140 -16.98 1.20 15.51
N LEU C 141 -17.24 1.94 16.60
CA LEU C 141 -17.36 3.39 16.48
C LEU C 141 -16.08 4.00 15.93
N SER C 142 -14.93 3.58 16.44
CA SER C 142 -13.67 4.10 15.92
C SER C 142 -13.43 3.66 14.48
N ALA C 143 -13.77 2.42 14.16
CA ALA C 143 -13.58 1.93 12.79
C ALA C 143 -14.30 2.84 11.79
N LEU C 144 -15.53 3.25 12.11
CA LEU C 144 -16.28 4.12 11.21
C LEU C 144 -15.75 5.54 11.21
N THR C 145 -15.61 6.14 12.40
CA THR C 145 -15.27 7.56 12.47
C THR C 145 -13.84 7.83 12.02
N ASP C 146 -12.90 6.91 12.30
CA ASP C 146 -11.55 7.07 11.76
C ASP C 146 -11.58 7.11 10.24
N ALA C 147 -12.38 6.23 9.62
CA ALA C 147 -12.48 6.21 8.18
C ALA C 147 -13.15 7.47 7.64
N MET C 148 -14.12 8.00 8.38
CA MET C 148 -14.82 9.21 7.94
C MET C 148 -13.89 10.42 8.04
N VAL C 149 -13.22 10.59 9.18
CA VAL C 149 -12.34 11.74 9.37
C VAL C 149 -11.18 11.69 8.40
N ALA C 150 -10.63 10.50 8.15
CA ALA C 150 -9.53 10.39 7.21
C ALA C 150 -9.97 10.69 5.78
N ALA C 151 -11.20 10.32 5.43
CA ALA C 151 -11.70 10.61 4.08
C ALA C 151 -11.82 12.11 3.83
N ILE C 152 -12.02 12.89 4.89
CA ILE C 152 -12.10 14.35 4.77
C ILE C 152 -10.72 14.98 4.92
N ALA C 153 -10.02 14.63 6.00
CA ALA C 153 -8.78 15.33 6.36
C ALA C 153 -7.63 14.96 5.44
N LYS C 154 -7.56 13.70 5.02
CA LYS C 154 -6.45 13.21 4.20
C LYS C 154 -6.87 12.84 2.78
N GLY C 155 -8.06 13.25 2.36
CA GLY C 155 -8.57 12.93 1.04
C GLY C 155 -8.19 13.95 -0.01
N LYS C 156 -8.89 13.87 -1.14
CA LYS C 156 -8.63 14.74 -2.28
C LYS C 156 -9.72 15.79 -2.46
N LEU C 157 -10.63 15.93 -1.50
CA LEU C 157 -11.70 16.92 -1.61
C LEU C 157 -11.12 18.33 -1.53
N ARG C 158 -11.47 19.17 -2.49
CA ARG C 158 -10.95 20.53 -2.55
C ARG C 158 -11.90 21.56 -1.94
N LYS C 159 -13.19 21.26 -1.82
CA LYS C 159 -14.16 22.18 -1.24
C LYS C 159 -15.21 21.37 -0.49
N LEU C 160 -15.22 21.49 0.83
CA LEU C 160 -16.17 20.74 1.64
C LEU C 160 -17.55 21.41 1.60
N GLN C 161 -18.58 20.58 1.64
CA GLN C 161 -19.94 21.06 1.43
C GLN C 161 -20.54 21.62 2.72
N SER C 162 -21.42 22.61 2.54
CA SER C 162 -22.07 23.27 3.67
C SER C 162 -23.49 23.64 3.27
N ASP C 163 -24.33 23.85 4.28
CA ASP C 163 -25.73 24.19 4.04
C ASP C 163 -25.87 25.70 3.86
N GLU C 164 -27.12 26.18 3.81
CA GLU C 164 -27.36 27.61 3.61
C GLU C 164 -27.00 28.45 4.83
N ASN C 165 -26.73 27.82 5.97
CA ASN C 165 -26.27 28.52 7.16
C ASN C 165 -24.78 28.36 7.40
N ASN C 166 -24.03 27.96 6.36
CA ASN C 166 -22.59 27.78 6.43
C ASN C 166 -22.18 26.74 7.46
N ALA C 167 -23.07 25.80 7.76
CA ALA C 167 -22.74 24.69 8.66
C ALA C 167 -22.19 23.53 7.83
N MET C 168 -21.06 22.98 8.28
CA MET C 168 -20.38 21.93 7.53
C MET C 168 -21.16 20.62 7.61
N LEU C 169 -21.37 19.98 6.46
CA LEU C 169 -22.12 18.73 6.44
C LEU C 169 -21.33 17.58 7.04
N TRP C 170 -20.01 17.56 6.84
CA TRP C 170 -19.22 16.47 7.40
C TRP C 170 -19.26 16.47 8.92
N LYS C 171 -19.37 17.65 9.54
CA LYS C 171 -19.50 17.70 11.00
C LYS C 171 -20.82 17.11 11.45
N LYS C 172 -21.88 17.32 10.65
CA LYS C 172 -23.16 16.68 10.94
C LYS C 172 -23.04 15.17 10.86
N ALA C 173 -22.32 14.65 9.86
CA ALA C 173 -22.19 13.21 9.68
C ALA C 173 -21.41 12.59 10.83
N VAL C 174 -20.29 13.21 11.21
CA VAL C 174 -19.48 12.66 12.29
C VAL C 174 -20.23 12.73 13.61
N ALA C 175 -21.03 13.78 13.81
CA ALA C 175 -21.82 13.88 15.02
C ALA C 175 -22.94 12.84 15.03
N ALA C 176 -23.58 12.61 13.89
CA ALA C 176 -24.68 11.65 13.83
C ALA C 176 -24.20 10.25 14.15
N VAL C 177 -23.03 9.86 13.61
CA VAL C 177 -22.50 8.53 13.86
C VAL C 177 -22.11 8.36 15.31
N HIS C 178 -21.53 9.40 15.92
CA HIS C 178 -21.15 9.30 17.33
C HIS C 178 -22.38 9.14 18.21
N GLN C 179 -23.48 9.80 17.85
CA GLN C 179 -24.70 9.68 18.65
C GLN C 179 -25.30 8.28 18.55
N ILE C 180 -25.14 7.63 17.40
CA ILE C 180 -25.71 6.30 17.21
C ILE C 180 -25.03 5.27 18.10
N TYR C 181 -23.73 5.46 18.36
CA TYR C 181 -22.97 4.51 19.17
C TYR C 181 -22.82 4.93 20.62
N LEU C 182 -22.88 6.24 20.91
CA LEU C 182 -22.70 6.73 22.27
C LEU C 182 -23.98 7.25 22.91
N GLY C 183 -24.97 7.65 22.11
CA GLY C 183 -26.20 8.19 22.63
C GLY C 183 -26.34 9.67 22.32
N VAL C 184 -27.56 10.16 22.52
CA VAL C 184 -27.90 11.56 22.28
C VAL C 184 -27.59 12.38 23.53
N PRO C 185 -26.84 13.47 23.43
CA PRO C 185 -26.60 14.32 24.59
C PRO C 185 -27.87 15.03 25.02
N PRO C 186 -28.18 15.04 26.31
CA PRO C 186 -29.41 15.70 26.76
C PRO C 186 -29.30 17.21 26.71
N GLU C 187 -30.36 17.85 26.22
CA GLU C 187 -30.44 19.30 26.31
C GLU C 187 -30.96 19.75 27.66
N LYS C 188 -31.91 19.00 28.23
CA LYS C 188 -32.45 19.24 29.56
C LYS C 188 -32.61 17.90 30.26
N PHE C 189 -32.47 17.90 31.58
CA PHE C 189 -32.63 16.68 32.35
C PHE C 189 -32.98 17.04 33.78
N THR C 190 -33.55 16.08 34.49
CA THR C 190 -33.93 16.25 35.89
C THR C 190 -33.02 15.39 36.77
N TYR C 191 -32.43 16.02 37.78
CA TYR C 191 -31.52 15.34 38.70
C TYR C 191 -31.87 15.75 40.11
N LYS C 192 -32.33 14.77 40.91
CA LYS C 192 -32.70 14.99 42.31
C LYS C 192 -33.74 16.10 42.46
N GLY C 193 -34.76 16.07 41.60
CA GLY C 193 -35.90 16.96 41.73
C GLY C 193 -35.77 18.28 41.00
N LYS C 194 -34.58 18.64 40.54
CA LYS C 194 -34.33 19.92 39.88
C LYS C 194 -34.02 19.67 38.41
N GLU C 195 -34.47 20.59 37.55
CA GLU C 195 -34.22 20.51 36.12
C GLU C 195 -32.93 21.25 35.78
N TYR C 196 -32.10 20.61 34.96
CA TYR C 196 -30.79 21.16 34.62
C TYR C 196 -30.58 21.10 33.11
N THR C 197 -29.67 21.94 32.62
CA THR C 197 -28.98 21.76 31.36
C THR C 197 -27.54 21.33 31.63
N PRO C 198 -26.84 20.80 30.63
CA PRO C 198 -25.41 20.48 30.85
C PRO C 198 -24.61 21.67 31.35
N LYS C 199 -24.91 22.87 30.86
CA LYS C 199 -24.23 24.07 31.33
C LYS C 199 -24.66 24.41 32.77
N SER C 200 -25.97 24.40 33.01
CA SER C 200 -26.46 24.78 34.34
C SER C 200 -26.10 23.75 35.40
N PHE C 201 -25.99 22.48 35.01
CA PHE C 201 -25.56 21.46 35.96
C PHE C 201 -24.09 21.65 36.34
N PHE C 202 -23.25 22.03 35.37
CA PHE C 202 -21.85 22.32 35.68
C PHE C 202 -21.72 23.51 36.62
N GLU C 203 -22.53 24.55 36.41
CA GLU C 203 -22.47 25.73 37.26
C GLU C 203 -22.92 25.42 38.68
N SER C 204 -23.85 24.48 38.84
CA SER C 204 -24.34 24.11 40.17
C SER C 204 -23.27 23.39 40.99
N THR C 205 -22.26 22.80 40.34
CA THR C 205 -21.19 22.12 41.06
C THR C 205 -20.17 23.09 41.65
N GLY C 206 -20.07 24.29 41.10
CA GLY C 206 -19.09 25.27 41.56
C GLY C 206 -17.68 25.03 41.10
N LEU C 207 -17.45 24.05 40.24
CA LEU C 207 -16.11 23.78 39.74
C LEU C 207 -15.65 24.90 38.81
N LYS C 208 -14.36 25.20 38.85
CA LYS C 208 -13.74 26.18 37.98
C LYS C 208 -12.48 25.57 37.39
N ALA C 209 -12.38 25.57 36.06
CA ALA C 209 -11.19 25.04 35.41
C ALA C 209 -9.94 25.84 35.76
N SER C 210 -10.09 27.12 36.08
CA SER C 210 -8.98 27.97 36.47
C SER C 210 -8.36 27.59 37.82
N ASP C 211 -9.05 26.77 38.62
CA ASP C 211 -8.50 26.34 39.90
C ASP C 211 -7.48 25.22 39.78
N TYR C 212 -7.28 24.66 38.58
CA TYR C 212 -6.43 23.49 38.40
C TYR C 212 -5.28 23.81 37.46
N VAL C 213 -4.12 23.26 37.78
CA VAL C 213 -2.90 23.49 36.99
C VAL C 213 -2.30 22.14 36.60
N SER C 214 -1.68 22.11 35.43
CA SER C 214 -0.95 20.95 34.96
C SER C 214 0.53 21.12 35.23
N LEU C 215 1.17 20.07 35.74
CA LEU C 215 2.58 20.12 36.12
C LEU C 215 3.33 18.99 35.47
N THR C 216 4.59 19.25 35.11
CA THR C 216 5.46 18.25 34.52
C THR C 216 6.89 18.58 34.93
N SER C 217 7.84 17.75 34.48
CA SER C 217 9.23 17.90 34.89
C SER C 217 10.13 17.37 33.78
N TYR C 218 10.60 18.27 32.91
CA TYR C 218 11.51 17.92 31.83
C TYR C 218 12.50 19.05 31.61
N THR C 219 13.58 18.74 30.89
CA THR C 219 14.66 19.69 30.70
C THR C 219 14.76 20.29 29.30
N HIS C 220 13.98 19.80 28.34
CA HIS C 220 13.99 20.40 27.01
C HIS C 220 13.21 21.71 26.95
N HIS C 221 12.76 22.20 28.09
CA HIS C 221 12.18 23.53 28.26
C HIS C 221 12.67 24.10 29.57
N PRO C 222 12.76 25.44 29.68
CA PRO C 222 13.25 26.04 30.93
C PRO C 222 12.30 25.74 32.08
N PHE C 223 12.88 25.59 33.27
CA PHE C 223 12.09 25.35 34.47
C PHE C 223 11.26 26.59 34.82
N TYR C 224 10.15 26.35 35.53
CA TYR C 224 9.25 27.40 36.01
C TYR C 224 8.63 28.19 34.86
N THR C 225 8.49 27.56 33.70
CA THR C 225 7.78 28.13 32.57
C THR C 225 6.66 27.18 32.15
N GLN C 226 5.85 27.63 31.20
CA GLN C 226 4.76 26.83 30.67
C GLN C 226 5.07 26.41 29.23
N PHE C 227 4.78 25.15 28.92
CA PHE C 227 4.90 24.66 27.56
C PHE C 227 3.88 23.55 27.37
N PRO C 228 3.36 23.36 26.16
CA PRO C 228 2.45 22.24 25.90
C PRO C 228 3.24 20.96 25.62
N LEU C 229 2.93 19.90 26.35
CA LEU C 229 3.61 18.64 26.16
C LEU C 229 3.45 18.13 24.74
N GLU C 230 4.54 17.66 24.15
CA GLU C 230 4.55 17.21 22.76
C GLU C 230 4.12 15.75 22.68
N ILE C 231 2.85 15.51 23.03
CA ILE C 231 2.27 14.17 23.00
C ILE C 231 0.99 14.24 22.18
N GLN C 232 0.63 13.10 21.58
CA GLN C 232 -0.44 13.09 20.58
C GLN C 232 -1.78 13.49 21.19
N ASP C 233 -2.08 13.01 22.40
CA ASP C 233 -3.37 13.31 22.99
C ASP C 233 -3.48 14.73 23.53
N ASN C 234 -2.41 15.53 23.44
CA ASN C 234 -2.46 16.95 23.79
C ASN C 234 -2.66 17.81 22.55
N TRP C 235 -3.60 17.41 21.69
CA TRP C 235 -3.85 18.16 20.46
C TRP C 235 -4.48 19.53 20.72
N ARG C 236 -5.09 19.73 21.90
CA ARG C 236 -5.55 21.05 22.28
C ARG C 236 -4.39 21.96 22.71
N HIS C 237 -3.20 21.39 22.92
CA HIS C 237 -2.00 22.15 23.26
C HIS C 237 -2.18 22.88 24.59
N GLY C 238 -2.65 22.14 25.60
CA GLY C 238 -2.76 22.69 26.93
C GLY C 238 -1.40 22.85 27.57
N MET C 239 -1.24 23.93 28.32
CA MET C 239 0.05 24.26 28.92
C MET C 239 0.27 23.49 30.22
N SER C 240 1.54 23.29 30.56
CA SER C 240 1.92 22.69 31.82
C SER C 240 3.09 23.46 32.41
N TYR C 241 3.08 23.62 33.72
CA TYR C 241 4.21 24.24 34.42
C TYR C 241 5.34 23.24 34.59
N ASN C 242 6.56 23.67 34.31
CA ASN C 242 7.73 22.82 34.35
C ASN C 242 8.46 23.02 35.67
N LEU C 243 8.67 21.93 36.41
CA LEU C 243 9.34 21.99 37.70
C LEU C 243 10.55 21.06 37.72
N PRO C 244 11.58 21.38 38.50
CA PRO C 244 12.64 20.40 38.75
C PRO C 244 12.09 19.15 39.41
N LEU C 245 12.76 18.03 39.18
CA LEU C 245 12.19 16.73 39.54
C LEU C 245 11.95 16.62 41.04
N ASP C 246 12.88 17.14 41.86
CA ASP C 246 12.71 17.02 43.30
C ASP C 246 11.55 17.88 43.80
N GLU C 247 11.44 19.11 43.31
CA GLU C 247 10.29 19.94 43.66
C GLU C 247 9.00 19.37 43.06
N PHE C 248 9.10 18.71 41.90
CA PHE C 248 7.93 18.06 41.30
C PHE C 248 7.35 17.00 42.23
N MET C 249 8.21 16.19 42.85
CA MET C 249 7.74 15.17 43.78
C MET C 249 7.27 15.76 45.10
N GLU C 250 7.75 16.95 45.47
CA GLU C 250 7.24 17.58 46.69
C GLU C 250 5.77 17.94 46.56
N VAL C 251 5.32 18.25 45.34
CA VAL C 251 3.90 18.56 45.13
C VAL C 251 3.04 17.33 45.39
N PHE C 252 3.54 16.15 45.04
CA PHE C 252 2.80 14.92 45.30
C PHE C 252 2.50 14.75 46.78
N ASP C 253 3.54 14.79 47.61
CA ASP C 253 3.36 14.56 49.04
C ASP C 253 2.55 15.68 49.68
N ASN C 254 2.82 16.93 49.28
CA ASN C 254 2.09 18.05 49.87
C ASN C 254 0.61 18.01 49.53
N ALA C 255 0.27 17.58 48.31
CA ALA C 255 -1.13 17.50 47.93
C ALA C 255 -1.86 16.41 48.72
N ILE C 256 -1.25 15.24 48.86
CA ILE C 256 -1.88 14.15 49.60
C ILE C 256 -1.97 14.51 51.08
N ASN C 257 -0.90 15.07 51.65
CA ASN C 257 -0.86 15.36 53.08
C ASN C 257 -1.82 16.48 53.48
N THR C 258 -2.19 17.36 52.54
CA THR C 258 -3.12 18.45 52.84
C THR C 258 -4.55 18.11 52.39
N GLY C 259 -4.83 16.86 52.05
CA GLY C 259 -6.18 16.43 51.78
C GLY C 259 -6.62 16.45 50.34
N TYR C 260 -5.71 16.66 49.39
CA TYR C 260 -6.03 16.71 47.98
C TYR C 260 -5.67 15.41 47.29
N THR C 261 -6.26 15.20 46.12
CA THR C 261 -5.92 14.09 45.25
C THR C 261 -5.25 14.61 43.97
N ILE C 262 -4.68 13.68 43.22
CA ILE C 262 -3.84 14.01 42.06
C ILE C 262 -4.35 13.27 40.85
N ALA C 263 -4.54 13.98 39.74
CA ALA C 263 -4.78 13.36 38.44
C ALA C 263 -3.42 12.96 37.86
N TRP C 264 -3.19 11.66 37.71
CA TRP C 264 -1.86 11.12 37.42
C TRP C 264 -1.82 10.57 36.00
N GLY C 265 -1.13 11.26 35.11
CA GLY C 265 -0.86 10.76 33.78
C GLY C 265 0.55 10.20 33.71
N SER C 266 0.65 8.91 33.37
CA SER C 266 1.92 8.23 33.51
C SER C 266 2.08 7.16 32.43
N ASP C 267 3.33 6.74 32.24
CA ASP C 267 3.63 5.58 31.42
C ASP C 267 3.41 4.32 32.25
N VAL C 268 2.69 3.36 31.68
CA VAL C 268 2.44 2.08 32.33
C VAL C 268 2.95 0.90 31.52
N SER C 269 3.63 1.14 30.40
CA SER C 269 4.20 0.07 29.59
C SER C 269 5.62 -0.25 30.06
N GLU C 270 5.70 -0.72 31.30
CA GLU C 270 6.95 -1.11 31.92
C GLU C 270 6.80 -2.49 32.52
N SER C 271 7.94 -3.17 32.68
CA SER C 271 7.92 -4.48 33.33
C SER C 271 7.52 -4.39 34.79
N GLY C 272 7.77 -3.25 35.43
CA GLY C 272 7.41 -3.07 36.83
C GLY C 272 5.94 -2.89 37.07
N PHE C 273 5.19 -2.42 36.06
CA PHE C 273 3.74 -2.27 36.18
C PHE C 273 3.10 -3.63 35.88
N THR C 274 2.59 -4.28 36.91
CA THR C 274 2.05 -5.64 36.78
C THR C 274 0.54 -5.61 36.87
N ARG C 275 -0.07 -6.72 36.46
CA ARG C 275 -1.52 -6.91 36.59
C ARG C 275 -1.94 -7.21 38.01
N ASP C 276 -1.00 -7.31 38.95
CA ASP C 276 -1.28 -7.69 40.33
C ASP C 276 -1.30 -6.48 41.26
N GLY C 277 -1.59 -5.29 40.72
CA GLY C 277 -1.87 -4.13 41.55
C GLY C 277 -0.65 -3.38 42.04
N VAL C 278 0.53 -3.64 41.51
CA VAL C 278 1.73 -2.92 41.92
C VAL C 278 2.41 -2.31 40.72
N ALA C 279 3.09 -1.19 40.95
CA ALA C 279 3.92 -0.54 39.94
C ALA C 279 5.23 -0.17 40.62
N VAL C 280 6.30 -0.90 40.29
CA VAL C 280 7.57 -0.74 40.97
C VAL C 280 8.66 -0.41 39.95
N MET C 281 9.75 0.16 40.45
CA MET C 281 10.93 0.48 39.65
C MET C 281 12.13 -0.18 40.31
N PRO C 282 12.25 -1.51 40.20
CA PRO C 282 13.32 -2.21 40.91
C PRO C 282 14.67 -1.99 40.26
N ASP C 283 15.70 -1.91 41.09
CA ASP C 283 17.08 -1.81 40.62
C ASP C 283 17.58 -3.22 40.33
N ASP C 284 17.71 -3.55 39.04
CA ASP C 284 18.12 -4.90 38.67
C ASP C 284 19.51 -5.24 39.19
N GLU C 285 20.40 -4.25 39.24
CA GLU C 285 21.75 -4.48 39.74
C GLU C 285 21.75 -4.70 41.25
N LYS C 286 20.99 -3.89 41.98
CA LYS C 286 21.00 -3.98 43.45
C LYS C 286 20.32 -5.26 43.93
N VAL C 287 19.27 -5.70 43.24
CA VAL C 287 18.60 -6.95 43.63
C VAL C 287 19.51 -8.14 43.34
N GLN C 288 20.26 -8.09 42.23
CA GLN C 288 21.20 -9.17 41.92
C GLN C 288 22.35 -9.22 42.93
N GLU C 289 22.72 -8.08 43.50
CA GLU C 289 23.79 -8.05 44.50
C GLU C 289 23.39 -8.72 45.81
N LEU C 290 22.08 -8.78 46.10
CA LEU C 290 21.59 -9.46 47.29
C LEU C 290 21.32 -10.94 47.05
N SER C 291 21.79 -11.49 45.93
CA SER C 291 21.60 -12.89 45.59
C SER C 291 22.90 -13.44 45.03
N GLY C 292 22.92 -14.74 44.75
CA GLY C 292 24.09 -15.39 44.19
C GLY C 292 24.18 -15.26 42.69
N TRP C 298 25.31 -16.71 36.73
CA TRP C 298 24.45 -16.42 37.86
C TRP C 298 23.23 -15.61 37.42
N LEU C 299 23.46 -14.71 36.46
CA LEU C 299 22.44 -13.82 35.92
C LEU C 299 21.55 -14.52 34.89
N LYS C 300 21.33 -15.83 35.06
CA LYS C 300 20.50 -16.61 34.15
C LYS C 300 19.47 -17.44 34.92
N LEU C 301 18.84 -16.85 35.93
CA LEU C 301 17.84 -17.57 36.69
C LEU C 301 16.46 -17.31 36.09
N LYS C 302 15.47 -18.06 36.56
CA LYS C 302 14.14 -17.94 35.98
C LYS C 302 13.53 -16.59 36.32
N PRO C 303 12.62 -16.07 35.48
CA PRO C 303 11.96 -14.80 35.81
C PRO C 303 11.15 -14.86 37.10
N GLU C 304 10.58 -16.02 37.43
CA GLU C 304 9.87 -16.17 38.70
C GLU C 304 10.83 -16.21 39.88
N GLU C 305 12.06 -16.67 39.67
CA GLU C 305 13.06 -16.77 40.74
C GLU C 305 13.74 -15.44 41.04
N LYS C 306 13.63 -14.44 40.17
CA LYS C 306 14.25 -13.15 40.46
C LYS C 306 13.37 -12.28 41.37
N LYS C 307 12.07 -12.60 41.46
CA LYS C 307 11.11 -11.89 42.30
C LYS C 307 11.33 -10.37 42.30
N LEU C 308 11.47 -9.80 41.09
CA LEU C 308 11.73 -8.37 40.98
C LEU C 308 10.47 -7.55 41.19
N ASN C 309 9.31 -8.07 40.77
CA ASN C 309 8.04 -7.34 40.80
C ASN C 309 7.03 -7.98 41.75
N THR C 310 7.48 -8.89 42.62
CA THR C 310 6.59 -9.60 43.52
C THR C 310 6.89 -9.38 44.99
N LYS C 311 8.05 -8.83 45.34
CA LYS C 311 8.43 -8.58 46.72
C LYS C 311 9.09 -7.22 46.82
N PRO C 312 9.13 -6.62 48.01
CA PRO C 312 9.82 -5.33 48.17
C PRO C 312 11.28 -5.44 47.77
N GLN C 313 11.71 -4.55 46.90
CA GLN C 313 13.06 -4.53 46.36
C GLN C 313 13.64 -3.13 46.44
N PRO C 314 14.96 -3.01 46.41
CA PRO C 314 15.57 -1.67 46.31
C PRO C 314 15.21 -1.02 44.99
N GLN C 315 14.80 0.24 45.06
CA GLN C 315 14.29 0.95 43.88
C GLN C 315 15.40 1.73 43.19
N LYS C 316 15.23 1.93 41.88
CA LYS C 316 16.14 2.76 41.09
C LYS C 316 15.61 4.19 41.09
N TRP C 317 16.37 5.09 41.71
CA TRP C 317 15.97 6.50 41.82
C TRP C 317 16.61 7.28 40.69
N CYS C 318 15.82 7.55 39.64
CA CYS C 318 16.33 8.18 38.44
C CYS C 318 16.79 9.60 38.74
N THR C 319 17.77 10.06 37.96
CA THR C 319 18.15 11.46 37.95
C THR C 319 17.27 12.23 36.97
N GLN C 320 17.43 13.55 36.95
CA GLN C 320 16.68 14.35 36.00
C GLN C 320 17.05 14.00 34.56
N ALA C 321 18.32 13.68 34.32
CA ALA C 321 18.75 13.34 32.96
C ALA C 321 18.27 11.95 32.55
N GLU C 322 18.29 10.98 33.47
CA GLU C 322 17.79 9.66 33.15
C GLU C 322 16.30 9.69 32.86
N ARG C 323 15.55 10.53 33.59
CA ARG C 323 14.14 10.73 33.28
C ARG C 323 13.95 11.36 31.91
N GLN C 324 14.81 12.32 31.55
CA GLN C 324 14.70 12.97 30.26
C GLN C 324 15.03 12.01 29.11
N LEU C 325 16.02 11.15 29.32
CA LEU C 325 16.41 10.19 28.28
C LEU C 325 15.24 9.28 27.93
N ALA C 326 14.53 8.76 28.94
CA ALA C 326 13.41 7.87 28.68
C ALA C 326 12.29 8.56 27.91
N TYR C 327 12.08 9.86 28.16
CA TYR C 327 11.08 10.58 27.39
C TYR C 327 11.57 10.85 25.97
N ASP C 328 12.88 11.01 25.79
CA ASP C 328 13.43 11.28 24.47
C ASP C 328 13.49 10.04 23.59
N ASN C 329 13.74 8.86 24.19
CA ASN C 329 14.00 7.65 23.42
C ASN C 329 12.82 6.70 23.36
N TYR C 330 11.60 7.19 23.64
CA TYR C 330 10.33 6.47 23.55
C TYR C 330 10.10 5.49 24.70
N GLU C 331 10.95 5.47 25.72
CA GLU C 331 10.71 4.57 26.85
C GLU C 331 9.68 5.12 27.83
N THR C 332 9.38 6.40 27.81
CA THR C 332 8.34 7.00 28.63
C THR C 332 7.34 7.68 27.69
N THR C 333 6.16 7.08 27.55
CA THR C 333 5.14 7.61 26.66
C THR C 333 3.85 7.87 27.44
N ASP C 334 3.01 8.72 26.87
CA ASP C 334 1.74 9.08 27.49
C ASP C 334 0.76 7.93 27.34
N ASP C 335 0.79 6.98 28.28
CA ASP C 335 0.04 5.74 28.13
C ASP C 335 -1.32 5.77 28.82
N HIS C 336 -1.35 6.13 30.11
CA HIS C 336 -2.52 5.84 30.93
C HIS C 336 -2.76 7.00 31.89
N GLY C 337 -4.02 7.24 32.20
CA GLY C 337 -4.40 8.24 33.18
C GLY C 337 -5.09 7.63 34.38
N MET C 338 -4.64 8.00 35.58
CA MET C 338 -5.17 7.44 36.82
C MET C 338 -5.29 8.55 37.86
N GLN C 339 -5.66 8.17 39.07
CA GLN C 339 -5.79 9.11 40.19
C GLN C 339 -5.01 8.61 41.38
N ILE C 340 -4.12 9.45 41.91
CA ILE C 340 -3.41 9.19 43.16
C ILE C 340 -4.17 9.88 44.28
N TYR C 341 -4.50 9.12 45.33
CA TYR C 341 -5.29 9.64 46.42
C TYR C 341 -4.72 9.33 47.80
N GLY C 342 -3.61 8.61 47.89
CA GLY C 342 -3.07 8.27 49.20
C GLY C 342 -1.63 7.82 49.13
N ILE C 343 -1.06 7.62 50.31
CA ILE C 343 0.30 7.14 50.47
C ILE C 343 0.27 5.90 51.36
N ALA C 344 1.06 4.89 50.98
CA ALA C 344 1.15 3.66 51.75
C ALA C 344 2.60 3.22 51.83
N LYS C 345 2.86 2.28 52.74
CA LYS C 345 4.18 1.69 52.91
C LYS C 345 4.05 0.17 52.91
N ASP C 346 5.16 -0.50 52.57
CA ASP C 346 5.23 -1.94 52.61
C ASP C 346 5.86 -2.41 53.91
N GLN C 347 6.10 -3.72 54.03
CA GLN C 347 6.65 -4.27 55.26
C GLN C 347 8.06 -3.77 55.54
N GLU C 348 8.81 -3.40 54.50
CA GLU C 348 10.17 -2.91 54.68
C GLU C 348 10.26 -1.39 54.75
N GLY C 349 9.14 -0.69 54.65
CA GLY C 349 9.14 0.75 54.78
C GLY C 349 9.24 1.53 53.49
N ASN C 350 9.26 0.86 52.33
CA ASN C 350 9.29 1.57 51.07
C ASN C 350 7.99 2.32 50.85
N GLU C 351 8.08 3.52 50.28
CA GLU C 351 6.92 4.38 50.12
C GLU C 351 6.25 4.14 48.77
N TYR C 352 4.92 4.12 48.78
CA TYR C 352 4.12 3.93 47.58
C TYR C 352 3.01 4.96 47.54
N TYR C 353 2.54 5.26 46.33
CA TYR C 353 1.34 6.04 46.12
C TYR C 353 0.17 5.13 45.81
N MET C 354 -0.97 5.43 46.41
CA MET C 354 -2.19 4.64 46.22
C MET C 354 -2.92 5.16 44.99
N VAL C 355 -3.14 4.27 44.02
CA VAL C 355 -3.65 4.63 42.71
C VAL C 355 -5.02 4.00 42.51
N LYS C 356 -5.98 4.82 42.08
CA LYS C 356 -7.32 4.35 41.71
C LYS C 356 -7.36 4.20 40.19
N ASN C 357 -7.42 2.96 39.72
CA ASN C 357 -7.46 2.67 38.30
C ASN C 357 -8.91 2.66 37.81
N SER C 358 -9.09 2.44 36.52
CA SER C 358 -10.41 2.41 35.89
C SER C 358 -10.59 1.13 35.07
N TRP C 359 -10.12 0.01 35.62
CA TRP C 359 -10.23 -1.30 34.97
C TRP C 359 -11.18 -2.23 35.71
N GLY C 360 -12.14 -1.69 36.45
CA GLY C 360 -13.03 -2.52 37.23
C GLY C 360 -12.39 -2.96 38.54
N THR C 361 -13.12 -3.81 39.25
CA THR C 361 -12.72 -4.25 40.58
C THR C 361 -12.22 -5.69 40.60
N ASN C 362 -11.97 -6.28 39.42
CA ASN C 362 -11.51 -7.66 39.30
C ASN C 362 -9.98 -7.72 39.32
N SER C 363 -9.41 -7.22 40.41
CA SER C 363 -7.96 -7.23 40.59
C SER C 363 -7.63 -7.59 42.04
N LYS C 364 -6.33 -7.67 42.33
CA LYS C 364 -5.88 -8.11 43.64
C LYS C 364 -6.38 -7.19 44.73
N TYR C 365 -6.35 -5.88 44.48
CA TYR C 365 -6.80 -4.87 45.44
C TYR C 365 -8.09 -4.20 44.98
N ASN C 366 -8.88 -4.91 44.17
CA ASN C 366 -10.19 -4.44 43.71
C ASN C 366 -10.08 -3.12 42.94
N GLY C 367 -9.17 -3.10 41.97
CA GLY C 367 -8.99 -1.94 41.13
C GLY C 367 -8.04 -0.89 41.66
N ILE C 368 -7.38 -1.15 42.78
CA ILE C 368 -6.44 -0.19 43.38
C ILE C 368 -5.03 -0.65 43.07
N TRP C 369 -4.16 0.29 42.73
CA TRP C 369 -2.76 0.01 42.44
C TRP C 369 -1.87 0.71 43.45
N TYR C 370 -0.73 0.09 43.73
CA TYR C 370 0.31 0.67 44.58
C TYR C 370 1.52 0.95 43.71
N ALA C 371 1.78 2.23 43.48
CA ALA C 371 2.89 2.68 42.64
C ALA C 371 3.97 3.26 43.53
N SER C 372 5.17 2.68 43.48
CA SER C 372 6.26 3.17 44.31
C SER C 372 6.63 4.60 43.93
N LYS C 373 7.16 5.34 44.91
CA LYS C 373 7.55 6.72 44.64
C LYS C 373 8.64 6.80 43.58
N ALA C 374 9.50 5.77 43.50
CA ALA C 374 10.54 5.74 42.46
C ALA C 374 9.93 5.58 41.08
N PHE C 375 8.90 4.73 40.96
CA PHE C 375 8.22 4.56 39.67
C PHE C 375 7.57 5.87 39.25
N VAL C 376 6.87 6.53 40.19
CA VAL C 376 6.19 7.78 39.87
C VAL C 376 7.19 8.85 39.46
N ARG C 377 8.34 8.90 40.15
CA ARG C 377 9.35 9.89 39.81
C ARG C 377 9.88 9.68 38.39
N TYR C 378 9.96 8.42 37.94
CA TYR C 378 10.57 8.08 36.66
C TYR C 378 9.58 8.13 35.49
N LYS C 379 8.35 7.64 35.69
CA LYS C 379 7.45 7.37 34.58
C LYS C 379 6.25 8.33 34.49
N THR C 380 6.21 9.37 35.33
CA THR C 380 5.09 10.31 35.26
C THR C 380 5.24 11.23 34.07
N MET C 381 4.16 11.34 33.28
CA MET C 381 4.15 12.29 32.17
C MET C 381 3.75 13.68 32.64
N ASN C 382 2.62 13.78 33.32
CA ASN C 382 2.15 15.04 33.86
C ASN C 382 1.08 14.76 34.92
N ILE C 383 0.80 15.77 35.74
CA ILE C 383 -0.23 15.66 36.76
C ILE C 383 -1.08 16.93 36.76
N VAL C 384 -2.29 16.80 37.27
CA VAL C 384 -3.19 17.93 37.48
C VAL C 384 -3.65 17.92 38.92
N VAL C 385 -3.48 19.05 39.61
CA VAL C 385 -3.93 19.22 40.98
C VAL C 385 -4.59 20.59 41.11
N HIS C 386 -5.33 20.77 42.21
CA HIS C 386 -5.83 22.08 42.56
C HIS C 386 -4.67 22.99 42.95
N LYS C 387 -4.82 24.28 42.64
CA LYS C 387 -3.76 25.24 42.95
C LYS C 387 -3.38 25.24 44.43
N ASP C 388 -4.37 25.12 45.32
CA ASP C 388 -4.11 25.16 46.75
C ASP C 388 -3.38 23.92 47.25
N ALA C 389 -3.22 22.90 46.41
CA ALA C 389 -2.40 21.75 46.75
C ALA C 389 -0.91 22.00 46.57
N LEU C 390 -0.54 23.12 45.94
CA LEU C 390 0.87 23.47 45.74
C LEU C 390 1.45 24.07 47.01
N PRO C 391 2.69 23.71 47.36
CA PRO C 391 3.37 24.42 48.45
C PRO C 391 3.53 25.89 48.11
N LYS C 392 3.56 26.72 49.16
CA LYS C 392 3.60 28.16 48.95
C LYS C 392 4.86 28.59 48.20
N ALA C 393 6.00 27.96 48.52
CA ALA C 393 7.25 28.32 47.86
C ALA C 393 7.21 27.94 46.38
N ILE C 394 6.71 26.76 46.05
CA ILE C 394 6.62 26.33 44.66
C ILE C 394 5.59 27.17 43.92
N LYS C 395 4.46 27.48 44.58
CA LYS C 395 3.46 28.34 43.97
C LYS C 395 4.04 29.71 43.61
N ALA C 396 4.95 30.22 44.45
CA ALA C 396 5.54 31.52 44.18
C ALA C 396 6.49 31.47 43.00
N LYS C 397 7.27 30.39 42.89
CA LYS C 397 8.22 30.27 41.77
C LYS C 397 7.50 30.22 40.44
N LEU C 398 6.29 29.66 40.41
CA LEU C 398 5.50 29.56 39.19
C LEU C 398 4.65 30.80 38.93
N GLY C 399 4.56 31.72 39.88
CA GLY C 399 3.73 32.89 39.72
C GLY C 399 2.25 32.63 39.86
N ILE C 400 1.87 31.66 40.69
CA ILE C 400 0.48 31.29 40.87
C ILE C 400 -0.07 31.89 42.16
N GLY D 29 -21.71 18.19 -42.21
CA GLY D 29 -22.41 18.00 -40.96
C GLY D 29 -23.56 17.03 -41.03
N PHE D 30 -24.34 16.95 -39.95
CA PHE D 30 -25.50 16.07 -39.87
C PHE D 30 -26.78 16.89 -40.02
N VAL D 31 -27.74 16.34 -40.75
CA VAL D 31 -29.08 16.91 -40.87
C VAL D 31 -30.06 15.78 -40.62
N PHE D 32 -30.74 15.83 -39.48
CA PHE D 32 -31.60 14.74 -39.04
C PHE D 32 -33.07 15.06 -39.32
N THR D 33 -33.83 14.03 -39.69
CA THR D 33 -35.26 14.16 -39.95
C THR D 33 -35.98 13.09 -39.16
N THR D 34 -36.86 13.51 -38.26
CA THR D 34 -37.59 12.57 -37.41
C THR D 34 -38.53 11.72 -38.26
N VAL D 35 -38.44 10.40 -38.10
CA VAL D 35 -39.38 9.48 -38.74
C VAL D 35 -40.57 9.21 -37.84
N LYS D 36 -40.33 8.86 -36.58
CA LYS D 36 -41.38 8.74 -35.57
C LYS D 36 -40.76 8.92 -34.20
N GLU D 37 -41.48 9.60 -33.31
CA GLU D 37 -41.06 9.75 -31.93
C GLU D 37 -42.27 9.69 -31.01
N ASN D 38 -42.04 9.21 -29.80
CA ASN D 38 -43.08 9.02 -28.79
C ASN D 38 -42.92 10.04 -27.65
N PRO D 39 -44.00 10.35 -26.93
CA PRO D 39 -43.93 11.43 -25.93
C PRO D 39 -42.94 11.14 -24.82
N ILE D 40 -42.19 12.18 -24.45
CA ILE D 40 -41.23 12.13 -23.35
C ILE D 40 -41.41 13.38 -22.48
N THR D 41 -40.81 13.33 -21.30
CA THR D 41 -40.81 14.48 -20.40
C THR D 41 -39.57 15.33 -20.66
N SER D 42 -39.35 16.35 -19.83
CA SER D 42 -38.25 17.27 -20.03
C SER D 42 -36.91 16.60 -19.75
N VAL D 43 -35.86 17.11 -20.40
CA VAL D 43 -34.52 16.59 -20.18
C VAL D 43 -34.03 17.00 -18.81
N LYS D 44 -33.55 16.03 -18.04
CA LYS D 44 -33.05 16.26 -16.69
C LYS D 44 -31.52 16.35 -16.69
N ASN D 45 -30.96 16.65 -15.51
CA ASN D 45 -29.52 16.82 -15.36
C ASN D 45 -29.06 16.10 -14.11
N GLN D 46 -28.33 14.99 -14.28
CA GLN D 46 -27.79 14.27 -13.13
C GLN D 46 -26.60 14.97 -12.50
N ASN D 47 -25.93 15.84 -13.26
CA ASN D 47 -24.80 16.67 -12.78
C ASN D 47 -23.70 15.75 -12.25
N ARG D 48 -23.13 16.03 -11.07
CA ARG D 48 -21.93 15.32 -10.60
C ARG D 48 -22.35 14.16 -9.69
N ALA D 49 -22.98 13.18 -10.31
CA ALA D 49 -23.37 11.96 -9.61
C ALA D 49 -23.58 10.86 -10.64
N GLY D 50 -23.22 9.63 -10.26
CA GLY D 50 -23.37 8.50 -11.15
C GLY D 50 -24.76 7.89 -11.11
N THR D 51 -25.78 8.73 -11.22
CA THR D 51 -27.17 8.33 -11.05
C THR D 51 -27.92 8.23 -12.38
N CYS D 52 -27.19 8.03 -13.49
CA CYS D 52 -27.85 7.93 -14.80
C CYS D 52 -28.84 6.78 -14.85
N TRP D 53 -28.57 5.71 -14.11
CA TRP D 53 -29.48 4.56 -14.10
C TRP D 53 -30.85 4.95 -13.57
N CYS D 54 -30.90 5.85 -12.60
CA CYS D 54 -32.19 6.23 -12.03
C CYS D 54 -32.87 7.31 -12.86
N TYR D 55 -32.08 8.26 -13.39
CA TYR D 55 -32.65 9.30 -14.24
C TYR D 55 -33.22 8.72 -15.52
N SER D 56 -32.53 7.75 -16.12
CA SER D 56 -33.05 7.14 -17.35
C SER D 56 -34.24 6.23 -17.05
N SER D 57 -34.21 5.51 -15.91
CA SER D 57 -35.35 4.68 -15.55
C SER D 57 -36.59 5.52 -15.33
N TYR D 58 -36.45 6.70 -14.72
CA TYR D 58 -37.61 7.53 -14.47
C TYR D 58 -38.07 8.27 -15.72
N SER D 59 -37.15 8.66 -16.60
CA SER D 59 -37.56 9.12 -17.92
C SER D 59 -38.35 8.05 -18.65
N PHE D 60 -37.94 6.78 -18.48
CA PHE D 60 -38.68 5.68 -19.10
C PHE D 60 -40.05 5.51 -18.44
N LEU D 61 -40.09 5.46 -17.11
CA LEU D 61 -41.36 5.27 -16.41
C LEU D 61 -42.30 6.45 -16.61
N GLU D 62 -41.77 7.67 -16.79
CA GLU D 62 -42.64 8.81 -17.03
C GLU D 62 -43.25 8.75 -18.42
N SER D 63 -42.51 8.28 -19.42
CA SER D 63 -43.11 8.05 -20.73
C SER D 63 -44.15 6.94 -20.69
N GLU D 64 -43.95 5.95 -19.82
CA GLU D 64 -44.94 4.90 -19.65
C GLU D 64 -46.23 5.46 -19.04
N LEU D 65 -46.09 6.39 -18.09
CA LEU D 65 -47.27 7.01 -17.50
C LEU D 65 -47.99 7.92 -18.50
N LEU D 66 -47.23 8.63 -19.35
CA LEU D 66 -47.87 9.39 -20.42
C LEU D 66 -48.60 8.47 -21.39
N ARG D 67 -47.97 7.35 -21.77
CA ARG D 67 -48.58 6.43 -22.71
C ARG D 67 -49.84 5.79 -22.12
N MET D 68 -49.84 5.53 -20.83
CA MET D 68 -50.99 4.93 -20.14
C MET D 68 -52.05 5.95 -19.75
N GLY D 69 -51.94 7.18 -20.22
CA GLY D 69 -52.95 8.19 -19.95
C GLY D 69 -53.01 8.70 -18.52
N LYS D 70 -51.91 8.59 -17.77
CA LYS D 70 -51.87 9.02 -16.38
C LYS D 70 -51.35 10.44 -16.21
N GLY D 71 -50.88 11.07 -17.28
CA GLY D 71 -50.34 12.41 -17.22
C GLY D 71 -48.83 12.44 -17.03
N GLU D 72 -48.30 13.66 -16.90
CA GLU D 72 -46.87 13.83 -16.71
C GLU D 72 -46.53 13.83 -15.23
N TYR D 73 -45.48 13.08 -14.89
CA TYR D 73 -44.98 13.00 -13.53
C TYR D 73 -43.54 13.48 -13.50
N ASP D 74 -43.09 13.89 -12.32
CA ASP D 74 -41.70 14.24 -12.08
C ASP D 74 -41.30 13.50 -10.80
N LEU D 75 -40.85 12.26 -10.98
CA LEU D 75 -40.51 11.40 -9.85
C LEU D 75 -39.15 11.77 -9.30
N SER D 76 -38.98 11.59 -8.00
CA SER D 76 -37.75 11.96 -7.31
C SER D 76 -36.74 10.83 -7.46
N GLU D 77 -35.65 11.08 -8.20
CA GLU D 77 -34.58 10.10 -8.28
C GLU D 77 -33.85 9.97 -6.95
N MET D 78 -33.72 11.07 -6.20
CA MET D 78 -32.96 11.03 -4.96
C MET D 78 -33.62 10.10 -3.94
N PHE D 79 -34.94 9.94 -4.01
CA PHE D 79 -35.61 8.99 -3.12
C PHE D 79 -35.16 7.56 -3.44
N THR D 80 -35.20 7.18 -4.72
CA THR D 80 -34.79 5.83 -5.09
C THR D 80 -33.30 5.64 -4.94
N VAL D 81 -32.52 6.67 -5.28
CA VAL D 81 -31.07 6.63 -5.09
C VAL D 81 -30.73 6.41 -3.62
N TYR D 82 -31.44 7.10 -2.73
CA TYR D 82 -31.20 6.94 -1.30
C TYR D 82 -31.42 5.49 -0.86
N ASN D 83 -32.57 4.92 -1.21
CA ASN D 83 -32.89 3.57 -0.76
C ASN D 83 -32.02 2.52 -1.45
N THR D 84 -31.65 2.74 -2.71
CA THR D 84 -30.80 1.78 -3.40
C THR D 84 -29.42 1.70 -2.76
N TYR D 85 -28.84 2.85 -2.38
CA TYR D 85 -27.51 2.83 -1.77
C TYR D 85 -27.52 2.11 -0.43
N LEU D 86 -28.61 2.22 0.33
CA LEU D 86 -28.68 1.48 1.59
C LEU D 86 -28.69 -0.02 1.35
N ASP D 87 -29.40 -0.46 0.30
CA ASP D 87 -29.40 -1.88 -0.05
C ASP D 87 -28.04 -2.31 -0.60
N ARG D 88 -27.39 -1.44 -1.38
CA ARG D 88 -26.08 -1.80 -1.93
C ARG D 88 -25.03 -1.87 -0.83
N ALA D 89 -25.13 -1.00 0.17
CA ALA D 89 -24.22 -1.10 1.31
C ALA D 89 -24.41 -2.41 2.05
N ASP D 90 -25.67 -2.82 2.22
CA ASP D 90 -25.96 -4.10 2.86
C ASP D 90 -25.40 -5.25 2.04
N ALA D 91 -25.53 -5.17 0.71
CA ALA D 91 -25.01 -6.22 -0.16
C ALA D 91 -23.48 -6.30 -0.05
N ALA D 92 -22.82 -5.13 0.05
CA ALA D 92 -21.37 -5.12 0.20
C ALA D 92 -20.95 -5.74 1.53
N VAL D 93 -21.71 -5.48 2.59
CA VAL D 93 -21.35 -6.00 3.90
C VAL D 93 -21.60 -7.51 3.98
N ARG D 94 -22.73 -7.96 3.42
CA ARG D 94 -23.03 -9.39 3.45
C ARG D 94 -22.01 -10.20 2.68
N THR D 95 -21.50 -9.66 1.57
CA THR D 95 -20.50 -10.34 0.76
C THR D 95 -19.08 -9.95 1.15
N HIS D 96 -18.90 -9.30 2.31
CA HIS D 96 -17.59 -8.95 2.83
C HIS D 96 -16.77 -8.18 1.79
N GLY D 97 -17.44 -7.28 1.08
CA GLY D 97 -16.78 -6.40 0.14
C GLY D 97 -16.76 -6.86 -1.30
N ASP D 98 -17.28 -8.05 -1.60
CA ASP D 98 -17.30 -8.51 -2.99
C ASP D 98 -18.17 -7.62 -3.85
N VAL D 99 -19.42 -7.39 -3.43
CA VAL D 99 -20.26 -6.40 -4.10
C VAL D 99 -19.65 -5.03 -3.86
N SER D 100 -19.18 -4.39 -4.93
CA SER D 100 -18.61 -3.05 -4.80
C SER D 100 -19.69 -2.04 -4.44
N PHE D 101 -19.31 -1.06 -3.63
CA PHE D 101 -20.22 0.00 -3.21
C PHE D 101 -19.83 1.28 -3.96
N SER D 102 -20.64 1.63 -4.97
CA SER D 102 -20.39 2.81 -5.78
C SER D 102 -21.73 3.44 -6.15
N GLN D 103 -21.67 4.48 -6.97
CA GLN D 103 -22.86 5.28 -7.26
C GLN D 103 -23.76 4.67 -8.34
N GLY D 104 -23.25 3.72 -9.11
CA GLY D 104 -23.99 3.19 -10.25
C GLY D 104 -25.20 2.37 -9.84
N GLY D 105 -25.88 1.86 -10.87
CA GLY D 105 -27.06 1.07 -10.65
C GLY D 105 -27.58 0.53 -11.97
N SER D 106 -28.81 0.01 -11.92
CA SER D 106 -29.42 -0.61 -13.09
C SER D 106 -30.88 -0.20 -13.19
N PHE D 107 -31.49 -0.51 -14.34
CA PHE D 107 -32.92 -0.28 -14.51
C PHE D 107 -33.72 -1.11 -13.53
N TYR D 108 -33.23 -2.32 -13.20
CA TYR D 108 -33.94 -3.16 -12.24
C TYR D 108 -33.94 -2.55 -10.85
N ASP D 109 -32.92 -1.76 -10.51
CA ASP D 109 -32.91 -1.06 -9.22
C ASP D 109 -34.14 -0.19 -9.06
N ALA D 110 -34.56 0.49 -10.13
CA ALA D 110 -35.76 1.33 -10.05
C ALA D 110 -37.02 0.49 -10.10
N LEU D 111 -37.06 -0.54 -10.95
CA LEU D 111 -38.22 -1.42 -11.00
C LEU D 111 -38.41 -2.14 -9.67
N TYR D 112 -37.32 -2.62 -9.08
CA TYR D 112 -37.39 -3.17 -7.73
C TYR D 112 -37.73 -2.08 -6.73
N GLY D 113 -37.21 -0.86 -6.95
CA GLY D 113 -37.37 0.19 -5.97
C GLY D 113 -38.81 0.65 -5.80
N MET D 114 -39.52 0.83 -6.92
CA MET D 114 -40.89 1.31 -6.84
C MET D 114 -41.82 0.31 -6.17
N GLU D 115 -41.55 -0.99 -6.34
CA GLU D 115 -42.34 -2.01 -5.66
C GLU D 115 -42.01 -2.11 -4.18
N THR D 116 -40.75 -1.88 -3.81
CA THR D 116 -40.30 -2.06 -2.44
C THR D 116 -40.37 -0.77 -1.64
N PHE D 117 -39.84 0.33 -2.18
CA PHE D 117 -39.81 1.61 -1.49
C PHE D 117 -40.94 2.54 -1.88
N GLY D 118 -41.45 2.44 -3.10
CA GLY D 118 -42.47 3.34 -3.59
C GLY D 118 -41.89 4.46 -4.43
N LEU D 119 -42.71 5.49 -4.63
CA LEU D 119 -42.32 6.65 -5.41
C LEU D 119 -42.76 7.91 -4.67
N VAL D 120 -41.97 8.98 -4.82
CA VAL D 120 -42.36 10.29 -4.32
C VAL D 120 -42.09 11.31 -5.43
N PRO D 121 -42.83 12.41 -5.50
CA PRO D 121 -42.56 13.43 -6.52
C PRO D 121 -41.25 14.15 -6.27
N GLU D 122 -40.75 14.79 -7.34
CA GLU D 122 -39.44 15.45 -7.29
C GLU D 122 -39.36 16.46 -6.16
N GLU D 123 -40.45 17.16 -5.87
CA GLU D 123 -40.44 18.24 -4.89
C GLU D 123 -40.18 17.75 -3.48
N GLU D 124 -40.44 16.48 -3.17
CA GLU D 124 -40.29 16.00 -1.80
C GLU D 124 -38.85 15.66 -1.43
N MET D 125 -37.99 15.44 -2.42
CA MET D 125 -36.57 15.21 -2.16
C MET D 125 -35.79 15.66 -3.41
N ARG D 126 -35.37 16.92 -3.41
CA ARG D 126 -34.71 17.52 -4.55
C ARG D 126 -33.20 17.31 -4.47
N PRO D 127 -32.52 17.30 -5.62
CA PRO D 127 -31.06 17.20 -5.61
C PRO D 127 -30.42 18.47 -5.06
N GLY D 128 -29.39 18.29 -4.23
CA GLY D 128 -28.59 19.39 -3.75
C GLY D 128 -29.20 20.24 -2.66
N MET D 129 -30.43 19.95 -2.23
CA MET D 129 -31.09 20.81 -1.24
C MET D 129 -30.35 20.84 0.10
N MET D 130 -29.55 19.82 0.40
CA MET D 130 -28.88 19.74 1.69
C MET D 130 -27.57 20.52 1.74
N TYR D 131 -26.96 20.81 0.59
CA TYR D 131 -25.74 21.59 0.53
C TYR D 131 -25.93 22.83 -0.33
N ALA D 132 -27.12 23.43 -0.25
CA ALA D 132 -27.39 24.75 -0.82
C ALA D 132 -27.15 24.78 -2.34
N ASP D 133 -27.58 23.73 -3.02
CA ASP D 133 -27.48 23.63 -4.48
C ASP D 133 -28.82 23.16 -5.04
N THR D 134 -28.90 23.11 -6.36
CA THR D 134 -30.07 22.58 -7.03
C THR D 134 -29.76 21.38 -7.91
N LEU D 135 -28.50 21.00 -8.05
CA LEU D 135 -28.08 19.82 -8.80
C LEU D 135 -27.17 18.98 -7.92
N SER D 136 -27.07 17.70 -8.26
CA SER D 136 -26.35 16.75 -7.40
C SER D 136 -24.84 16.94 -7.48
N ASN D 137 -24.19 16.79 -6.33
CA ASN D 137 -22.72 16.66 -6.22
C ASN D 137 -22.48 15.69 -5.07
N HIS D 138 -22.34 14.41 -5.40
CA HIS D 138 -22.27 13.35 -4.41
C HIS D 138 -20.84 12.89 -4.14
N THR D 139 -19.84 13.70 -4.51
CA THR D 139 -18.46 13.28 -4.34
C THR D 139 -18.10 13.15 -2.85
N GLU D 140 -18.50 14.13 -2.05
CA GLU D 140 -18.22 14.07 -0.62
C GLU D 140 -19.04 12.97 0.05
N LEU D 141 -20.30 12.83 -0.34
CA LEU D 141 -21.14 11.75 0.19
C LEU D 141 -20.51 10.39 -0.10
N SER D 142 -20.00 10.20 -1.32
CA SER D 142 -19.35 8.94 -1.66
C SER D 142 -18.07 8.76 -0.85
N ALA D 143 -17.29 9.83 -0.69
CA ALA D 143 -16.05 9.74 0.08
C ALA D 143 -16.29 9.22 1.49
N LEU D 144 -17.35 9.70 2.15
CA LEU D 144 -17.64 9.24 3.49
C LEU D 144 -18.19 7.82 3.49
N THR D 145 -19.23 7.56 2.68
CA THR D 145 -19.92 6.28 2.76
C THR D 145 -19.07 5.14 2.21
N ASP D 146 -18.25 5.39 1.18
CA ASP D 146 -17.33 4.35 0.71
C ASP D 146 -16.39 3.92 1.83
N ALA D 147 -15.89 4.88 2.60
CA ALA D 147 -15.00 4.56 3.71
C ALA D 147 -15.74 3.83 4.83
N MET D 148 -17.01 4.18 5.06
CA MET D 148 -17.78 3.53 6.12
C MET D 148 -18.08 2.09 5.77
N VAL D 149 -18.57 1.85 4.55
CA VAL D 149 -18.91 0.48 4.14
C VAL D 149 -17.65 -0.38 4.10
N ALA D 150 -16.54 0.18 3.63
CA ALA D 150 -15.30 -0.59 3.58
C ALA D 150 -14.77 -0.90 4.98
N ALA D 151 -14.97 0.01 5.94
CA ALA D 151 -14.53 -0.26 7.31
C ALA D 151 -15.30 -1.42 7.93
N ILE D 152 -16.54 -1.63 7.48
CA ILE D 152 -17.34 -2.75 7.95
C ILE D 152 -17.11 -4.00 7.09
N ALA D 153 -17.24 -3.85 5.78
CA ALA D 153 -17.24 -5.02 4.89
C ALA D 153 -15.85 -5.63 4.73
N LYS D 154 -14.81 -4.79 4.67
CA LYS D 154 -13.45 -5.26 4.43
C LYS D 154 -12.55 -5.08 5.63
N GLY D 155 -13.09 -4.80 6.80
CA GLY D 155 -12.30 -4.58 8.00
C GLY D 155 -12.04 -5.86 8.76
N LYS D 156 -11.60 -5.69 10.00
CA LYS D 156 -11.24 -6.82 10.86
C LYS D 156 -12.30 -7.09 11.92
N LEU D 157 -13.45 -6.42 11.86
CA LEU D 157 -14.50 -6.62 12.85
C LEU D 157 -15.06 -8.03 12.73
N ARG D 158 -15.09 -8.74 13.87
CA ARG D 158 -15.60 -10.09 13.90
C ARG D 158 -17.06 -10.17 14.34
N LYS D 159 -17.57 -9.16 15.03
CA LYS D 159 -18.96 -9.16 15.48
C LYS D 159 -19.48 -7.73 15.44
N LEU D 160 -20.42 -7.47 14.54
CA LEU D 160 -21.01 -6.14 14.39
C LEU D 160 -22.05 -5.87 15.48
N GLN D 161 -22.14 -4.62 15.91
CA GLN D 161 -22.97 -4.27 17.05
C GLN D 161 -24.42 -4.06 16.65
N SER D 162 -25.32 -4.36 17.58
CA SER D 162 -26.77 -4.23 17.37
C SER D 162 -27.43 -3.78 18.66
N ASP D 163 -28.62 -3.19 18.53
CA ASP D 163 -29.33 -2.67 19.68
C ASP D 163 -30.20 -3.77 20.31
N GLU D 164 -31.10 -3.36 21.21
CA GLU D 164 -31.96 -4.31 21.89
C GLU D 164 -32.96 -4.99 20.96
N ASN D 165 -33.23 -4.40 19.80
CA ASN D 165 -34.15 -4.97 18.82
C ASN D 165 -33.43 -5.63 17.66
N ASN D 166 -32.15 -5.97 17.85
CA ASN D 166 -31.35 -6.66 16.84
C ASN D 166 -31.20 -5.85 15.55
N ALA D 167 -31.31 -4.52 15.66
CA ALA D 167 -31.07 -3.64 14.53
C ALA D 167 -29.59 -3.27 14.48
N MET D 168 -28.99 -3.38 13.29
CA MET D 168 -27.57 -3.16 13.15
C MET D 168 -27.23 -1.67 13.26
N LEU D 169 -26.20 -1.36 14.06
CA LEU D 169 -25.84 0.04 14.27
C LEU D 169 -25.16 0.64 13.05
N TRP D 170 -24.37 -0.14 12.30
CA TRP D 170 -23.71 0.43 11.13
C TRP D 170 -24.75 0.84 10.07
N LYS D 171 -25.86 0.12 9.98
CA LYS D 171 -26.92 0.52 9.05
C LYS D 171 -27.54 1.83 9.46
N LYS D 172 -27.68 2.08 10.75
CA LYS D 172 -28.13 3.40 11.21
C LYS D 172 -27.15 4.48 10.80
N ALA D 173 -25.85 4.20 10.92
CA ALA D 173 -24.82 5.20 10.59
C ALA D 173 -24.82 5.51 9.10
N VAL D 174 -24.86 4.48 8.26
CA VAL D 174 -24.86 4.70 6.82
C VAL D 174 -26.13 5.41 6.38
N ALA D 175 -27.26 5.08 7.01
CA ALA D 175 -28.50 5.76 6.68
C ALA D 175 -28.48 7.22 7.14
N ALA D 176 -27.91 7.47 8.32
CA ALA D 176 -27.89 8.84 8.83
C ALA D 176 -27.05 9.75 7.94
N VAL D 177 -25.91 9.25 7.46
CA VAL D 177 -25.04 10.06 6.61
C VAL D 177 -25.70 10.32 5.25
N HIS D 178 -26.39 9.32 4.71
CA HIS D 178 -27.09 9.50 3.43
C HIS D 178 -28.18 10.56 3.55
N GLN D 179 -28.88 10.60 4.69
CA GLN D 179 -29.92 11.60 4.88
C GLN D 179 -29.34 13.00 5.01
N ILE D 180 -28.13 13.12 5.56
CA ILE D 180 -27.51 14.43 5.73
C ILE D 180 -27.16 15.05 4.37
N TYR D 181 -26.80 14.23 3.39
CA TYR D 181 -26.40 14.74 2.07
C TYR D 181 -27.51 14.67 1.03
N LEU D 182 -28.49 13.77 1.19
CA LEU D 182 -29.56 13.62 0.22
C LEU D 182 -30.91 14.13 0.70
N GLY D 183 -31.12 14.21 2.01
CA GLY D 183 -32.38 14.62 2.57
C GLY D 183 -33.10 13.48 3.28
N VAL D 184 -34.10 13.85 4.06
CA VAL D 184 -34.90 12.89 4.81
C VAL D 184 -36.03 12.37 3.93
N PRO D 185 -36.20 11.06 3.80
CA PRO D 185 -37.31 10.52 3.00
C PRO D 185 -38.64 10.79 3.67
N PRO D 186 -39.63 11.27 2.92
CA PRO D 186 -40.93 11.57 3.52
C PRO D 186 -41.72 10.30 3.80
N GLU D 187 -42.35 10.25 4.98
CA GLU D 187 -43.30 9.19 5.26
C GLU D 187 -44.69 9.54 4.73
N LYS D 188 -45.06 10.82 4.78
CA LYS D 188 -46.31 11.30 4.23
C LYS D 188 -46.07 12.61 3.51
N PHE D 189 -46.85 12.86 2.46
CA PHE D 189 -46.74 14.10 1.70
C PHE D 189 -48.06 14.34 0.98
N THR D 190 -48.28 15.59 0.57
CA THR D 190 -49.48 15.98 -0.14
C THR D 190 -49.12 16.30 -1.58
N TYR D 191 -49.85 15.70 -2.52
CA TYR D 191 -49.60 15.88 -3.95
C TYR D 191 -50.94 16.08 -4.64
N LYS D 192 -51.14 17.27 -5.20
CA LYS D 192 -52.36 17.61 -5.94
C LYS D 192 -53.61 17.39 -5.10
N GLY D 193 -53.55 17.83 -3.85
CA GLY D 193 -54.71 17.83 -2.97
C GLY D 193 -54.91 16.58 -2.14
N LYS D 194 -54.23 15.48 -2.48
CA LYS D 194 -54.38 14.22 -1.76
C LYS D 194 -53.10 13.91 -1.00
N GLU D 195 -53.25 13.33 0.19
CA GLU D 195 -52.12 12.93 1.00
C GLU D 195 -51.71 11.51 0.66
N TYR D 196 -50.40 11.30 0.50
CA TYR D 196 -49.87 10.01 0.08
C TYR D 196 -48.74 9.58 1.01
N THR D 197 -48.47 8.29 1.00
CA THR D 197 -47.21 7.72 1.43
C THR D 197 -46.43 7.27 0.20
N PRO D 198 -45.12 7.03 0.33
CA PRO D 198 -44.37 6.50 -0.83
C PRO D 198 -44.99 5.25 -1.44
N LYS D 199 -45.54 4.37 -0.60
CA LYS D 199 -46.18 3.16 -1.13
C LYS D 199 -47.50 3.47 -1.82
N SER D 200 -48.35 4.27 -1.18
CA SER D 200 -49.67 4.56 -1.76
C SER D 200 -49.54 5.43 -3.00
N PHE D 201 -48.52 6.30 -3.06
CA PHE D 201 -48.32 7.11 -4.26
C PHE D 201 -47.90 6.24 -5.43
N PHE D 202 -47.09 5.21 -5.18
CA PHE D 202 -46.73 4.26 -6.24
C PHE D 202 -47.96 3.51 -6.73
N GLU D 203 -48.85 3.13 -5.81
CA GLU D 203 -50.06 2.40 -6.20
C GLU D 203 -50.99 3.27 -7.04
N SER D 204 -51.00 4.58 -6.80
CA SER D 204 -51.87 5.47 -7.57
C SER D 204 -51.43 5.59 -9.03
N THR D 205 -50.17 5.29 -9.34
CA THR D 205 -49.71 5.38 -10.72
C THR D 205 -50.14 4.18 -11.56
N GLY D 206 -50.44 3.05 -10.94
CA GLY D 206 -50.80 1.85 -11.67
C GLY D 206 -49.65 1.10 -12.30
N LEU D 207 -48.42 1.52 -12.06
CA LEU D 207 -47.27 0.83 -12.62
C LEU D 207 -47.07 -0.52 -11.93
N LYS D 208 -46.64 -1.50 -12.71
CA LYS D 208 -46.31 -2.83 -12.19
C LYS D 208 -44.96 -3.23 -12.75
N ALA D 209 -44.04 -3.61 -11.85
CA ALA D 209 -42.72 -4.05 -12.30
C ALA D 209 -42.80 -5.31 -13.15
N SER D 210 -43.80 -6.15 -12.91
CA SER D 210 -43.98 -7.37 -13.70
C SER D 210 -44.33 -7.11 -15.15
N ASP D 211 -44.71 -5.88 -15.50
CA ASP D 211 -45.03 -5.54 -16.88
C ASP D 211 -43.79 -5.32 -17.74
N TYR D 212 -42.60 -5.29 -17.15
CA TYR D 212 -41.39 -4.92 -17.84
C TYR D 212 -40.38 -6.05 -17.83
N VAL D 213 -39.67 -6.22 -18.93
CA VAL D 213 -38.69 -7.27 -19.10
C VAL D 213 -37.35 -6.66 -19.52
N SER D 214 -36.27 -7.30 -19.07
CA SER D 214 -34.92 -6.92 -19.47
C SER D 214 -34.46 -7.85 -20.59
N LEU D 215 -33.84 -7.27 -21.62
CA LEU D 215 -33.40 -8.02 -22.79
C LEU D 215 -31.94 -7.73 -23.07
N THR D 216 -31.24 -8.75 -23.57
CA THR D 216 -29.84 -8.62 -23.98
C THR D 216 -29.58 -9.60 -25.11
N SER D 217 -28.34 -9.64 -25.59
CA SER D 217 -27.99 -10.50 -26.72
C SER D 217 -26.53 -10.89 -26.60
N TYR D 218 -26.27 -12.07 -26.05
CA TYR D 218 -24.91 -12.58 -25.91
C TYR D 218 -24.93 -14.09 -26.11
N THR D 219 -23.74 -14.66 -26.35
CA THR D 219 -23.62 -16.08 -26.67
C THR D 219 -23.01 -16.92 -25.54
N HIS D 220 -22.54 -16.31 -24.46
CA HIS D 220 -22.02 -17.10 -23.35
C HIS D 220 -23.15 -17.67 -22.49
N HIS D 221 -24.39 -17.53 -22.92
CA HIS D 221 -25.56 -18.17 -22.36
C HIS D 221 -26.47 -18.57 -23.51
N PRO D 222 -27.29 -19.61 -23.33
CA PRO D 222 -28.19 -20.04 -24.41
C PRO D 222 -29.22 -18.97 -24.74
N PHE D 223 -29.59 -18.91 -26.01
CA PHE D 223 -30.63 -17.98 -26.44
C PHE D 223 -31.98 -18.38 -25.86
N TYR D 224 -32.87 -17.39 -25.72
CA TYR D 224 -34.23 -17.58 -25.24
C TYR D 224 -34.27 -18.10 -23.80
N THR D 225 -33.24 -17.79 -23.01
CA THR D 225 -33.22 -18.09 -21.59
C THR D 225 -32.96 -16.81 -20.81
N GLN D 226 -33.04 -16.92 -19.48
CA GLN D 226 -32.78 -15.81 -18.59
C GLN D 226 -31.48 -16.02 -17.84
N PHE D 227 -30.67 -14.97 -17.73
CA PHE D 227 -29.47 -14.99 -16.93
C PHE D 227 -29.19 -13.59 -16.42
N PRO D 228 -28.55 -13.45 -15.25
CA PRO D 228 -28.19 -12.12 -14.76
C PRO D 228 -26.87 -11.67 -15.38
N LEU D 229 -26.89 -10.46 -15.95
CA LEU D 229 -25.69 -9.92 -16.57
C LEU D 229 -24.56 -9.78 -15.55
N GLU D 230 -23.37 -10.20 -15.95
CA GLU D 230 -22.22 -10.23 -15.04
C GLU D 230 -21.53 -8.86 -15.05
N ILE D 231 -22.26 -7.87 -14.53
CA ILE D 231 -21.76 -6.50 -14.46
C ILE D 231 -21.91 -6.01 -13.03
N GLN D 232 -21.02 -5.07 -12.66
CA GLN D 232 -20.90 -4.68 -11.26
C GLN D 232 -22.18 -4.04 -10.73
N ASP D 233 -22.83 -3.20 -11.53
CA ASP D 233 -24.04 -2.53 -11.08
C ASP D 233 -25.27 -3.43 -11.09
N ASN D 234 -25.13 -4.69 -11.50
CA ASN D 234 -26.22 -5.66 -11.39
C ASN D 234 -26.05 -6.51 -10.13
N TRP D 235 -25.73 -5.87 -9.00
CA TRP D 235 -25.49 -6.60 -7.77
C TRP D 235 -26.76 -7.23 -7.21
N ARG D 236 -27.93 -6.76 -7.62
CA ARG D 236 -29.17 -7.45 -7.29
C ARG D 236 -29.38 -8.71 -8.11
N HIS D 237 -28.58 -8.92 -9.16
CA HIS D 237 -28.64 -10.10 -10.00
C HIS D 237 -29.99 -10.22 -10.69
N GLY D 238 -30.43 -9.12 -11.28
CA GLY D 238 -31.67 -9.14 -12.05
C GLY D 238 -31.50 -9.91 -13.35
N MET D 239 -32.54 -10.63 -13.73
CA MET D 239 -32.48 -11.48 -14.91
C MET D 239 -32.73 -10.69 -16.18
N SER D 240 -32.19 -11.19 -17.29
CA SER D 240 -32.43 -10.63 -18.61
C SER D 240 -32.69 -11.77 -19.58
N TYR D 241 -33.64 -11.56 -20.48
CA TYR D 241 -33.90 -12.53 -21.54
C TYR D 241 -32.85 -12.38 -22.64
N ASN D 242 -32.33 -13.50 -23.11
CA ASN D 242 -31.28 -13.52 -24.11
C ASN D 242 -31.90 -13.77 -25.49
N LEU D 243 -31.65 -12.87 -26.43
CA LEU D 243 -32.17 -12.97 -27.78
C LEU D 243 -31.02 -12.95 -28.79
N PRO D 244 -31.20 -13.61 -29.93
CA PRO D 244 -30.22 -13.43 -31.03
C PRO D 244 -30.20 -11.97 -31.47
N LEU D 245 -29.05 -11.55 -32.00
CA LEU D 245 -28.82 -10.12 -32.24
C LEU D 245 -29.83 -9.53 -33.22
N ASP D 246 -30.20 -10.29 -34.26
CA ASP D 246 -31.16 -9.75 -35.23
C ASP D 246 -32.55 -9.61 -34.62
N GLU D 247 -33.00 -10.62 -33.89
CA GLU D 247 -34.28 -10.51 -33.19
C GLU D 247 -34.23 -9.48 -32.07
N PHE D 248 -33.06 -9.30 -31.46
CA PHE D 248 -32.90 -8.27 -30.43
C PHE D 248 -33.17 -6.89 -31.01
N MET D 249 -32.64 -6.60 -32.20
CA MET D 249 -32.86 -5.30 -32.83
C MET D 249 -34.29 -5.11 -33.33
N GLU D 250 -35.00 -6.20 -33.63
CA GLU D 250 -36.39 -6.07 -34.04
C GLU D 250 -37.26 -5.52 -32.93
N VAL D 251 -36.92 -5.83 -31.67
CA VAL D 251 -37.68 -5.29 -30.54
C VAL D 251 -37.54 -3.77 -30.48
N PHE D 252 -36.37 -3.24 -30.84
CA PHE D 252 -36.18 -1.79 -30.84
C PHE D 252 -37.19 -1.11 -31.76
N ASP D 253 -37.25 -1.54 -33.02
CA ASP D 253 -38.12 -0.89 -33.99
C ASP D 253 -39.59 -1.14 -33.65
N ASN D 254 -39.93 -2.35 -33.21
CA ASN D 254 -41.31 -2.67 -32.89
C ASN D 254 -41.81 -1.85 -31.71
N ALA D 255 -40.95 -1.59 -30.72
CA ALA D 255 -41.35 -0.79 -29.58
C ALA D 255 -41.61 0.66 -29.98
N ILE D 256 -40.70 1.25 -30.75
CA ILE D 256 -40.86 2.64 -31.16
C ILE D 256 -42.05 2.78 -32.09
N ASN D 257 -42.19 1.87 -33.06
CA ASN D 257 -43.25 1.97 -34.05
C ASN D 257 -44.65 1.75 -33.46
N THR D 258 -44.75 1.06 -32.33
CA THR D 258 -46.04 0.84 -31.67
C THR D 258 -46.27 1.79 -30.51
N GLY D 259 -45.46 2.83 -30.37
CA GLY D 259 -45.70 3.89 -29.41
C GLY D 259 -45.00 3.76 -28.07
N TYR D 260 -44.06 2.83 -27.93
CA TYR D 260 -43.35 2.62 -26.68
C TYR D 260 -41.97 3.26 -26.73
N THR D 261 -41.40 3.48 -25.56
CA THR D 261 -40.01 3.92 -25.43
C THR D 261 -39.19 2.81 -24.79
N ILE D 262 -37.87 2.96 -24.85
CA ILE D 262 -36.93 1.92 -24.44
C ILE D 262 -35.96 2.49 -23.42
N ALA D 263 -35.79 1.78 -22.30
CA ALA D 263 -34.72 2.09 -21.37
C ALA D 263 -33.44 1.46 -21.89
N TRP D 264 -32.47 2.29 -22.27
CA TRP D 264 -31.31 1.87 -23.03
C TRP D 264 -30.06 1.96 -22.17
N GLY D 265 -29.53 0.79 -21.78
CA GLY D 265 -28.26 0.71 -21.10
C GLY D 265 -27.19 0.32 -22.10
N SER D 266 -26.17 1.16 -22.23
CA SER D 266 -25.23 1.00 -23.34
C SER D 266 -23.83 1.45 -22.92
N ASP D 267 -22.86 1.00 -23.72
CA ASP D 267 -21.51 1.52 -23.64
C ASP D 267 -21.43 2.84 -24.42
N VAL D 268 -20.87 3.87 -23.78
CA VAL D 268 -20.66 5.16 -24.42
C VAL D 268 -19.21 5.57 -24.45
N SER D 269 -18.29 4.71 -24.01
CA SER D 269 -16.87 5.00 -24.04
C SER D 269 -16.26 4.55 -25.37
N GLU D 270 -16.75 5.18 -26.44
CA GLU D 270 -16.29 4.92 -27.79
C GLU D 270 -15.94 6.24 -28.47
N SER D 271 -15.06 6.14 -29.47
CA SER D 271 -14.69 7.33 -30.24
C SER D 271 -15.88 7.87 -31.02
N GLY D 272 -16.82 7.00 -31.38
CA GLY D 272 -18.00 7.42 -32.12
C GLY D 272 -19.01 8.18 -31.29
N PHE D 273 -19.02 7.98 -29.98
CA PHE D 273 -19.91 8.70 -29.09
C PHE D 273 -19.27 10.06 -28.79
N THR D 274 -19.84 11.12 -29.36
CA THR D 274 -19.26 12.45 -29.27
C THR D 274 -20.06 13.33 -28.32
N ARG D 275 -19.44 14.43 -27.92
CA ARG D 275 -20.11 15.43 -27.09
C ARG D 275 -21.08 16.29 -27.88
N ASP D 276 -21.17 16.09 -29.20
CA ASP D 276 -22.01 16.91 -30.07
C ASP D 276 -23.31 16.20 -30.46
N GLY D 277 -23.78 15.26 -29.63
CA GLY D 277 -25.11 14.71 -29.78
C GLY D 277 -25.25 13.56 -30.74
N VAL D 278 -24.15 12.97 -31.20
CA VAL D 278 -24.22 11.82 -32.10
C VAL D 278 -23.42 10.67 -31.52
N ALA D 279 -23.85 9.45 -31.87
CA ALA D 279 -23.14 8.23 -31.52
C ALA D 279 -23.11 7.36 -32.77
N VAL D 280 -21.94 7.24 -33.38
CA VAL D 280 -21.81 6.55 -34.66
C VAL D 280 -20.78 5.43 -34.53
N MET D 281 -20.88 4.48 -35.46
CA MET D 281 -19.95 3.35 -35.55
C MET D 281 -19.40 3.29 -36.97
N PRO D 282 -18.52 4.22 -37.34
CA PRO D 282 -18.05 4.27 -38.72
C PRO D 282 -17.03 3.17 -39.01
N ASP D 283 -17.09 2.64 -40.23
CA ASP D 283 -16.10 1.67 -40.70
C ASP D 283 -14.89 2.43 -41.21
N ASP D 284 -13.80 2.42 -40.43
CA ASP D 284 -12.62 3.20 -40.79
C ASP D 284 -12.03 2.73 -42.11
N GLU D 285 -12.06 1.42 -42.37
CA GLU D 285 -11.50 0.89 -43.60
C GLU D 285 -12.38 1.26 -44.80
N LYS D 286 -13.71 1.16 -44.63
CA LYS D 286 -14.63 1.42 -45.73
C LYS D 286 -14.65 2.89 -46.10
N VAL D 287 -14.51 3.79 -45.12
CA VAL D 287 -14.49 5.22 -45.41
C VAL D 287 -13.23 5.58 -46.21
N GLN D 288 -12.11 4.93 -45.91
CA GLN D 288 -10.89 5.19 -46.65
C GLN D 288 -11.00 4.74 -48.10
N GLU D 289 -11.78 3.68 -48.36
CA GLU D 289 -11.94 3.18 -49.73
C GLU D 289 -12.71 4.17 -50.59
N LEU D 290 -13.71 4.84 -50.01
CA LEU D 290 -14.44 5.91 -50.69
C LEU D 290 -13.75 7.26 -50.59
N SER D 291 -12.69 7.36 -49.79
CA SER D 291 -11.94 8.60 -49.68
C SER D 291 -11.00 8.76 -50.87
N GLY D 292 -10.62 10.02 -51.13
CA GLY D 292 -9.68 10.31 -52.19
C GLY D 292 -8.26 9.87 -51.92
N SER D 293 -7.88 9.76 -50.64
CA SER D 293 -6.52 9.40 -50.29
C SER D 293 -6.33 7.88 -50.29
N ASP D 294 -5.07 7.46 -50.41
CA ASP D 294 -4.71 6.05 -50.39
C ASP D 294 -4.54 5.60 -48.94
N MET D 295 -4.04 4.37 -48.75
CA MET D 295 -3.86 3.85 -47.39
C MET D 295 -2.76 4.59 -46.65
N ALA D 296 -1.68 4.96 -47.35
CA ALA D 296 -0.59 5.68 -46.70
C ALA D 296 -0.95 7.14 -46.48
N HIS D 297 -1.69 7.74 -47.42
CA HIS D 297 -2.11 9.13 -47.25
C HIS D 297 -3.22 9.28 -46.22
N TRP D 298 -3.98 8.22 -45.95
CA TRP D 298 -5.06 8.30 -44.97
C TRP D 298 -4.55 8.11 -43.54
N LEU D 299 -3.56 7.26 -43.34
CA LEU D 299 -3.02 6.99 -42.01
C LEU D 299 -2.07 8.07 -41.52
N LYS D 300 -2.01 9.20 -42.23
CA LYS D 300 -1.22 10.38 -41.86
C LYS D 300 -2.04 11.66 -41.99
N LEU D 301 -3.32 11.60 -41.61
CA LEU D 301 -4.22 12.75 -41.66
C LEU D 301 -4.52 13.24 -40.24
N LYS D 302 -4.98 14.48 -40.17
CA LYS D 302 -5.49 15.04 -38.92
C LYS D 302 -6.85 14.46 -38.61
N PRO D 303 -7.22 14.35 -37.32
CA PRO D 303 -8.57 13.82 -36.99
C PRO D 303 -9.70 14.66 -37.55
N GLU D 304 -9.55 15.98 -37.55
CA GLU D 304 -10.59 16.85 -38.11
C GLU D 304 -10.74 16.67 -39.61
N GLU D 305 -9.63 16.39 -40.27
CA GLU D 305 -9.56 16.09 -41.69
C GLU D 305 -10.16 14.74 -42.06
N LYS D 306 -10.00 13.74 -41.22
CA LYS D 306 -10.60 12.45 -41.51
C LYS D 306 -11.88 12.64 -40.79
N LYS D 307 -12.99 12.79 -41.50
CA LYS D 307 -14.23 13.10 -40.81
C LYS D 307 -15.07 11.94 -40.39
N LEU D 308 -14.57 11.21 -39.42
CA LEU D 308 -15.22 10.03 -38.89
C LEU D 308 -16.53 10.20 -38.15
N ASN D 309 -16.62 11.20 -37.29
CA ASN D 309 -17.81 11.42 -36.50
C ASN D 309 -18.53 12.71 -36.73
N THR D 310 -18.25 13.37 -37.84
CA THR D 310 -18.90 14.65 -38.09
C THR D 310 -19.82 14.66 -39.29
N LYS D 311 -19.78 13.65 -40.15
CA LYS D 311 -20.62 13.59 -41.33
C LYS D 311 -21.13 12.16 -41.46
N PRO D 312 -22.26 11.96 -42.15
CA PRO D 312 -22.75 10.60 -42.37
C PRO D 312 -21.72 9.76 -43.11
N GLN D 313 -21.43 8.59 -42.55
CA GLN D 313 -20.42 7.68 -43.07
C GLN D 313 -21.00 6.28 -43.15
N PRO D 314 -20.40 5.40 -43.96
CA PRO D 314 -20.82 4.00 -43.94
C PRO D 314 -20.52 3.36 -42.60
N GLN D 315 -21.50 2.65 -42.06
CA GLN D 315 -21.41 2.10 -40.71
C GLN D 315 -20.86 0.68 -40.73
N LYS D 316 -20.23 0.30 -39.63
CA LYS D 316 -19.75 -1.07 -39.43
C LYS D 316 -20.84 -1.87 -38.73
N TRP D 317 -21.31 -2.93 -39.39
CA TRP D 317 -22.38 -3.76 -38.87
C TRP D 317 -21.78 -5.03 -38.26
N CYS D 318 -21.86 -5.13 -36.94
CA CYS D 318 -21.19 -6.20 -36.23
C CYS D 318 -21.93 -7.52 -36.39
N THR D 319 -21.17 -8.60 -36.32
CA THR D 319 -21.75 -9.94 -36.22
C THR D 319 -22.04 -10.25 -34.75
N GLN D 320 -22.71 -11.38 -34.52
CA GLN D 320 -22.95 -11.81 -33.15
C GLN D 320 -21.64 -12.09 -32.43
N ALA D 321 -20.65 -12.63 -33.14
CA ALA D 321 -19.37 -12.95 -32.51
C ALA D 321 -18.55 -11.69 -32.24
N GLU D 322 -18.58 -10.72 -33.16
CA GLU D 322 -17.87 -9.47 -32.93
C GLU D 322 -18.46 -8.71 -31.75
N ARG D 323 -19.79 -8.76 -31.61
CA ARG D 323 -20.42 -8.15 -30.45
C ARG D 323 -20.00 -8.88 -29.17
N GLN D 324 -19.86 -10.20 -29.24
CA GLN D 324 -19.46 -10.96 -28.06
C GLN D 324 -18.02 -10.66 -27.67
N LEU D 325 -17.13 -10.52 -28.66
CA LEU D 325 -15.73 -10.26 -28.36
C LEU D 325 -15.58 -8.95 -27.59
N ALA D 326 -16.31 -7.91 -28.01
CA ALA D 326 -16.20 -6.62 -27.34
C ALA D 326 -16.66 -6.70 -25.89
N TYR D 327 -17.66 -7.53 -25.59
CA TYR D 327 -18.08 -7.70 -24.21
C TYR D 327 -17.08 -8.54 -23.42
N ASP D 328 -16.41 -9.48 -24.09
CA ASP D 328 -15.45 -10.32 -23.40
C ASP D 328 -14.13 -9.61 -23.12
N ASN D 329 -13.69 -8.70 -24.00
CA ASN D 329 -12.36 -8.12 -23.91
C ASN D 329 -12.35 -6.71 -23.33
N TYR D 330 -13.43 -6.31 -22.66
CA TYR D 330 -13.60 -5.02 -21.97
C TYR D 330 -13.88 -3.85 -22.90
N GLU D 331 -14.07 -4.07 -24.20
CA GLU D 331 -14.39 -2.96 -25.09
C GLU D 331 -15.84 -2.52 -25.00
N THR D 332 -16.73 -3.38 -24.48
CA THR D 332 -18.14 -3.02 -24.26
C THR D 332 -18.43 -3.20 -22.78
N THR D 333 -18.59 -2.09 -22.07
CA THR D 333 -18.84 -2.10 -20.64
C THR D 333 -20.14 -1.36 -20.33
N ASP D 334 -20.71 -1.68 -19.17
CA ASP D 334 -21.96 -1.07 -18.72
C ASP D 334 -21.67 0.34 -18.24
N ASP D 335 -21.69 1.29 -19.17
CA ASP D 335 -21.26 2.65 -18.89
C ASP D 335 -22.40 3.58 -18.50
N HIS D 336 -23.46 3.64 -19.31
CA HIS D 336 -24.41 4.73 -19.25
C HIS D 336 -25.82 4.22 -19.47
N GLY D 337 -26.78 4.88 -18.83
CA GLY D 337 -28.19 4.58 -19.02
C GLY D 337 -28.95 5.74 -19.62
N MET D 338 -29.72 5.49 -20.67
CA MET D 338 -30.46 6.52 -21.38
C MET D 338 -31.82 5.97 -21.76
N GLN D 339 -32.58 6.76 -22.53
CA GLN D 339 -33.90 6.36 -23.00
C GLN D 339 -33.97 6.57 -24.51
N ILE D 340 -34.34 5.53 -25.25
CA ILE D 340 -34.62 5.64 -26.68
C ILE D 340 -36.11 5.84 -26.86
N TYR D 341 -36.49 6.89 -27.61
CA TYR D 341 -37.89 7.23 -27.77
C TYR D 341 -38.31 7.49 -29.22
N GLY D 342 -37.38 7.42 -30.18
CA GLY D 342 -37.77 7.67 -31.55
C GLY D 342 -36.75 7.14 -32.53
N ILE D 343 -37.12 7.22 -33.81
CA ILE D 343 -36.27 6.82 -34.93
C ILE D 343 -36.14 7.99 -35.88
N ALA D 344 -34.94 8.22 -36.38
CA ALA D 344 -34.67 9.32 -37.30
C ALA D 344 -33.75 8.84 -38.41
N LYS D 345 -33.65 9.66 -39.46
CA LYS D 345 -32.76 9.42 -40.58
C LYS D 345 -31.92 10.67 -40.83
N ASP D 346 -30.77 10.48 -41.46
CA ASP D 346 -29.92 11.59 -41.85
C ASP D 346 -30.16 11.93 -43.31
N GLN D 347 -29.37 12.87 -43.84
CA GLN D 347 -29.56 13.29 -45.23
C GLN D 347 -29.25 12.17 -46.21
N GLU D 348 -28.40 11.22 -45.83
CA GLU D 348 -28.03 10.12 -46.70
C GLU D 348 -28.87 8.87 -46.48
N GLY D 349 -29.85 8.91 -45.55
CA GLY D 349 -30.75 7.81 -45.33
C GLY D 349 -30.36 6.83 -44.24
N ASN D 350 -29.24 7.06 -43.56
CA ASN D 350 -28.84 6.17 -42.47
C ASN D 350 -29.81 6.32 -41.29
N GLU D 351 -30.12 5.20 -40.64
CA GLU D 351 -31.10 5.18 -39.57
C GLU D 351 -30.43 5.41 -38.21
N TYR D 352 -31.11 6.18 -37.38
CA TYR D 352 -30.64 6.51 -36.04
C TYR D 352 -31.79 6.33 -35.05
N TYR D 353 -31.44 6.07 -33.80
CA TYR D 353 -32.39 6.09 -32.69
C TYR D 353 -32.27 7.41 -31.94
N MET D 354 -33.40 8.00 -31.61
CA MET D 354 -33.41 9.28 -30.89
C MET D 354 -33.33 8.98 -29.40
N VAL D 355 -32.31 9.53 -28.75
CA VAL D 355 -31.96 9.18 -27.38
C VAL D 355 -32.16 10.41 -26.51
N LYS D 356 -32.84 10.23 -25.38
CA LYS D 356 -33.01 11.28 -24.38
C LYS D 356 -31.97 11.06 -23.29
N ASN D 357 -30.97 11.92 -23.24
CA ASN D 357 -29.90 11.82 -22.25
C ASN D 357 -30.29 12.59 -20.99
N SER D 358 -29.43 12.54 -19.98
CA SER D 358 -29.70 13.18 -18.69
C SER D 358 -28.52 14.06 -18.27
N TRP D 359 -27.94 14.79 -19.23
CA TRP D 359 -26.80 15.68 -18.97
C TRP D 359 -27.18 17.15 -19.10
N GLY D 360 -28.46 17.48 -18.91
CA GLY D 360 -28.92 18.84 -19.11
C GLY D 360 -29.17 19.12 -20.58
N THR D 361 -29.53 20.37 -20.86
CA THR D 361 -29.91 20.81 -22.20
C THR D 361 -28.85 21.68 -22.87
N ASN D 362 -27.66 21.80 -22.28
CA ASN D 362 -26.62 22.65 -22.83
C ASN D 362 -25.72 21.85 -23.79
N SER D 363 -26.35 21.32 -24.83
CA SER D 363 -25.65 20.57 -25.87
C SER D 363 -26.25 20.94 -27.22
N LYS D 364 -25.71 20.33 -28.28
CA LYS D 364 -26.08 20.71 -29.64
C LYS D 364 -27.56 20.52 -29.90
N TYR D 365 -28.13 19.41 -29.42
CA TYR D 365 -29.54 19.12 -29.63
C TYR D 365 -30.33 19.21 -28.32
N ASN D 366 -29.86 20.03 -27.39
CA ASN D 366 -30.56 20.29 -26.12
C ASN D 366 -30.77 19.01 -25.33
N GLY D 367 -29.69 18.24 -25.17
CA GLY D 367 -29.72 17.03 -24.39
C GLY D 367 -30.16 15.79 -25.13
N ILE D 368 -30.41 15.88 -26.44
CA ILE D 368 -30.86 14.76 -27.24
C ILE D 368 -29.68 14.24 -28.05
N TRP D 369 -29.56 12.92 -28.14
CA TRP D 369 -28.52 12.27 -28.91
C TRP D 369 -29.13 11.46 -30.04
N TYR D 370 -28.41 11.35 -31.14
CA TYR D 370 -28.78 10.50 -32.26
C TYR D 370 -27.77 9.37 -32.35
N ALA D 371 -28.22 8.16 -32.04
CA ALA D 371 -27.37 6.97 -32.04
C ALA D 371 -27.75 6.10 -33.24
N SER D 372 -26.80 5.87 -34.13
CA SER D 372 -27.07 5.05 -35.30
C SER D 372 -27.44 3.63 -34.90
N LYS D 373 -28.23 2.97 -35.74
CA LYS D 373 -28.64 1.60 -35.45
C LYS D 373 -27.44 0.68 -35.36
N ALA D 374 -26.37 0.96 -36.11
CA ALA D 374 -25.18 0.14 -36.03
C ALA D 374 -24.49 0.28 -34.68
N PHE D 375 -24.47 1.50 -34.12
CA PHE D 375 -23.91 1.71 -32.80
C PHE D 375 -24.73 0.97 -31.74
N VAL D 376 -26.06 1.11 -31.81
CA VAL D 376 -26.92 0.45 -30.83
C VAL D 376 -26.78 -1.06 -30.92
N ARG D 377 -26.70 -1.59 -32.14
CA ARG D 377 -26.52 -3.03 -32.32
C ARG D 377 -25.22 -3.53 -31.68
N TYR D 378 -24.17 -2.71 -31.72
CA TYR D 378 -22.85 -3.12 -31.28
C TYR D 378 -22.61 -2.89 -29.79
N LYS D 379 -23.05 -1.74 -29.26
CA LYS D 379 -22.62 -1.28 -27.95
C LYS D 379 -23.71 -1.37 -26.89
N THR D 380 -24.86 -1.94 -27.20
CA THR D 380 -25.93 -2.06 -26.22
C THR D 380 -25.61 -3.16 -25.21
N MET D 381 -25.71 -2.82 -23.93
CA MET D 381 -25.56 -3.83 -22.88
C MET D 381 -26.87 -4.56 -22.63
N ASN D 382 -27.94 -3.81 -22.37
CA ASN D 382 -29.26 -4.39 -22.15
C ASN D 382 -30.30 -3.29 -22.27
N ILE D 383 -31.56 -3.71 -22.44
CA ILE D 383 -32.69 -2.78 -22.52
C ILE D 383 -33.85 -3.30 -21.68
N VAL D 384 -34.74 -2.38 -21.31
CA VAL D 384 -35.96 -2.69 -20.61
C VAL D 384 -37.13 -2.05 -21.36
N VAL D 385 -38.14 -2.86 -21.69
CA VAL D 385 -39.35 -2.40 -22.36
C VAL D 385 -40.55 -3.02 -21.66
N HIS D 386 -41.72 -2.47 -21.97
CA HIS D 386 -42.96 -3.11 -21.57
C HIS D 386 -43.15 -4.41 -22.34
N LYS D 387 -43.80 -5.39 -21.70
CA LYS D 387 -44.02 -6.68 -22.35
C LYS D 387 -44.73 -6.53 -23.69
N ASP D 388 -45.71 -5.63 -23.75
CA ASP D 388 -46.51 -5.45 -24.96
C ASP D 388 -45.73 -4.78 -26.10
N ALA D 389 -44.52 -4.30 -25.84
CA ALA D 389 -43.68 -3.77 -26.92
C ALA D 389 -42.98 -4.87 -27.70
N LEU D 390 -43.00 -6.12 -27.21
CA LEU D 390 -42.36 -7.24 -27.88
C LEU D 390 -43.22 -7.73 -29.04
N PRO D 391 -42.61 -8.09 -30.17
CA PRO D 391 -43.36 -8.75 -31.24
C PRO D 391 -43.95 -10.07 -30.75
N LYS D 392 -45.07 -10.46 -31.36
CA LYS D 392 -45.80 -11.64 -30.92
C LYS D 392 -44.95 -12.90 -31.05
N ALA D 393 -44.19 -13.02 -32.14
CA ALA D 393 -43.35 -14.20 -32.34
C ALA D 393 -42.21 -14.25 -31.33
N ILE D 394 -41.58 -13.11 -31.06
CA ILE D 394 -40.49 -13.07 -30.09
C ILE D 394 -41.02 -13.31 -28.68
N LYS D 395 -42.19 -12.75 -28.36
CA LYS D 395 -42.81 -12.99 -27.05
C LYS D 395 -43.06 -14.48 -26.82
N ALA D 396 -43.44 -15.20 -27.87
CA ALA D 396 -43.71 -16.62 -27.74
C ALA D 396 -42.44 -17.42 -27.51
N LYS D 397 -41.36 -17.07 -28.21
CA LYS D 397 -40.09 -17.79 -28.06
C LYS D 397 -39.54 -17.66 -26.64
N LEU D 398 -39.83 -16.57 -25.96
CA LEU D 398 -39.35 -16.37 -24.60
C LEU D 398 -40.28 -16.96 -23.54
N GLY D 399 -41.48 -17.39 -23.92
CA GLY D 399 -42.40 -17.93 -22.94
C GLY D 399 -43.05 -16.88 -22.07
N ILE D 400 -43.25 -15.68 -22.58
CA ILE D 400 -43.81 -14.57 -21.81
C ILE D 400 -45.29 -14.45 -22.16
N LYS D 401 -46.14 -14.53 -21.14
CA LYS D 401 -47.59 -14.46 -21.34
C LYS D 401 -48.03 -13.11 -21.89
N GLY E 29 -17.20 -37.75 29.77
CA GLY E 29 -17.06 -37.74 28.32
C GLY E 29 -18.37 -37.95 27.58
N PHE E 30 -18.27 -38.14 26.27
CA PHE E 30 -19.43 -38.39 25.42
C PHE E 30 -19.50 -39.87 25.06
N VAL E 31 -20.70 -40.42 25.07
CA VAL E 31 -20.95 -41.79 24.62
C VAL E 31 -22.15 -41.74 23.69
N PHE E 32 -21.91 -41.97 22.39
CA PHE E 32 -22.95 -41.82 21.38
C PHE E 32 -23.50 -43.18 20.98
N THR E 33 -24.81 -43.20 20.70
CA THR E 33 -25.53 -44.38 20.26
C THR E 33 -26.31 -44.02 19.00
N THR E 34 -26.05 -44.74 17.92
CA THR E 34 -26.71 -44.45 16.66
C THR E 34 -28.20 -44.75 16.76
N VAL E 35 -29.02 -43.77 16.40
CA VAL E 35 -30.46 -43.96 16.29
C VAL E 35 -30.83 -44.45 14.90
N LYS E 36 -30.37 -43.73 13.88
CA LYS E 36 -30.46 -44.17 12.49
C LYS E 36 -29.37 -43.46 11.71
N GLU E 37 -28.73 -44.17 10.80
CA GLU E 37 -27.76 -43.59 9.88
C GLU E 37 -27.88 -44.29 8.54
N ASN E 38 -27.58 -43.56 7.48
CA ASN E 38 -27.74 -44.06 6.12
C ASN E 38 -26.38 -44.32 5.49
N PRO E 39 -26.30 -45.20 4.49
CA PRO E 39 -25.00 -45.62 3.96
C PRO E 39 -24.22 -44.45 3.38
N ILE E 40 -22.92 -44.43 3.67
CA ILE E 40 -22.00 -43.43 3.17
C ILE E 40 -20.76 -44.15 2.65
N THR E 41 -19.95 -43.41 1.89
CA THR E 41 -18.69 -43.94 1.39
C THR E 41 -17.59 -43.61 2.39
N SER E 42 -16.35 -43.89 2.02
CA SER E 42 -15.23 -43.70 2.93
C SER E 42 -14.96 -42.23 3.19
N VAL E 43 -14.38 -41.94 4.35
CA VAL E 43 -13.99 -40.58 4.69
C VAL E 43 -12.78 -40.17 3.85
N LYS E 44 -12.89 -39.01 3.19
CA LYS E 44 -11.83 -38.48 2.35
C LYS E 44 -11.05 -37.41 3.10
N ASN E 45 -9.99 -36.90 2.47
CA ASN E 45 -9.12 -35.91 3.10
C ASN E 45 -8.83 -34.81 2.08
N GLN E 46 -9.39 -33.62 2.30
CA GLN E 46 -9.13 -32.50 1.41
C GLN E 46 -7.74 -31.91 1.59
N ASN E 47 -7.13 -32.12 2.75
CA ASN E 47 -5.76 -31.72 3.07
C ASN E 47 -5.65 -30.19 2.90
N ARG E 48 -4.59 -29.68 2.27
CA ARG E 48 -4.31 -28.24 2.27
C ARG E 48 -4.90 -27.57 1.04
N ALA E 49 -6.23 -27.55 1.01
CA ALA E 49 -6.98 -26.88 -0.05
C ALA E 49 -8.38 -26.60 0.47
N GLY E 50 -8.94 -25.47 0.03
CA GLY E 50 -10.26 -25.08 0.46
C GLY E 50 -11.37 -25.71 -0.37
N THR E 51 -11.30 -27.03 -0.56
CA THR E 51 -12.21 -27.74 -1.44
C THR E 51 -13.29 -28.51 -0.70
N CYS E 52 -13.63 -28.09 0.52
CA CYS E 52 -14.63 -28.79 1.30
C CYS E 52 -15.99 -28.82 0.59
N TRP E 53 -16.30 -27.78 -0.19
CA TRP E 53 -17.57 -27.75 -0.89
C TRP E 53 -17.68 -28.90 -1.89
N CYS E 54 -16.57 -29.29 -2.52
CA CYS E 54 -16.63 -30.36 -3.49
C CYS E 54 -16.54 -31.73 -2.84
N TYR E 55 -15.72 -31.87 -1.79
CA TYR E 55 -15.62 -33.15 -1.11
C TYR E 55 -16.93 -33.51 -0.43
N SER E 56 -17.61 -32.53 0.19
CA SER E 56 -18.89 -32.82 0.83
C SER E 56 -19.99 -33.06 -0.19
N SER E 57 -19.97 -32.33 -1.31
CA SER E 57 -20.94 -32.56 -2.36
C SER E 57 -20.83 -33.97 -2.91
N TYR E 58 -19.60 -34.48 -3.03
CA TYR E 58 -19.41 -35.82 -3.58
C TYR E 58 -19.70 -36.90 -2.54
N SER E 59 -19.42 -36.64 -1.27
CA SER E 59 -19.92 -37.52 -0.22
C SER E 59 -21.44 -37.59 -0.27
N PHE E 60 -22.09 -36.45 -0.54
CA PHE E 60 -23.54 -36.42 -0.65
C PHE E 60 -24.01 -37.17 -1.89
N LEU E 61 -23.42 -36.88 -3.06
CA LEU E 61 -23.86 -37.53 -4.28
C LEU E 61 -23.55 -39.02 -4.27
N GLU E 62 -22.46 -39.43 -3.62
CA GLU E 62 -22.16 -40.87 -3.56
C GLU E 62 -23.15 -41.61 -2.67
N SER E 63 -23.61 -40.97 -1.59
CA SER E 63 -24.68 -41.58 -0.80
C SER E 63 -25.98 -41.64 -1.59
N GLU E 64 -26.21 -40.66 -2.47
CA GLU E 64 -27.39 -40.69 -3.33
C GLU E 64 -27.33 -41.85 -4.30
N LEU E 65 -26.14 -42.14 -4.84
CA LEU E 65 -26.00 -43.26 -5.77
C LEU E 65 -26.18 -44.59 -5.04
N LEU E 66 -25.68 -44.69 -3.81
CA LEU E 66 -25.96 -45.89 -3.01
C LEU E 66 -27.46 -46.02 -2.74
N ARG E 67 -28.12 -44.91 -2.38
CA ARG E 67 -29.55 -44.97 -2.10
C ARG E 67 -30.36 -45.33 -3.33
N MET E 68 -29.93 -44.87 -4.50
CA MET E 68 -30.60 -45.15 -5.76
C MET E 68 -30.19 -46.49 -6.37
N GLY E 69 -29.48 -47.33 -5.63
CA GLY E 69 -29.14 -48.64 -6.11
C GLY E 69 -28.12 -48.66 -7.22
N LYS E 70 -27.29 -47.62 -7.34
CA LYS E 70 -26.29 -47.56 -8.41
C LYS E 70 -24.92 -48.08 -7.98
N GLY E 71 -24.73 -48.39 -6.71
CA GLY E 71 -23.45 -48.89 -6.24
C GLY E 71 -22.55 -47.81 -5.66
N GLU E 72 -21.33 -48.23 -5.34
CA GLU E 72 -20.33 -47.36 -4.74
C GLU E 72 -19.52 -46.65 -5.81
N TYR E 73 -19.39 -45.33 -5.68
CA TYR E 73 -18.60 -44.52 -6.59
C TYR E 73 -17.53 -43.75 -5.83
N ASP E 74 -16.48 -43.36 -6.56
CA ASP E 74 -15.43 -42.46 -6.05
C ASP E 74 -15.20 -41.40 -7.12
N LEU E 75 -15.96 -40.31 -7.04
CA LEU E 75 -15.89 -39.24 -8.03
C LEU E 75 -14.68 -38.35 -7.78
N SER E 76 -14.12 -37.80 -8.86
CA SER E 76 -12.91 -36.97 -8.77
C SER E 76 -13.29 -35.54 -8.41
N GLU E 77 -12.91 -35.08 -7.22
CA GLU E 77 -13.13 -33.69 -6.86
C GLU E 77 -12.25 -32.76 -7.67
N MET E 78 -11.01 -33.19 -7.97
CA MET E 78 -10.08 -32.31 -8.69
C MET E 78 -10.60 -31.97 -10.08
N PHE E 79 -11.37 -32.86 -10.70
CA PHE E 79 -11.95 -32.55 -12.00
C PHE E 79 -12.96 -31.40 -11.89
N THR E 80 -13.87 -31.49 -10.90
CA THR E 80 -14.85 -30.44 -10.72
C THR E 80 -14.20 -29.16 -10.18
N VAL E 81 -13.23 -29.32 -9.28
CA VAL E 81 -12.50 -28.16 -8.76
C VAL E 81 -11.81 -27.43 -9.89
N TYR E 82 -11.20 -28.16 -10.83
CA TYR E 82 -10.54 -27.54 -11.97
C TYR E 82 -11.52 -26.70 -12.80
N ASN E 83 -12.64 -27.29 -13.19
CA ASN E 83 -13.58 -26.60 -14.05
C ASN E 83 -14.29 -25.45 -13.32
N THR E 84 -14.53 -25.61 -12.02
CA THR E 84 -15.19 -24.54 -11.27
C THR E 84 -14.31 -23.30 -11.18
N TYR E 85 -13.01 -23.48 -10.95
CA TYR E 85 -12.11 -22.34 -10.82
C TYR E 85 -12.00 -21.56 -12.13
N LEU E 86 -12.07 -22.25 -13.28
CA LEU E 86 -12.06 -21.54 -14.56
C LEU E 86 -13.30 -20.68 -14.70
N ASP E 87 -14.45 -21.18 -14.26
CA ASP E 87 -15.68 -20.37 -14.29
C ASP E 87 -15.60 -19.23 -13.28
N ARG E 88 -14.99 -19.48 -12.12
CA ARG E 88 -14.88 -18.41 -11.12
C ARG E 88 -13.92 -17.33 -11.58
N ALA E 89 -12.84 -17.71 -12.27
CA ALA E 89 -11.96 -16.71 -12.84
C ALA E 89 -12.69 -15.86 -13.88
N ASP E 90 -13.52 -16.51 -14.70
CA ASP E 90 -14.31 -15.77 -15.69
C ASP E 90 -15.27 -14.81 -15.00
N ALA E 91 -15.90 -15.24 -13.91
CA ALA E 91 -16.82 -14.37 -13.19
C ALA E 91 -16.09 -13.18 -12.59
N ALA E 92 -14.87 -13.41 -12.08
CA ALA E 92 -14.09 -12.32 -11.51
C ALA E 92 -13.70 -11.29 -12.57
N VAL E 93 -13.37 -11.75 -13.78
CA VAL E 93 -12.94 -10.83 -14.83
C VAL E 93 -14.15 -10.05 -15.37
N ARG E 94 -15.29 -10.72 -15.54
CA ARG E 94 -16.46 -10.04 -16.08
C ARG E 94 -16.94 -8.95 -15.13
N THR E 95 -16.83 -9.18 -13.83
CA THR E 95 -17.23 -8.19 -12.83
C THR E 95 -16.08 -7.31 -12.38
N HIS E 96 -14.96 -7.32 -13.11
CA HIS E 96 -13.82 -6.45 -12.81
C HIS E 96 -13.37 -6.56 -11.35
N GLY E 97 -13.35 -7.79 -10.84
CA GLY E 97 -12.83 -8.07 -9.52
C GLY E 97 -13.86 -8.10 -8.41
N ASP E 98 -15.13 -7.82 -8.70
CA ASP E 98 -16.15 -7.89 -7.65
C ASP E 98 -16.30 -9.31 -7.12
N VAL E 99 -16.51 -10.27 -8.03
CA VAL E 99 -16.50 -11.68 -7.63
C VAL E 99 -15.09 -12.04 -7.21
N SER E 100 -14.92 -12.38 -5.93
CA SER E 100 -13.60 -12.78 -5.44
C SER E 100 -13.19 -14.11 -6.04
N PHE E 101 -11.89 -14.26 -6.29
CA PHE E 101 -11.33 -15.49 -6.80
C PHE E 101 -10.57 -16.17 -5.67
N SER E 102 -11.16 -17.23 -5.11
CA SER E 102 -10.56 -17.98 -4.02
C SER E 102 -10.91 -19.46 -4.19
N GLN E 103 -10.52 -20.27 -3.22
CA GLN E 103 -10.63 -21.72 -3.35
C GLN E 103 -12.03 -22.24 -3.03
N GLY E 104 -12.86 -21.46 -2.37
CA GLY E 104 -14.15 -21.93 -1.90
C GLY E 104 -15.14 -22.20 -3.01
N GLY E 105 -16.34 -22.61 -2.60
CA GLY E 105 -17.40 -22.92 -3.52
C GLY E 105 -18.67 -23.26 -2.78
N SER E 106 -19.62 -23.81 -3.50
CA SER E 106 -20.93 -24.14 -2.95
C SER E 106 -21.37 -25.50 -3.47
N PHE E 107 -22.43 -26.04 -2.84
CA PHE E 107 -23.02 -27.28 -3.32
C PHE E 107 -23.55 -27.12 -4.73
N TYR E 108 -24.02 -25.92 -5.09
CA TYR E 108 -24.53 -25.70 -6.44
C TYR E 108 -23.41 -25.77 -7.47
N ASP E 109 -22.17 -25.42 -7.08
CA ASP E 109 -21.04 -25.55 -8.00
C ASP E 109 -20.89 -26.99 -8.49
N ALA E 110 -21.11 -27.96 -7.60
CA ALA E 110 -21.03 -29.36 -7.99
C ALA E 110 -22.26 -29.82 -8.77
N LEU E 111 -23.45 -29.38 -8.34
CA LEU E 111 -24.66 -29.72 -9.08
C LEU E 111 -24.64 -29.12 -10.48
N TYR E 112 -24.26 -27.85 -10.59
CA TYR E 112 -24.08 -27.24 -11.91
C TYR E 112 -22.95 -27.93 -12.67
N GLY E 113 -21.89 -28.34 -11.96
CA GLY E 113 -20.74 -28.90 -12.62
C GLY E 113 -21.03 -30.23 -13.30
N MET E 114 -21.75 -31.13 -12.63
CA MET E 114 -22.00 -32.43 -13.22
C MET E 114 -22.88 -32.33 -14.46
N GLU E 115 -23.79 -31.34 -14.50
CA GLU E 115 -24.61 -31.15 -15.69
C GLU E 115 -23.82 -30.53 -16.83
N THR E 116 -22.88 -29.65 -16.51
CA THR E 116 -22.16 -28.88 -17.52
C THR E 116 -20.86 -29.55 -17.95
N PHE E 117 -20.04 -29.97 -16.98
CA PHE E 117 -18.75 -30.59 -17.28
C PHE E 117 -18.80 -32.11 -17.27
N GLY E 118 -19.69 -32.69 -16.48
CA GLY E 118 -19.75 -34.13 -16.33
C GLY E 118 -19.01 -34.59 -15.08
N LEU E 119 -18.76 -35.89 -15.03
CA LEU E 119 -18.08 -36.51 -13.91
C LEU E 119 -17.02 -37.49 -14.44
N VAL E 120 -15.94 -37.62 -13.69
CA VAL E 120 -14.92 -38.62 -13.98
C VAL E 120 -14.56 -39.35 -12.68
N PRO E 121 -14.10 -40.60 -12.75
CA PRO E 121 -13.71 -41.30 -11.54
C PRO E 121 -12.46 -40.72 -10.92
N GLU E 122 -12.25 -41.06 -9.64
CA GLU E 122 -11.11 -40.54 -8.89
C GLU E 122 -9.79 -40.83 -9.58
N GLU E 123 -9.68 -41.99 -10.22
CA GLU E 123 -8.40 -42.41 -10.79
C GLU E 123 -7.95 -41.52 -11.94
N GLU E 124 -8.87 -40.83 -12.61
CA GLU E 124 -8.50 -40.06 -13.78
C GLU E 124 -7.91 -38.70 -13.44
N MET E 125 -8.14 -38.17 -12.24
CA MET E 125 -7.50 -36.92 -11.81
C MET E 125 -7.40 -36.94 -10.29
N ARG E 126 -6.26 -37.46 -9.79
CA ARG E 126 -6.09 -37.60 -8.35
C ARG E 126 -5.44 -36.35 -7.77
N PRO E 127 -5.69 -36.06 -6.50
CA PRO E 127 -5.01 -34.91 -5.87
C PRO E 127 -3.52 -35.17 -5.68
N GLY E 128 -2.72 -34.14 -5.94
CA GLY E 128 -1.30 -34.19 -5.71
C GLY E 128 -0.49 -34.93 -6.74
N MET E 129 -1.12 -35.50 -7.78
CA MET E 129 -0.38 -36.29 -8.76
C MET E 129 0.67 -35.47 -9.49
N MET E 130 0.49 -34.16 -9.59
CA MET E 130 1.40 -33.33 -10.37
C MET E 130 2.63 -32.87 -9.59
N TYR E 131 2.57 -32.86 -8.27
CA TYR E 131 3.71 -32.48 -7.44
C TYR E 131 4.12 -33.62 -6.51
N ALA E 132 4.00 -34.86 -7.00
CA ALA E 132 4.54 -36.04 -6.33
C ALA E 132 3.96 -36.24 -4.94
N ASP E 133 2.65 -36.04 -4.82
CA ASP E 133 1.95 -36.23 -3.55
C ASP E 133 0.69 -37.06 -3.80
N THR E 134 0.00 -37.39 -2.71
CA THR E 134 -1.27 -38.10 -2.80
C THR E 134 -2.42 -37.30 -2.20
N LEU E 135 -2.14 -36.14 -1.60
CA LEU E 135 -3.16 -35.26 -1.06
C LEU E 135 -2.93 -33.85 -1.60
N SER E 136 -3.99 -33.05 -1.61
CA SER E 136 -3.94 -31.74 -2.24
C SER E 136 -3.11 -30.76 -1.42
N ASN E 137 -2.37 -29.89 -2.13
CA ASN E 137 -1.71 -28.72 -1.55
C ASN E 137 -1.78 -27.63 -2.63
N HIS E 138 -2.80 -26.78 -2.55
CA HIS E 138 -3.07 -25.80 -3.59
C HIS E 138 -2.57 -24.40 -3.21
N THR E 139 -1.64 -24.29 -2.27
CA THR E 139 -1.16 -22.97 -1.86
C THR E 139 -0.41 -22.29 -2.99
N GLU E 140 0.50 -23.01 -3.65
CA GLU E 140 1.25 -22.42 -4.75
C GLU E 140 0.35 -22.17 -5.95
N LEU E 141 -0.58 -23.09 -6.23
CA LEU E 141 -1.53 -22.89 -7.33
C LEU E 141 -2.35 -21.62 -7.13
N SER E 142 -2.82 -21.39 -5.90
CA SER E 142 -3.59 -20.18 -5.63
C SER E 142 -2.72 -18.93 -5.73
N ALA E 143 -1.48 -19.00 -5.23
CA ALA E 143 -0.59 -17.84 -5.28
C ALA E 143 -0.41 -17.35 -6.71
N LEU E 144 -0.25 -18.27 -7.67
CA LEU E 144 -0.09 -17.88 -9.06
C LEU E 144 -1.41 -17.42 -9.65
N THR E 145 -2.46 -18.23 -9.52
CA THR E 145 -3.71 -17.93 -10.21
C THR E 145 -4.44 -16.73 -9.60
N ASP E 146 -4.35 -16.53 -8.28
CA ASP E 146 -4.88 -15.30 -7.71
C ASP E 146 -4.20 -14.09 -8.32
N ALA E 147 -2.88 -14.16 -8.49
CA ALA E 147 -2.14 -13.05 -9.07
C ALA E 147 -2.51 -12.84 -10.53
N MET E 148 -2.76 -13.93 -11.27
CA MET E 148 -3.09 -13.80 -12.69
C MET E 148 -4.47 -13.18 -12.88
N VAL E 149 -5.47 -13.69 -12.15
CA VAL E 149 -6.83 -13.16 -12.29
C VAL E 149 -6.89 -11.71 -11.86
N ALA E 150 -6.17 -11.36 -10.79
CA ALA E 150 -6.18 -9.96 -10.35
C ALA E 150 -5.52 -9.04 -11.36
N ALA E 151 -4.49 -9.53 -12.05
CA ALA E 151 -3.83 -8.70 -13.06
C ALA E 151 -4.76 -8.37 -14.22
N ILE E 152 -5.72 -9.26 -14.50
CA ILE E 152 -6.70 -9.02 -15.56
C ILE E 152 -7.91 -8.27 -15.04
N ALA E 153 -8.50 -8.76 -13.94
CA ALA E 153 -9.78 -8.23 -13.47
C ALA E 153 -9.61 -6.86 -12.82
N LYS E 154 -8.51 -6.65 -12.10
CA LYS E 154 -8.30 -5.41 -11.35
C LYS E 154 -7.15 -4.57 -11.90
N GLY E 155 -6.67 -4.86 -13.10
CA GLY E 155 -5.59 -4.12 -13.71
C GLY E 155 -6.05 -2.95 -14.53
N LYS E 156 -5.14 -2.44 -15.36
CA LYS E 156 -5.39 -1.29 -16.21
C LYS E 156 -5.57 -1.67 -17.67
N LEU E 157 -5.66 -2.95 -17.99
CA LEU E 157 -5.82 -3.37 -19.38
C LEU E 157 -7.18 -2.91 -19.91
N ARG E 158 -7.16 -2.23 -21.06
CA ARG E 158 -8.37 -1.71 -21.67
C ARG E 158 -8.95 -2.64 -22.74
N LYS E 159 -8.15 -3.53 -23.30
CA LYS E 159 -8.62 -4.45 -24.32
C LYS E 159 -7.86 -5.77 -24.18
N LEU E 160 -8.57 -6.83 -23.78
CA LEU E 160 -7.95 -8.13 -23.60
C LEU E 160 -7.75 -8.81 -24.95
N GLN E 161 -6.66 -9.57 -25.06
CA GLN E 161 -6.24 -10.13 -26.34
C GLN E 161 -6.98 -11.43 -26.65
N SER E 162 -7.19 -11.68 -27.93
CA SER E 162 -7.90 -12.86 -28.40
C SER E 162 -7.27 -13.34 -29.70
N ASP E 163 -7.47 -14.62 -30.01
CA ASP E 163 -6.88 -15.24 -31.17
C ASP E 163 -7.78 -15.08 -32.39
N GLU E 164 -7.47 -15.82 -33.47
CA GLU E 164 -8.26 -15.75 -34.69
C GLU E 164 -9.68 -16.25 -34.51
N ASN E 165 -9.94 -17.03 -33.47
CA ASN E 165 -11.28 -17.59 -33.22
C ASN E 165 -11.99 -16.88 -32.08
N ASN E 166 -11.55 -15.67 -31.71
CA ASN E 166 -12.15 -14.88 -30.64
C ASN E 166 -12.09 -15.58 -29.28
N ALA E 167 -11.10 -16.46 -29.10
CA ALA E 167 -10.87 -17.09 -27.82
C ALA E 167 -9.92 -16.23 -27.01
N MET E 168 -10.28 -15.97 -25.75
CA MET E 168 -9.48 -15.08 -24.91
C MET E 168 -8.18 -15.76 -24.50
N LEU E 169 -7.07 -15.03 -24.63
CA LEU E 169 -5.77 -15.60 -24.30
C LEU E 169 -5.58 -15.77 -22.80
N TRP E 170 -6.13 -14.86 -21.99
CA TRP E 170 -5.97 -15.01 -20.54
C TRP E 170 -6.67 -16.26 -20.02
N LYS E 171 -7.78 -16.64 -20.64
CA LYS E 171 -8.45 -17.88 -20.24
C LYS E 171 -7.60 -19.09 -20.57
N LYS E 172 -6.87 -19.05 -21.68
CA LYS E 172 -5.93 -20.13 -21.99
C LYS E 172 -4.84 -20.20 -20.93
N ALA E 173 -4.34 -19.05 -20.49
CA ALA E 173 -3.26 -19.01 -19.51
C ALA E 173 -3.73 -19.55 -18.16
N VAL E 174 -4.91 -19.13 -17.70
CA VAL E 174 -5.41 -19.60 -16.41
C VAL E 174 -5.68 -21.10 -16.45
N ALA E 175 -6.16 -21.60 -17.59
CA ALA E 175 -6.40 -23.04 -17.72
C ALA E 175 -5.09 -23.82 -17.74
N ALA E 176 -4.07 -23.30 -18.44
CA ALA E 176 -2.80 -24.00 -18.53
C ALA E 176 -2.14 -24.12 -17.17
N VAL E 177 -2.21 -23.06 -16.36
CA VAL E 177 -1.60 -23.09 -15.03
C VAL E 177 -2.34 -24.06 -14.13
N HIS E 178 -3.67 -24.10 -14.22
CA HIS E 178 -4.45 -25.04 -13.41
C HIS E 178 -4.12 -26.48 -13.78
N GLN E 179 -3.91 -26.76 -15.07
CA GLN E 179 -3.58 -28.12 -15.47
C GLN E 179 -2.21 -28.54 -14.98
N ILE E 180 -1.27 -27.60 -14.88
CA ILE E 180 0.07 -27.93 -14.43
C ILE E 180 0.05 -28.38 -12.97
N TYR E 181 -0.85 -27.82 -12.16
CA TYR E 181 -0.93 -28.14 -10.74
C TYR E 181 -2.01 -29.16 -10.42
N LEU E 182 -3.07 -29.27 -11.24
CA LEU E 182 -4.15 -30.21 -10.97
C LEU E 182 -4.19 -31.41 -11.90
N GLY E 183 -3.61 -31.32 -13.09
CA GLY E 183 -3.65 -32.39 -14.05
C GLY E 183 -4.50 -32.03 -15.26
N VAL E 184 -4.33 -32.83 -16.31
CA VAL E 184 -5.06 -32.63 -17.56
C VAL E 184 -6.41 -33.32 -17.47
N PRO E 185 -7.52 -32.62 -17.74
CA PRO E 185 -8.83 -33.26 -17.72
C PRO E 185 -8.96 -34.26 -18.86
N PRO E 186 -9.43 -35.47 -18.58
CA PRO E 186 -9.55 -36.48 -19.65
C PRO E 186 -10.72 -36.19 -20.57
N GLU E 187 -10.47 -36.35 -21.87
CA GLU E 187 -11.55 -36.31 -22.85
C GLU E 187 -12.23 -37.67 -22.99
N LYS E 188 -11.44 -38.74 -22.90
CA LYS E 188 -11.94 -40.11 -22.93
C LYS E 188 -11.21 -40.91 -21.87
N PHE E 189 -11.90 -41.90 -21.32
CA PHE E 189 -11.29 -42.78 -20.34
C PHE E 189 -12.07 -44.09 -20.30
N THR E 190 -11.41 -45.12 -19.76
CA THR E 190 -12.00 -46.43 -19.61
C THR E 190 -12.21 -46.72 -18.13
N TYR E 191 -13.42 -47.11 -17.77
CA TYR E 191 -13.78 -47.38 -16.38
C TYR E 191 -14.58 -48.67 -16.35
N LYS E 192 -14.01 -49.71 -15.73
CA LYS E 192 -14.65 -51.01 -15.59
C LYS E 192 -15.08 -51.58 -16.93
N GLY E 193 -14.20 -51.48 -17.94
CA GLY E 193 -14.41 -52.09 -19.22
C GLY E 193 -15.12 -51.24 -20.24
N LYS E 194 -15.73 -50.13 -19.84
CA LYS E 194 -16.49 -49.28 -20.75
C LYS E 194 -15.76 -47.96 -20.95
N GLU E 195 -15.82 -47.44 -22.18
CA GLU E 195 -15.19 -46.16 -22.50
C GLU E 195 -16.20 -45.04 -22.30
N TYR E 196 -15.76 -43.97 -21.65
CA TYR E 196 -16.63 -42.86 -21.31
C TYR E 196 -15.99 -41.54 -21.69
N THR E 197 -16.84 -40.53 -21.83
CA THR E 197 -16.45 -39.14 -21.71
C THR E 197 -16.98 -38.61 -20.38
N PRO E 198 -16.46 -37.49 -19.89
CA PRO E 198 -17.03 -36.92 -18.65
C PRO E 198 -18.53 -36.74 -18.71
N LYS E 199 -19.07 -36.38 -19.88
CA LYS E 199 -20.51 -36.22 -20.02
C LYS E 199 -21.23 -37.56 -20.01
N SER E 200 -20.73 -38.55 -20.77
CA SER E 200 -21.41 -39.83 -20.83
C SER E 200 -21.28 -40.60 -19.51
N PHE E 201 -20.18 -40.40 -18.79
CA PHE E 201 -20.05 -41.05 -17.49
C PHE E 201 -21.04 -40.46 -16.49
N PHE E 202 -21.27 -39.15 -16.56
CA PHE E 202 -22.30 -38.54 -15.72
C PHE E 202 -23.67 -39.08 -16.06
N GLU E 203 -23.95 -39.28 -17.36
CA GLU E 203 -25.26 -39.79 -17.75
C GLU E 203 -25.48 -41.22 -17.27
N SER E 204 -24.41 -42.01 -17.15
CA SER E 204 -24.55 -43.38 -16.68
C SER E 204 -24.95 -43.45 -15.20
N THR E 205 -24.72 -42.39 -14.43
CA THR E 205 -25.09 -42.41 -13.02
C THR E 205 -26.58 -42.17 -12.79
N GLY E 206 -27.26 -41.54 -13.73
CA GLY E 206 -28.67 -41.22 -13.56
C GLY E 206 -28.94 -40.02 -12.67
N LEU E 207 -27.90 -39.32 -12.23
CA LEU E 207 -28.09 -38.14 -11.38
C LEU E 207 -28.69 -36.99 -12.18
N LYS E 208 -29.58 -36.23 -11.54
CA LYS E 208 -30.17 -35.04 -12.13
C LYS E 208 -30.09 -33.89 -11.15
N ALA E 209 -29.52 -32.76 -11.59
CA ALA E 209 -29.44 -31.59 -10.72
C ALA E 209 -30.82 -31.08 -10.34
N SER E 210 -31.82 -31.28 -11.20
CA SER E 210 -33.18 -30.84 -10.91
C SER E 210 -33.81 -31.62 -9.76
N ASP E 211 -33.22 -32.75 -9.36
CA ASP E 211 -33.76 -33.53 -8.24
C ASP E 211 -33.36 -32.96 -6.89
N TYR E 212 -32.50 -31.95 -6.84
CA TYR E 212 -31.96 -31.46 -5.59
C TYR E 212 -32.31 -29.99 -5.41
N VAL E 213 -32.65 -29.62 -4.17
CA VAL E 213 -33.04 -28.26 -3.83
C VAL E 213 -32.18 -27.77 -2.69
N SER E 214 -31.90 -26.46 -2.70
CA SER E 214 -31.18 -25.81 -1.63
C SER E 214 -32.17 -25.15 -0.68
N LEU E 215 -31.93 -25.31 0.63
CA LEU E 215 -32.82 -24.79 1.65
C LEU E 215 -32.05 -23.95 2.65
N THR E 216 -32.70 -22.92 3.16
CA THR E 216 -32.12 -22.05 4.18
C THR E 216 -33.25 -21.52 5.05
N SER E 217 -32.89 -20.70 6.04
CA SER E 217 -33.87 -20.17 6.99
C SER E 217 -33.41 -18.80 7.49
N TYR E 218 -33.91 -17.74 6.87
CA TYR E 218 -33.58 -16.39 7.27
C TYR E 218 -34.81 -15.50 7.07
N THR E 219 -34.78 -14.33 7.72
CA THR E 219 -35.93 -13.43 7.72
C THR E 219 -35.73 -12.18 6.88
N HIS E 220 -34.54 -11.93 6.35
CA HIS E 220 -34.37 -10.79 5.47
C HIS E 220 -34.91 -11.04 4.08
N HIS E 221 -35.60 -12.16 3.88
CA HIS E 221 -36.36 -12.47 2.69
C HIS E 221 -37.64 -13.18 3.13
N PRO E 222 -38.72 -13.06 2.36
CA PRO E 222 -39.97 -13.72 2.77
C PRO E 222 -39.83 -15.23 2.78
N PHE E 223 -40.54 -15.86 3.70
CA PHE E 223 -40.55 -17.32 3.78
C PHE E 223 -41.23 -17.91 2.56
N TYR E 224 -40.85 -19.15 2.24
CA TYR E 224 -41.44 -19.91 1.13
C TYR E 224 -41.17 -19.25 -0.22
N THR E 225 -40.07 -18.50 -0.32
CA THR E 225 -39.61 -17.94 -1.58
C THR E 225 -38.17 -18.39 -1.85
N GLN E 226 -37.67 -18.04 -3.02
CA GLN E 226 -36.30 -18.35 -3.41
C GLN E 226 -35.48 -17.08 -3.47
N PHE E 227 -34.26 -17.13 -2.93
CA PHE E 227 -33.33 -16.03 -3.03
C PHE E 227 -31.92 -16.59 -3.01
N PRO E 228 -30.97 -15.95 -3.69
CA PRO E 228 -29.58 -16.41 -3.61
C PRO E 228 -28.89 -15.89 -2.37
N LEU E 229 -28.28 -16.79 -1.61
CA LEU E 229 -27.59 -16.39 -0.39
C LEU E 229 -26.47 -15.41 -0.72
N GLU E 230 -26.39 -14.34 0.08
CA GLU E 230 -25.44 -13.25 -0.16
C GLU E 230 -24.10 -13.60 0.49
N ILE E 231 -23.47 -14.65 -0.05
CA ILE E 231 -22.19 -15.13 0.44
C ILE E 231 -21.20 -15.22 -0.72
N GLN E 232 -19.91 -15.10 -0.40
CA GLN E 232 -18.89 -14.94 -1.43
C GLN E 232 -18.79 -16.17 -2.33
N ASP E 233 -18.87 -17.36 -1.75
CA ASP E 233 -18.72 -18.58 -2.54
C ASP E 233 -19.96 -18.93 -3.34
N ASN E 234 -21.02 -18.14 -3.24
CA ASN E 234 -22.20 -18.29 -4.08
C ASN E 234 -22.16 -17.33 -5.26
N TRP E 235 -21.01 -17.24 -5.92
CA TRP E 235 -20.87 -16.31 -7.04
C TRP E 235 -21.68 -16.74 -8.25
N ARG E 236 -22.10 -18.00 -8.33
CA ARG E 236 -23.05 -18.42 -9.36
C ARG E 236 -24.46 -17.96 -9.07
N HIS E 237 -24.73 -17.48 -7.85
CA HIS E 237 -26.05 -16.97 -7.45
C HIS E 237 -27.10 -18.08 -7.51
N GLY E 238 -26.77 -19.23 -6.93
CA GLY E 238 -27.73 -20.31 -6.85
C GLY E 238 -28.81 -20.00 -5.83
N MET E 239 -30.04 -20.41 -6.17
CA MET E 239 -31.20 -20.10 -5.34
C MET E 239 -31.36 -21.08 -4.19
N SER E 240 -32.00 -20.61 -3.12
CA SER E 240 -32.35 -21.45 -1.97
C SER E 240 -33.78 -21.14 -1.56
N TYR E 241 -34.52 -22.17 -1.20
CA TYR E 241 -35.86 -21.99 -0.66
C TYR E 241 -35.75 -21.59 0.81
N ASN E 242 -36.54 -20.60 1.20
CA ASN E 242 -36.50 -20.05 2.55
C ASN E 242 -37.63 -20.65 3.37
N LEU E 243 -37.28 -21.29 4.49
CA LEU E 243 -38.26 -21.92 5.37
C LEU E 243 -38.18 -21.36 6.77
N PRO E 244 -39.29 -21.34 7.52
CA PRO E 244 -39.21 -21.03 8.95
C PRO E 244 -38.32 -22.04 9.66
N LEU E 245 -37.70 -21.58 10.76
CA LEU E 245 -36.63 -22.36 11.38
C LEU E 245 -37.14 -23.72 11.84
N ASP E 246 -38.36 -23.80 12.36
CA ASP E 246 -38.88 -25.08 12.84
C ASP E 246 -39.15 -26.03 11.68
N GLU E 247 -39.76 -25.53 10.60
CA GLU E 247 -39.97 -26.36 9.42
C GLU E 247 -38.64 -26.71 8.75
N PHE E 248 -37.66 -25.81 8.83
CA PHE E 248 -36.33 -26.10 8.31
C PHE E 248 -35.72 -27.30 9.02
N MET E 249 -35.84 -27.34 10.34
CA MET E 249 -35.30 -28.47 11.11
C MET E 249 -36.10 -29.75 10.91
N GLU E 250 -37.38 -29.63 10.53
CA GLU E 250 -38.16 -30.82 10.25
C GLU E 250 -37.62 -31.56 9.02
N VAL E 251 -37.08 -30.82 8.05
CA VAL E 251 -36.50 -31.44 6.87
C VAL E 251 -35.30 -32.30 7.24
N PHE E 252 -34.50 -31.87 8.22
CA PHE E 252 -33.37 -32.66 8.67
C PHE E 252 -33.79 -34.05 9.12
N ASP E 253 -34.73 -34.10 10.08
CA ASP E 253 -35.14 -35.39 10.62
C ASP E 253 -35.88 -36.24 9.59
N ASN E 254 -36.73 -35.60 8.78
CA ASN E 254 -37.48 -36.36 7.78
C ASN E 254 -36.55 -36.96 6.74
N ALA E 255 -35.48 -36.26 6.37
CA ALA E 255 -34.55 -36.79 5.39
C ALA E 255 -33.82 -38.00 5.94
N ILE E 256 -33.31 -37.91 7.17
CA ILE E 256 -32.59 -39.03 7.76
C ILE E 256 -33.53 -40.21 8.00
N ASN E 257 -34.72 -39.93 8.54
CA ASN E 257 -35.65 -41.00 8.89
C ASN E 257 -36.21 -41.72 7.67
N THR E 258 -36.23 -41.06 6.51
CA THR E 258 -36.71 -41.70 5.28
C THR E 258 -35.57 -42.18 4.39
N GLY E 259 -34.33 -42.22 4.89
CA GLY E 259 -33.23 -42.82 4.19
C GLY E 259 -32.36 -41.90 3.36
N TYR E 260 -32.52 -40.58 3.48
CA TYR E 260 -31.73 -39.63 2.71
C TYR E 260 -30.61 -39.04 3.56
N THR E 261 -29.60 -38.49 2.89
CA THR E 261 -28.54 -37.74 3.55
C THR E 261 -28.63 -36.27 3.13
N ILE E 262 -27.87 -35.43 3.83
CA ILE E 262 -27.97 -33.99 3.68
C ILE E 262 -26.58 -33.41 3.43
N ALA E 263 -26.46 -32.58 2.39
CA ALA E 263 -25.26 -31.78 2.20
C ALA E 263 -25.38 -30.55 3.10
N TRP E 264 -24.49 -30.46 4.09
CA TRP E 264 -24.62 -29.52 5.20
C TRP E 264 -23.57 -28.44 5.09
N GLY E 265 -24.00 -27.22 4.74
CA GLY E 265 -23.14 -26.06 4.75
C GLY E 265 -23.35 -25.28 6.02
N SER E 266 -22.28 -25.09 6.78
CA SER E 266 -22.43 -24.57 8.13
C SER E 266 -21.24 -23.72 8.53
N ASP E 267 -21.47 -22.91 9.57
CA ASP E 267 -20.41 -22.21 10.27
C ASP E 267 -19.75 -23.17 11.24
N VAL E 268 -18.41 -23.21 11.24
CA VAL E 268 -17.66 -24.03 12.17
C VAL E 268 -16.68 -23.20 13.00
N SER E 269 -16.72 -21.88 12.86
CA SER E 269 -15.86 -20.99 13.63
C SER E 269 -16.52 -20.62 14.96
N GLU E 270 -16.74 -21.64 15.77
CA GLU E 270 -17.34 -21.50 17.10
C GLU E 270 -16.48 -22.23 18.11
N SER E 271 -16.59 -21.79 19.37
CA SER E 271 -15.88 -22.50 20.44
C SER E 271 -16.43 -23.91 20.62
N GLY E 272 -17.70 -24.12 20.29
CA GLY E 272 -18.32 -25.42 20.44
C GLY E 272 -17.89 -26.45 19.43
N PHE E 273 -17.43 -26.02 18.26
CA PHE E 273 -16.93 -26.94 17.25
C PHE E 273 -15.49 -27.29 17.60
N THR E 274 -15.27 -28.52 18.05
CA THR E 274 -13.97 -28.93 18.55
C THR E 274 -13.27 -29.86 17.57
N ARG E 275 -11.96 -30.00 17.77
CA ARG E 275 -11.17 -30.96 17.00
C ARG E 275 -11.37 -32.39 17.44
N ASP E 276 -12.14 -32.62 18.50
CA ASP E 276 -12.35 -33.95 19.07
C ASP E 276 -13.69 -34.56 18.68
N GLY E 277 -14.24 -34.15 17.54
CA GLY E 277 -15.38 -34.82 16.96
C GLY E 277 -16.75 -34.42 17.45
N VAL E 278 -16.88 -33.31 18.18
CA VAL E 278 -18.18 -32.84 18.63
C VAL E 278 -18.37 -31.39 18.22
N ALA E 279 -19.63 -31.02 18.00
CA ALA E 279 -20.03 -29.65 17.71
C ALA E 279 -21.25 -29.35 18.57
N VAL E 280 -21.06 -28.55 19.61
CA VAL E 280 -22.12 -28.30 20.58
C VAL E 280 -22.35 -26.79 20.71
N MET E 281 -23.53 -26.45 21.22
CA MET E 281 -23.94 -25.07 21.46
C MET E 281 -24.34 -24.93 22.92
N PRO E 282 -23.37 -24.91 23.83
CA PRO E 282 -23.70 -24.92 25.25
C PRO E 282 -24.23 -23.58 25.72
N ASP E 283 -25.17 -23.64 26.66
CA ASP E 283 -25.70 -22.44 27.31
C ASP E 283 -24.76 -22.07 28.45
N ASP E 284 -23.99 -21.00 28.26
CA ASP E 284 -22.97 -20.64 29.24
C ASP E 284 -23.57 -20.32 30.60
N GLU E 285 -24.76 -19.72 30.64
CA GLU E 285 -25.38 -19.36 31.92
C GLU E 285 -25.84 -20.60 32.68
N LYS E 286 -26.48 -21.54 31.97
CA LYS E 286 -27.01 -22.74 32.62
C LYS E 286 -25.89 -23.66 33.08
N VAL E 287 -24.80 -23.77 32.31
CA VAL E 287 -23.67 -24.59 32.73
C VAL E 287 -22.99 -23.98 33.94
N GLN E 288 -22.93 -22.65 34.02
CA GLN E 288 -22.37 -21.99 35.20
C GLN E 288 -23.21 -22.25 36.44
N GLU E 289 -24.54 -22.21 36.29
CA GLU E 289 -25.42 -22.51 37.40
C GLU E 289 -25.35 -23.98 37.80
N LEU E 290 -25.20 -24.88 36.82
CA LEU E 290 -25.15 -26.31 37.12
C LEU E 290 -23.92 -26.69 37.93
N SER E 291 -22.84 -25.92 37.82
CA SER E 291 -21.71 -26.11 38.70
C SER E 291 -21.95 -25.37 40.02
N GLY E 292 -21.25 -25.83 41.07
CA GLY E 292 -21.41 -25.20 42.37
C GLY E 292 -20.98 -23.76 42.42
N SER E 293 -20.08 -23.35 41.51
CA SER E 293 -19.53 -22.00 41.55
C SER E 293 -20.56 -20.99 41.08
N ASP E 294 -20.49 -19.78 41.63
CA ASP E 294 -21.37 -18.69 41.23
C ASP E 294 -20.79 -17.98 40.00
N MET E 295 -21.47 -16.92 39.56
CA MET E 295 -21.09 -16.25 38.32
C MET E 295 -19.69 -15.67 38.39
N ALA E 296 -19.24 -15.27 39.58
CA ALA E 296 -17.90 -14.70 39.71
C ALA E 296 -16.83 -15.79 39.69
N HIS E 297 -16.96 -16.80 40.57
CA HIS E 297 -15.97 -17.87 40.65
C HIS E 297 -15.92 -18.68 39.36
N TRP E 298 -17.05 -18.79 38.65
CA TRP E 298 -17.08 -19.58 37.43
C TRP E 298 -16.31 -18.90 36.30
N LEU E 299 -16.35 -17.57 36.24
CA LEU E 299 -15.66 -16.84 35.18
C LEU E 299 -14.17 -16.71 35.42
N LYS E 300 -13.62 -17.43 36.40
CA LYS E 300 -12.18 -17.50 36.61
C LYS E 300 -11.73 -18.94 36.82
N LEU E 301 -12.39 -19.87 36.13
CA LEU E 301 -12.07 -21.29 36.17
C LEU E 301 -11.48 -21.70 34.83
N LYS E 302 -10.49 -22.55 34.82
CA LYS E 302 -9.89 -22.91 33.58
C LYS E 302 -10.86 -23.73 32.73
N PRO E 303 -10.76 -23.69 31.39
CA PRO E 303 -11.67 -24.40 30.51
C PRO E 303 -11.70 -25.90 30.70
N GLU E 304 -10.61 -26.49 31.12
CA GLU E 304 -10.61 -27.91 31.47
C GLU E 304 -11.58 -28.15 32.64
N GLU E 305 -11.66 -27.24 33.60
CA GLU E 305 -12.58 -27.35 34.67
C GLU E 305 -13.96 -26.77 34.32
N LYS E 306 -14.09 -26.00 33.25
CA LYS E 306 -15.39 -25.53 32.83
C LYS E 306 -16.22 -26.65 32.25
N LYS E 307 -15.55 -27.49 31.48
CA LYS E 307 -16.08 -28.66 30.79
C LYS E 307 -17.21 -28.37 29.85
N LEU E 308 -17.15 -27.26 29.20
CA LEU E 308 -18.17 -26.85 28.29
C LEU E 308 -18.36 -27.71 27.06
N ASN E 309 -17.27 -28.17 26.48
CA ASN E 309 -17.35 -28.94 25.29
C ASN E 309 -16.87 -30.36 25.40
N THR E 310 -16.78 -30.87 26.61
CA THR E 310 -16.27 -32.22 26.83
C THR E 310 -17.29 -33.22 27.34
N LYS E 311 -18.42 -32.77 27.86
CA LYS E 311 -19.47 -33.65 28.35
C LYS E 311 -20.81 -33.04 27.98
N PRO E 312 -21.87 -33.83 27.95
CA PRO E 312 -23.20 -33.28 27.62
C PRO E 312 -23.59 -32.16 28.59
N GLN E 313 -23.99 -31.03 28.01
CA GLN E 313 -24.36 -29.81 28.73
C GLN E 313 -25.69 -29.30 28.19
N PRO E 314 -26.38 -28.46 28.95
CA PRO E 314 -27.60 -27.84 28.41
C PRO E 314 -27.27 -26.94 27.22
N GLN E 315 -28.06 -27.09 26.16
CA GLN E 315 -27.81 -26.41 24.90
C GLN E 315 -28.60 -25.11 24.83
N LYS E 316 -28.09 -24.19 24.03
CA LYS E 316 -28.78 -22.94 23.74
C LYS E 316 -29.64 -23.14 22.49
N TRP E 317 -30.96 -23.04 22.67
CA TRP E 317 -31.92 -23.25 21.59
CA TRP E 317 -31.94 -23.25 21.60
C TRP E 317 -32.34 -21.88 21.07
N CYS E 318 -31.73 -21.47 19.96
CA CYS E 318 -31.90 -20.13 19.42
C CYS E 318 -33.30 -19.91 18.85
N THR E 319 -33.73 -18.65 18.89
CA THR E 319 -34.92 -18.22 18.16
C THR E 319 -34.55 -17.87 16.73
N GLN E 320 -35.58 -17.61 15.92
CA GLN E 320 -35.34 -17.19 14.55
C GLN E 320 -34.59 -15.86 14.50
N ALA E 321 -34.90 -14.96 15.43
CA ALA E 321 -34.24 -13.65 15.46
C ALA E 321 -32.79 -13.77 15.93
N GLU E 322 -32.54 -14.63 16.91
CA GLU E 322 -31.16 -14.84 17.35
C GLU E 322 -30.31 -15.46 16.25
N ARG E 323 -30.91 -16.36 15.46
CA ARG E 323 -30.23 -16.90 14.29
C ARG E 323 -29.97 -15.82 13.24
N GLN E 324 -30.93 -14.91 13.06
CA GLN E 324 -30.76 -13.85 12.07
C GLN E 324 -29.66 -12.87 12.50
N LEU E 325 -29.61 -12.55 13.79
CA LEU E 325 -28.59 -11.62 14.27
C LEU E 325 -27.19 -12.15 14.00
N ALA E 326 -26.96 -13.44 14.27
CA ALA E 326 -25.64 -14.02 14.06
C ALA E 326 -25.23 -13.98 12.59
N TYR E 327 -26.19 -14.13 11.67
CA TYR E 327 -25.87 -14.00 10.26
C TYR E 327 -25.66 -12.54 9.88
N ASP E 328 -26.34 -11.61 10.55
CA ASP E 328 -26.20 -10.20 10.23
C ASP E 328 -24.92 -9.60 10.80
N ASN E 329 -24.45 -10.06 11.95
CA ASN E 329 -23.32 -9.44 12.63
C ASN E 329 -22.01 -10.21 12.47
N TYR E 330 -21.93 -11.09 11.48
CA TYR E 330 -20.73 -11.86 11.09
C TYR E 330 -20.42 -13.03 12.03
N GLU E 331 -21.28 -13.33 13.01
CA GLU E 331 -21.01 -14.48 13.88
C GLU E 331 -21.37 -15.82 13.22
N THR E 332 -22.18 -15.81 12.16
CA THR E 332 -22.47 -17.01 11.40
C THR E 332 -22.06 -16.78 9.95
N THR E 333 -20.97 -17.41 9.53
CA THR E 333 -20.44 -17.26 8.18
C THR E 333 -20.35 -18.60 7.47
N ASP E 334 -20.31 -18.56 6.14
CA ASP E 334 -20.26 -19.75 5.30
C ASP E 334 -18.86 -20.34 5.38
N ASP E 335 -18.62 -21.19 6.36
CA ASP E 335 -17.27 -21.66 6.61
C ASP E 335 -16.96 -22.99 5.93
N HIS E 336 -17.81 -23.99 6.12
CA HIS E 336 -17.42 -25.36 5.85
C HIS E 336 -18.61 -26.12 5.26
N GLY E 337 -18.30 -27.08 4.40
CA GLY E 337 -19.31 -27.96 3.84
C GLY E 337 -19.09 -29.40 4.27
N MET E 338 -20.14 -30.06 4.75
CA MET E 338 -20.04 -31.41 5.26
C MET E 338 -21.28 -32.20 4.82
N GLN E 339 -21.39 -33.44 5.32
CA GLN E 339 -22.54 -34.28 5.03
C GLN E 339 -23.13 -34.79 6.33
N ILE E 340 -24.43 -34.57 6.51
CA ILE E 340 -25.17 -35.17 7.62
C ILE E 340 -25.83 -36.44 7.11
N TYR E 341 -25.59 -37.55 7.81
CA TYR E 341 -26.07 -38.84 7.35
C TYR E 341 -26.77 -39.65 8.42
N GLY E 342 -26.86 -39.15 9.66
CA GLY E 342 -27.51 -39.92 10.71
C GLY E 342 -27.87 -39.08 11.90
N ILE E 343 -28.58 -39.73 12.83
CA ILE E 343 -28.97 -39.14 14.11
C ILE E 343 -28.46 -40.05 15.22
N ALA E 344 -27.92 -39.45 16.27
CA ALA E 344 -27.39 -40.22 17.40
C ALA E 344 -27.83 -39.56 18.70
N LYS E 345 -27.66 -40.31 19.79
CA LYS E 345 -27.96 -39.82 21.12
C LYS E 345 -26.76 -40.03 22.02
N ASP E 346 -26.65 -39.21 23.06
CA ASP E 346 -25.62 -39.36 24.06
C ASP E 346 -26.18 -40.13 25.25
N GLN E 347 -25.37 -40.26 26.31
CA GLN E 347 -25.81 -41.02 27.47
C GLN E 347 -27.00 -40.37 28.17
N GLU E 348 -27.18 -39.05 28.01
CA GLU E 348 -28.28 -38.33 28.64
C GLU E 348 -29.50 -38.21 27.73
N GLY E 349 -29.45 -38.74 26.51
CA GLY E 349 -30.59 -38.71 25.62
C GLY E 349 -30.64 -37.55 24.67
N ASN E 350 -29.65 -36.66 24.71
CA ASN E 350 -29.61 -35.53 23.77
C ASN E 350 -29.37 -36.01 22.35
N GLU E 351 -30.03 -35.37 21.40
CA GLU E 351 -29.96 -35.79 20.00
C GLU E 351 -28.85 -35.03 19.26
N TYR E 352 -28.15 -35.75 18.39
CA TYR E 352 -27.08 -35.19 17.58
C TYR E 352 -27.26 -35.63 16.14
N TYR E 353 -26.71 -34.85 15.22
CA TYR E 353 -26.61 -35.25 13.83
C TYR E 353 -25.22 -35.79 13.56
N MET E 354 -25.16 -36.91 12.84
CA MET E 354 -23.90 -37.55 12.50
C MET E 354 -23.36 -36.92 11.23
N VAL E 355 -22.13 -36.40 11.31
CA VAL E 355 -21.54 -35.58 10.25
C VAL E 355 -20.32 -36.31 9.69
N LYS E 356 -20.26 -36.40 8.36
CA LYS E 356 -19.09 -36.95 7.67
C LYS E 356 -18.22 -35.80 7.19
N ASN E 357 -17.07 -35.63 7.82
CA ASN E 357 -16.15 -34.56 7.45
C ASN E 357 -15.19 -35.03 6.37
N SER E 358 -14.32 -34.13 5.92
CA SER E 358 -13.36 -34.44 4.85
C SER E 358 -11.94 -34.07 5.28
N TRP E 359 -11.60 -34.36 6.54
CA TRP E 359 -10.28 -34.08 7.08
C TRP E 359 -9.50 -35.35 7.38
N GLY E 360 -9.83 -36.46 6.72
CA GLY E 360 -9.19 -37.72 7.02
C GLY E 360 -9.78 -38.37 8.25
N THR E 361 -9.17 -39.50 8.64
CA THR E 361 -9.67 -40.32 9.73
C THR E 361 -8.85 -40.22 11.00
N ASN E 362 -7.94 -39.24 11.09
CA ASN E 362 -7.08 -39.11 12.26
C ASN E 362 -7.74 -38.19 13.30
N SER E 363 -8.94 -38.62 13.72
CA SER E 363 -9.68 -37.92 14.76
C SER E 363 -10.35 -38.98 15.65
N LYS E 364 -11.04 -38.51 16.69
CA LYS E 364 -11.55 -39.42 17.71
C LYS E 364 -12.55 -40.42 17.13
N TYR E 365 -13.41 -39.98 16.21
CA TYR E 365 -14.40 -40.85 15.61
C TYR E 365 -14.09 -41.15 14.14
N ASN E 366 -12.81 -41.13 13.79
CA ASN E 366 -12.33 -41.52 12.46
C ASN E 366 -12.96 -40.64 11.37
N GLY E 367 -12.88 -39.32 11.57
CA GLY E 367 -13.39 -38.37 10.61
C GLY E 367 -14.86 -38.05 10.72
N ILE E 368 -15.53 -38.58 11.73
CA ILE E 368 -16.95 -38.36 11.95
C ILE E 368 -17.13 -37.36 13.09
N TRP E 369 -18.07 -36.44 12.92
CA TRP E 369 -18.39 -35.45 13.93
C TRP E 369 -19.84 -35.65 14.40
N TYR E 370 -20.09 -35.31 15.65
CA TYR E 370 -21.43 -35.32 16.22
C TYR E 370 -21.83 -33.89 16.52
N ALA E 371 -22.79 -33.35 15.77
CA ALA E 371 -23.24 -31.99 15.91
C ALA E 371 -24.62 -31.99 16.56
N SER E 372 -24.72 -31.35 17.72
CA SER E 372 -26.00 -31.31 18.42
C SER E 372 -27.03 -30.57 17.59
N LYS E 373 -28.30 -30.93 17.79
CA LYS E 373 -29.37 -30.29 17.04
C LYS E 373 -29.43 -28.79 17.31
N ALA E 374 -29.04 -28.37 18.51
CA ALA E 374 -29.02 -26.94 18.80
C ALA E 374 -27.95 -26.23 17.99
N PHE E 375 -26.78 -26.87 17.81
CA PHE E 375 -25.75 -26.28 16.97
C PHE E 375 -26.20 -26.19 15.53
N VAL E 376 -26.78 -27.26 15.00
CA VAL E 376 -27.22 -27.26 13.60
C VAL E 376 -28.30 -26.22 13.38
N ARG E 377 -29.22 -26.09 14.35
CA ARG E 377 -30.29 -25.10 14.24
C ARG E 377 -29.73 -23.68 14.19
N TYR E 378 -28.64 -23.42 14.90
CA TYR E 378 -28.10 -22.08 15.07
C TYR E 378 -27.13 -21.69 13.97
N LYS E 379 -26.24 -22.60 13.56
CA LYS E 379 -25.10 -22.25 12.72
C LYS E 379 -25.20 -22.75 11.29
N THR E 380 -26.34 -23.32 10.89
CA THR E 380 -26.47 -23.80 9.52
C THR E 380 -26.63 -22.64 8.55
N MET E 381 -25.83 -22.64 7.50
CA MET E 381 -25.98 -21.64 6.45
C MET E 381 -27.04 -22.08 5.43
N ASN E 382 -26.90 -23.28 4.90
CA ASN E 382 -27.86 -23.83 3.94
C ASN E 382 -27.62 -25.33 3.84
N ILE E 383 -28.60 -26.03 3.27
CA ILE E 383 -28.51 -27.46 3.04
C ILE E 383 -29.00 -27.79 1.64
N VAL E 384 -28.57 -28.94 1.14
CA VAL E 384 -29.04 -29.49 -0.11
C VAL E 384 -29.50 -30.92 0.14
N VAL E 385 -30.73 -31.22 -0.27
CA VAL E 385 -31.30 -32.56 -0.18
C VAL E 385 -32.03 -32.87 -1.47
N HIS E 386 -32.33 -34.15 -1.66
CA HIS E 386 -33.20 -34.58 -2.73
C HIS E 386 -34.62 -34.08 -2.47
N LYS E 387 -35.35 -33.81 -3.56
CA LYS E 387 -36.72 -33.30 -3.43
C LYS E 387 -37.56 -34.23 -2.56
N ASP E 388 -37.44 -35.53 -2.77
CA ASP E 388 -38.27 -36.52 -2.07
C ASP E 388 -37.93 -36.65 -0.60
N ALA E 389 -36.85 -36.01 -0.13
CA ALA E 389 -36.58 -35.98 1.30
C ALA E 389 -37.42 -34.94 2.04
N LEU E 390 -38.11 -34.07 1.32
CA LEU E 390 -38.95 -33.04 1.92
C LEU E 390 -40.28 -33.65 2.36
N PRO E 391 -40.77 -33.26 3.54
CA PRO E 391 -42.14 -33.64 3.92
C PRO E 391 -43.14 -33.10 2.91
N LYS E 392 -44.26 -33.80 2.77
CA LYS E 392 -45.24 -33.43 1.75
C LYS E 392 -45.80 -32.03 1.98
N ALA E 393 -46.05 -31.66 3.24
CA ALA E 393 -46.61 -30.35 3.53
C ALA E 393 -45.63 -29.24 3.21
N ILE E 394 -44.36 -29.43 3.56
CA ILE E 394 -43.35 -28.41 3.26
C ILE E 394 -43.12 -28.32 1.76
N LYS E 395 -43.10 -29.47 1.09
CA LYS E 395 -42.97 -29.48 -0.37
C LYS E 395 -44.09 -28.70 -1.02
N ALA E 396 -45.30 -28.77 -0.45
CA ALA E 396 -46.45 -28.07 -1.02
C ALA E 396 -46.33 -26.56 -0.81
N LYS E 397 -45.86 -26.13 0.35
CA LYS E 397 -45.72 -24.70 0.61
C LYS E 397 -44.70 -24.05 -0.32
N LEU E 398 -43.67 -24.81 -0.74
CA LEU E 398 -42.64 -24.28 -1.62
C LEU E 398 -42.99 -24.38 -3.09
N GLY E 399 -44.08 -25.06 -3.44
CA GLY E 399 -44.45 -25.21 -4.83
C GLY E 399 -43.59 -26.20 -5.59
N ILE E 400 -43.10 -27.24 -4.93
CA ILE E 400 -42.22 -28.22 -5.54
C ILE E 400 -43.02 -29.45 -5.91
N LYS E 401 -42.88 -29.91 -7.15
CA LYS E 401 -43.50 -31.14 -7.58
C LYS E 401 -42.45 -32.26 -7.69
N GLY F 29 17.10 23.66 -41.51
CA GLY F 29 16.97 22.22 -41.37
C GLY F 29 18.27 21.46 -41.47
N PHE F 30 18.18 20.13 -41.51
CA PHE F 30 19.33 19.25 -41.65
C PHE F 30 19.39 18.68 -43.07
N VAL F 31 20.59 18.61 -43.62
CA VAL F 31 20.83 17.95 -44.90
C VAL F 31 22.04 17.04 -44.71
N PHE F 32 21.82 15.73 -44.72
CA PHE F 32 22.85 14.76 -44.42
C PHE F 32 23.42 14.14 -45.68
N THR F 33 24.73 13.86 -45.65
CA THR F 33 25.45 13.25 -46.76
C THR F 33 26.24 12.07 -46.21
N THR F 34 25.99 10.88 -46.75
CA THR F 34 26.69 9.68 -46.30
C THR F 34 28.17 9.77 -46.63
N VAL F 35 29.01 9.57 -45.62
CA VAL F 35 30.45 9.45 -45.84
C VAL F 35 30.85 8.00 -46.09
N LYS F 36 30.44 7.11 -45.20
CA LYS F 36 30.56 5.68 -45.42
C LYS F 36 29.51 4.97 -44.57
N GLU F 37 28.88 3.95 -45.14
CA GLU F 37 27.94 3.12 -44.42
C GLU F 37 28.06 1.68 -44.93
N ASN F 38 27.78 0.75 -44.04
CA ASN F 38 27.93 -0.67 -44.33
C ASN F 38 26.58 -1.34 -44.47
N PRO F 39 26.51 -2.48 -45.19
CA PRO F 39 25.20 -3.06 -45.52
C PRO F 39 24.42 -3.48 -44.29
N ILE F 40 23.11 -3.20 -44.32
CA ILE F 40 22.18 -3.56 -43.27
C ILE F 40 20.96 -4.21 -43.90
N THR F 41 20.14 -4.83 -43.05
CA THR F 41 18.88 -5.40 -43.49
C THR F 41 17.78 -4.35 -43.34
N SER F 42 16.54 -4.76 -43.57
CA SER F 42 15.42 -3.83 -43.53
C SER F 42 15.14 -3.40 -42.08
N VAL F 43 14.56 -2.21 -41.95
CA VAL F 43 14.19 -1.68 -40.64
C VAL F 43 13.01 -2.47 -40.10
N LYS F 44 13.14 -2.96 -38.86
CA LYS F 44 12.10 -3.74 -38.21
C LYS F 44 11.31 -2.85 -37.26
N ASN F 45 10.26 -3.42 -36.67
CA ASN F 45 9.39 -2.66 -35.78
C ASN F 45 9.09 -3.50 -34.54
N GLN F 46 9.65 -3.10 -33.40
CA GLN F 46 9.40 -3.79 -32.14
C GLN F 46 8.01 -3.52 -31.60
N ASN F 47 7.39 -2.41 -32.00
CA ASN F 47 6.02 -2.02 -31.63
C ASN F 47 5.94 -1.93 -30.10
N ARG F 48 4.89 -2.49 -29.48
CA ARG F 48 4.61 -2.26 -28.07
C ARG F 48 5.21 -3.37 -27.20
N ALA F 49 6.54 -3.39 -27.18
CA ALA F 49 7.28 -4.32 -26.35
C ALA F 49 8.68 -3.78 -26.15
N GLY F 50 9.23 -4.00 -24.96
CA GLY F 50 10.56 -3.50 -24.65
C GLY F 50 11.66 -4.42 -25.13
N THR F 51 11.59 -4.85 -26.39
CA THR F 51 12.48 -5.84 -26.95
C THR F 51 13.54 -5.22 -27.88
N CYS F 52 13.84 -3.94 -27.70
CA CYS F 52 14.84 -3.29 -28.55
C CYS F 52 16.20 -3.95 -28.43
N TRP F 53 16.50 -4.53 -27.26
CA TRP F 53 17.78 -5.21 -27.08
C TRP F 53 17.95 -6.36 -28.05
N CYS F 54 16.86 -7.05 -28.38
CA CYS F 54 16.95 -8.18 -29.29
C CYS F 54 16.86 -7.76 -30.75
N TYR F 55 16.02 -6.78 -31.07
CA TYR F 55 15.91 -6.32 -32.44
C TYR F 55 17.21 -5.67 -32.92
N SER F 56 17.85 -4.88 -32.06
CA SER F 56 19.12 -4.27 -32.46
C SER F 56 20.24 -5.30 -32.51
N SER F 57 20.21 -6.27 -31.60
CA SER F 57 21.19 -7.35 -31.64
C SER F 57 21.10 -8.11 -32.95
N TYR F 58 19.88 -8.33 -33.44
CA TYR F 58 19.73 -9.10 -34.67
C TYR F 58 19.99 -8.24 -35.90
N SER F 59 19.66 -6.94 -35.86
CA SER F 59 20.12 -6.03 -36.90
C SER F 59 21.64 -6.07 -36.99
N PHE F 60 22.31 -6.15 -35.83
CA PHE F 60 23.77 -6.26 -35.80
C PHE F 60 24.24 -7.60 -36.34
N LEU F 61 23.66 -8.70 -35.83
CA LEU F 61 24.09 -10.03 -36.27
C LEU F 61 23.79 -10.27 -37.74
N GLU F 62 22.71 -9.68 -38.26
CA GLU F 62 22.40 -9.84 -39.68
C GLU F 62 23.42 -9.09 -40.53
N SER F 63 23.86 -7.91 -40.08
CA SER F 63 24.95 -7.22 -40.77
C SER F 63 26.25 -8.01 -40.68
N GLU F 64 26.47 -8.73 -39.58
CA GLU F 64 27.65 -9.57 -39.48
C GLU F 64 27.59 -10.73 -40.47
N LEU F 65 26.40 -11.29 -40.69
CA LEU F 65 26.26 -12.36 -41.67
C LEU F 65 26.44 -11.84 -43.09
N LEU F 66 25.95 -10.62 -43.38
CA LEU F 66 26.21 -10.01 -44.67
C LEU F 66 27.70 -9.77 -44.87
N ARG F 67 28.38 -9.26 -43.84
CA ARG F 67 29.81 -8.98 -43.94
C ARG F 67 30.63 -10.26 -44.14
N MET F 68 30.21 -11.35 -43.51
CA MET F 68 30.89 -12.62 -43.61
C MET F 68 30.51 -13.42 -44.85
N GLY F 69 29.77 -12.82 -45.78
CA GLY F 69 29.42 -13.50 -47.02
C GLY F 69 28.40 -14.61 -46.87
N LYS F 70 27.58 -14.57 -45.82
CA LYS F 70 26.58 -15.61 -45.59
C LYS F 70 25.20 -15.24 -46.15
N GLY F 71 25.02 -14.02 -46.63
CA GLY F 71 23.73 -13.62 -47.17
C GLY F 71 22.84 -12.94 -46.17
N GLU F 72 21.62 -12.66 -46.62
CA GLU F 72 20.63 -11.96 -45.81
C GLU F 72 19.84 -12.96 -44.97
N TYR F 73 19.70 -12.66 -43.68
CA TYR F 73 18.92 -13.47 -42.77
C TYR F 73 17.85 -12.61 -42.11
N ASP F 74 16.80 -13.27 -41.62
CA ASP F 74 15.76 -12.63 -40.82
C ASP F 74 15.54 -13.52 -39.59
N LEU F 75 16.32 -13.28 -38.55
CA LEU F 75 16.27 -14.09 -37.34
C LEU F 75 15.07 -13.71 -36.48
N SER F 76 14.53 -14.70 -35.78
CA SER F 76 13.32 -14.50 -34.98
C SER F 76 13.67 -13.92 -33.62
N GLU F 77 13.25 -12.67 -33.37
CA GLU F 77 13.45 -12.08 -32.05
C GLU F 77 12.56 -12.76 -31.02
N MET F 78 11.36 -13.17 -31.40
CA MET F 78 10.43 -13.76 -30.45
C MET F 78 10.96 -15.07 -29.88
N PHE F 79 11.76 -15.81 -30.66
CA PHE F 79 12.38 -17.03 -30.14
C PHE F 79 13.36 -16.71 -29.02
N THR F 80 14.25 -15.75 -29.26
CA THR F 80 15.23 -15.38 -28.24
C THR F 80 14.59 -14.65 -27.07
N VAL F 81 13.63 -13.77 -27.36
CA VAL F 81 12.92 -13.07 -26.29
C VAL F 81 12.23 -14.08 -25.37
N TYR F 82 11.59 -15.09 -25.95
CA TYR F 82 10.91 -16.12 -25.16
C TYR F 82 11.87 -16.83 -24.22
N ASN F 83 12.98 -17.34 -24.75
CA ASN F 83 13.92 -18.08 -23.91
C ASN F 83 14.62 -17.19 -22.90
N THR F 84 14.86 -15.93 -23.26
CA THR F 84 15.51 -15.01 -22.32
C THR F 84 14.62 -14.74 -21.12
N TYR F 85 13.32 -14.55 -21.34
CA TYR F 85 12.41 -14.25 -20.24
C TYR F 85 12.32 -15.41 -19.26
N LEU F 86 12.40 -16.65 -19.75
CA LEU F 86 12.39 -17.79 -18.83
C LEU F 86 13.62 -17.78 -17.94
N ASP F 87 14.78 -17.44 -18.50
CA ASP F 87 15.99 -17.33 -17.68
C ASP F 87 15.91 -16.16 -16.71
N ARG F 88 15.33 -15.04 -17.16
CA ARG F 88 15.21 -13.89 -16.27
C ARG F 88 14.22 -14.17 -15.13
N ALA F 89 13.16 -14.92 -15.42
CA ALA F 89 12.25 -15.33 -14.36
C ALA F 89 12.97 -16.21 -13.34
N ASP F 90 13.83 -17.11 -13.82
CA ASP F 90 14.63 -17.94 -12.93
C ASP F 90 15.58 -17.09 -12.08
N ALA F 91 16.20 -16.07 -12.70
CA ALA F 91 17.10 -15.21 -11.96
C ALA F 91 16.35 -14.42 -10.89
N ALA F 92 15.14 -13.97 -11.20
CA ALA F 92 14.35 -13.24 -10.21
C ALA F 92 13.98 -14.13 -9.03
N VAL F 93 13.64 -15.39 -9.30
CA VAL F 93 13.24 -16.31 -8.23
C VAL F 93 14.44 -16.71 -7.38
N ARG F 94 15.58 -16.98 -8.02
CA ARG F 94 16.75 -17.39 -7.25
C ARG F 94 17.23 -16.28 -6.32
N THR F 95 17.13 -15.03 -6.75
CA THR F 95 17.53 -13.91 -5.92
C THR F 95 16.36 -13.33 -5.13
N HIS F 96 15.24 -14.05 -5.05
CA HIS F 96 14.09 -13.67 -4.23
C HIS F 96 13.61 -12.25 -4.55
N GLY F 97 13.59 -11.92 -5.84
CA GLY F 97 13.05 -10.66 -6.30
C GLY F 97 14.05 -9.55 -6.50
N ASP F 98 15.32 -9.76 -6.18
CA ASP F 98 16.32 -8.72 -6.41
C ASP F 98 16.47 -8.43 -7.89
N VAL F 99 16.69 -9.48 -8.69
CA VAL F 99 16.67 -9.34 -10.15
C VAL F 99 15.24 -8.99 -10.56
N SER F 100 15.04 -7.78 -11.09
CA SER F 100 13.73 -7.38 -11.54
C SER F 100 13.34 -8.17 -12.79
N PHE F 101 12.05 -8.47 -12.90
CA PHE F 101 11.52 -9.19 -14.06
C PHE F 101 10.75 -8.19 -14.92
N SER F 102 11.35 -7.79 -16.03
CA SER F 102 10.77 -6.82 -16.95
C SER F 102 11.15 -7.22 -18.37
N GLN F 103 10.75 -6.38 -19.32
CA GLN F 103 10.87 -6.73 -20.74
C GLN F 103 12.26 -6.48 -21.31
N GLY F 104 13.09 -5.67 -20.65
CA GLY F 104 14.35 -5.26 -21.21
C GLY F 104 15.38 -6.38 -21.27
N GLY F 105 16.55 -6.02 -21.78
CA GLY F 105 17.62 -6.98 -21.94
C GLY F 105 18.89 -6.30 -22.42
N SER F 106 19.83 -7.12 -22.87
CA SER F 106 21.14 -6.64 -23.28
C SER F 106 21.58 -7.37 -24.54
N PHE F 107 22.64 -6.84 -25.17
CA PHE F 107 23.25 -7.53 -26.31
C PHE F 107 23.80 -8.88 -25.90
N TYR F 108 24.27 -9.00 -24.65
CA TYR F 108 24.80 -10.28 -24.19
C TYR F 108 23.70 -11.34 -24.08
N ASP F 109 22.46 -10.90 -23.82
CA ASP F 109 21.35 -11.85 -23.82
C ASP F 109 21.23 -12.55 -25.16
N ALA F 110 21.44 -11.83 -26.26
CA ALA F 110 21.38 -12.42 -27.59
C ALA F 110 22.62 -13.25 -27.90
N LEU F 111 23.80 -12.75 -27.50
CA LEU F 111 25.03 -13.51 -27.70
C LEU F 111 25.02 -14.80 -26.90
N TYR F 112 24.58 -14.72 -25.64
CA TYR F 112 24.40 -15.95 -24.86
C TYR F 112 23.30 -16.82 -25.44
N GLY F 113 22.24 -16.19 -25.97
CA GLY F 113 21.09 -16.94 -26.44
C GLY F 113 21.40 -17.82 -27.65
N MET F 114 22.13 -17.28 -28.62
CA MET F 114 22.40 -18.05 -29.83
C MET F 114 23.27 -19.27 -29.54
N GLU F 115 24.17 -19.16 -28.56
CA GLU F 115 24.98 -20.31 -28.17
C GLU F 115 24.18 -21.32 -27.36
N THR F 116 23.23 -20.85 -26.55
CA THR F 116 22.51 -21.73 -25.65
C THR F 116 21.22 -22.26 -26.26
N PHE F 117 20.40 -21.38 -26.84
CA PHE F 117 19.12 -21.78 -27.40
C PHE F 117 19.16 -22.01 -28.91
N GLY F 118 20.05 -21.32 -29.62
CA GLY F 118 20.09 -21.39 -31.07
C GLY F 118 19.37 -20.23 -31.71
N LEU F 119 19.10 -20.40 -33.01
CA LEU F 119 18.40 -19.39 -33.80
C LEU F 119 17.36 -20.07 -34.67
N VAL F 120 16.26 -19.36 -34.92
CA VAL F 120 15.26 -19.83 -35.87
C VAL F 120 14.90 -18.64 -36.78
N PRO F 121 14.49 -18.88 -38.01
CA PRO F 121 14.09 -17.77 -38.88
C PRO F 121 12.80 -17.13 -38.41
N GLU F 122 12.59 -15.90 -38.89
CA GLU F 122 11.45 -15.09 -38.48
C GLU F 122 10.13 -15.83 -38.66
N GLU F 123 10.03 -16.65 -39.72
CA GLU F 123 8.77 -17.30 -40.04
C GLU F 123 8.34 -18.31 -38.99
N GLU F 124 9.28 -18.86 -38.21
CA GLU F 124 8.95 -19.91 -37.27
C GLU F 124 8.36 -19.39 -35.96
N MET F 125 8.57 -18.12 -35.64
CA MET F 125 7.93 -17.52 -34.46
C MET F 125 7.79 -16.02 -34.72
N ARG F 126 6.64 -15.62 -35.30
CA ARG F 126 6.45 -14.23 -35.67
C ARG F 126 5.81 -13.45 -34.52
N PRO F 127 6.04 -12.14 -34.45
CA PRO F 127 5.37 -11.33 -33.43
C PRO F 127 3.89 -11.19 -33.70
N GLY F 128 3.10 -11.28 -32.64
CA GLY F 128 1.67 -11.05 -32.71
C GLY F 128 0.85 -12.18 -33.28
N MET F 129 1.47 -13.28 -33.71
CA MET F 129 0.73 -14.36 -34.36
C MET F 129 -0.32 -14.99 -33.46
N MET F 130 -0.16 -14.89 -32.13
CA MET F 130 -1.07 -15.57 -31.22
C MET F 130 -2.30 -14.75 -30.89
N TYR F 131 -2.27 -13.44 -31.09
CA TYR F 131 -3.43 -12.59 -30.82
C TYR F 131 -3.85 -11.86 -32.10
N ALA F 132 -3.71 -12.53 -33.24
CA ALA F 132 -4.24 -12.08 -34.53
C ALA F 132 -3.68 -10.72 -34.92
N ASP F 133 -2.38 -10.53 -34.73
CA ASP F 133 -1.69 -9.31 -35.12
C ASP F 133 -0.40 -9.68 -35.86
N THR F 134 0.30 -8.67 -36.36
CA THR F 134 1.59 -8.87 -37.00
C THR F 134 2.72 -8.14 -36.30
N LEU F 135 2.42 -7.35 -35.27
CA LEU F 135 3.43 -6.67 -34.48
C LEU F 135 3.19 -6.99 -33.01
N SER F 136 4.25 -6.85 -32.22
CA SER F 136 4.21 -7.28 -30.83
C SER F 136 3.36 -6.34 -29.97
N ASN F 137 2.63 -6.92 -29.03
CA ASN F 137 1.98 -6.17 -27.96
C ASN F 137 2.04 -7.07 -26.71
N HIS F 138 3.06 -6.86 -25.89
CA HIS F 138 3.33 -7.73 -24.75
C HIS F 138 2.83 -7.15 -23.44
N THR F 139 1.89 -6.20 -23.50
CA THR F 139 1.39 -5.57 -22.28
C THR F 139 0.63 -6.57 -21.41
N GLU F 140 -0.25 -7.36 -22.02
CA GLU F 140 -1.00 -8.35 -21.26
C GLU F 140 -0.10 -9.48 -20.80
N LEU F 141 0.82 -9.93 -21.66
CA LEU F 141 1.76 -10.97 -21.28
C LEU F 141 2.59 -10.55 -20.08
N SER F 142 3.09 -9.31 -20.06
CA SER F 142 3.87 -8.84 -18.93
C SER F 142 3.00 -8.73 -17.68
N ALA F 143 1.77 -8.23 -17.83
CA ALA F 143 0.88 -8.11 -16.67
C ALA F 143 0.71 -9.45 -15.97
N LEU F 144 0.54 -10.53 -16.73
CA LEU F 144 0.38 -11.85 -16.11
C LEU F 144 1.70 -12.35 -15.54
N THR F 145 2.76 -12.36 -16.36
CA THR F 145 4.01 -12.99 -15.92
C THR F 145 4.70 -12.20 -14.81
N ASP F 146 4.58 -10.86 -14.82
CA ASP F 146 5.10 -10.08 -13.72
C ASP F 146 4.41 -10.46 -12.40
N ALA F 147 3.09 -10.65 -12.46
CA ALA F 147 2.35 -11.06 -11.27
C ALA F 147 2.73 -12.48 -10.85
N MET F 148 2.99 -13.36 -11.82
CA MET F 148 3.35 -14.74 -11.50
C MET F 148 4.73 -14.81 -10.85
N VAL F 149 5.73 -14.14 -11.46
CA VAL F 149 7.08 -14.19 -10.92
C VAL F 149 7.13 -13.55 -9.53
N ALA F 150 6.38 -12.47 -9.32
CA ALA F 150 6.36 -11.83 -8.01
C ALA F 150 5.71 -12.70 -6.95
N ALA F 151 4.69 -13.49 -7.32
CA ALA F 151 4.04 -14.37 -6.36
C ALA F 151 4.99 -15.45 -5.86
N ILE F 152 5.97 -15.83 -6.67
CA ILE F 152 6.96 -16.82 -6.27
C ILE F 152 8.16 -16.15 -5.61
N ALA F 153 8.73 -15.13 -6.27
CA ALA F 153 10.00 -14.57 -5.82
C ALA F 153 9.83 -13.71 -4.57
N LYS F 154 8.71 -12.98 -4.46
CA LYS F 154 8.51 -12.07 -3.35
C LYS F 154 7.36 -12.50 -2.44
N GLY F 155 6.89 -13.74 -2.55
CA GLY F 155 5.79 -14.23 -1.75
C GLY F 155 6.24 -14.87 -0.46
N LYS F 156 5.32 -15.61 0.16
CA LYS F 156 5.56 -16.27 1.43
C LYS F 156 5.75 -17.77 1.30
N LEU F 157 5.87 -18.29 0.09
CA LEU F 157 6.01 -19.73 -0.10
C LEU F 157 7.33 -20.23 0.49
N ARG F 158 7.25 -21.29 1.29
CA ARG F 158 8.46 -21.81 1.94
C ARG F 158 9.09 -22.95 1.16
N LYS F 159 8.33 -23.66 0.32
CA LYS F 159 8.88 -24.78 -0.43
C LYS F 159 8.14 -24.84 -1.77
N LEU F 160 8.86 -24.56 -2.86
CA LEU F 160 8.24 -24.58 -4.18
C LEU F 160 8.06 -26.01 -4.66
N GLN F 161 6.96 -26.23 -5.37
CA GLN F 161 6.57 -27.59 -5.72
C GLN F 161 7.31 -28.08 -6.96
N SER F 162 7.55 -29.39 -6.99
CA SER F 162 8.26 -30.03 -8.08
C SER F 162 7.64 -31.41 -8.33
N ASP F 163 7.84 -31.92 -9.54
CA ASP F 163 7.26 -33.20 -9.92
C ASP F 163 8.22 -34.33 -9.53
N GLU F 164 7.95 -35.53 -10.06
CA GLU F 164 8.75 -36.70 -9.74
C GLU F 164 10.17 -36.59 -10.28
N ASN F 165 10.41 -35.73 -11.27
CA ASN F 165 11.74 -35.53 -11.85
C ASN F 165 12.41 -34.29 -11.32
N ASN F 166 11.95 -33.75 -10.19
CA ASN F 166 12.54 -32.57 -9.56
C ASN F 166 12.47 -31.34 -10.46
N ALA F 167 11.49 -31.29 -11.36
CA ALA F 167 11.25 -30.13 -12.19
C ALA F 167 10.27 -29.20 -11.49
N MET F 168 10.60 -27.92 -11.46
CA MET F 168 9.77 -26.94 -10.75
C MET F 168 8.48 -26.69 -11.51
N LEU F 169 7.36 -26.69 -10.78
CA LEU F 169 6.07 -26.46 -11.43
C LEU F 169 5.90 -25.00 -11.84
N TRP F 170 6.44 -24.05 -11.06
CA TRP F 170 6.26 -22.65 -11.43
C TRP F 170 6.97 -22.33 -12.73
N LYS F 171 8.08 -23.01 -13.03
CA LYS F 171 8.74 -22.80 -14.31
C LYS F 171 7.89 -23.32 -15.46
N LYS F 172 7.18 -24.43 -15.24
CA LYS F 172 6.23 -24.92 -16.24
C LYS F 172 5.13 -23.90 -16.48
N ALA F 173 4.63 -23.28 -15.40
CA ALA F 173 3.55 -22.31 -15.53
C ALA F 173 4.00 -21.07 -16.29
N VAL F 174 5.17 -20.53 -15.93
CA VAL F 174 5.67 -19.34 -16.61
C VAL F 174 6.01 -19.64 -18.06
N ALA F 175 6.52 -20.85 -18.34
CA ALA F 175 6.80 -21.22 -19.72
C ALA F 175 5.52 -21.37 -20.53
N ALA F 176 4.49 -21.98 -19.93
CA ALA F 176 3.23 -22.17 -20.65
C ALA F 176 2.57 -20.85 -20.99
N VAL F 177 2.59 -19.89 -20.06
CA VAL F 177 1.96 -18.60 -20.31
C VAL F 177 2.69 -17.83 -21.40
N HIS F 178 4.02 -17.90 -21.41
CA HIS F 178 4.79 -17.25 -22.47
C HIS F 178 4.47 -17.86 -23.83
N GLN F 179 4.28 -19.18 -23.89
CA GLN F 179 3.94 -19.80 -25.17
C GLN F 179 2.56 -19.40 -25.66
N ILE F 180 1.64 -19.14 -24.74
CA ILE F 180 0.29 -18.74 -25.15
C ILE F 180 0.30 -17.36 -25.79
N TYR F 181 1.20 -16.47 -25.38
CA TYR F 181 1.27 -15.13 -25.92
C TYR F 181 2.34 -14.94 -26.98
N LEU F 182 3.40 -15.74 -26.98
CA LEU F 182 4.49 -15.61 -27.94
C LEU F 182 4.54 -16.73 -28.97
N GLY F 183 3.98 -17.90 -28.68
CA GLY F 183 4.03 -19.03 -29.59
C GLY F 183 4.89 -20.15 -29.04
N VAL F 184 4.75 -21.32 -29.66
CA VAL F 184 5.50 -22.51 -29.29
C VAL F 184 6.85 -22.51 -30.01
N PRO F 185 7.95 -22.68 -29.29
CA PRO F 185 9.25 -22.75 -29.95
C PRO F 185 9.37 -24.03 -30.76
N PRO F 186 9.85 -23.94 -32.00
CA PRO F 186 9.96 -25.15 -32.83
C PRO F 186 11.12 -26.03 -32.39
N GLU F 187 10.86 -27.33 -32.36
CA GLU F 187 11.94 -28.29 -32.16
C GLU F 187 12.65 -28.58 -33.46
N LYS F 188 11.90 -28.65 -34.55
CA LYS F 188 12.44 -28.86 -35.90
C LYS F 188 11.70 -27.96 -36.87
N PHE F 189 12.39 -27.54 -37.92
CA PHE F 189 11.77 -26.72 -38.94
C PHE F 189 12.56 -26.87 -40.24
N THR F 190 11.91 -26.51 -41.34
CA THR F 190 12.51 -26.55 -42.66
C THR F 190 12.71 -25.13 -43.16
N TYR F 191 13.93 -24.83 -43.62
CA TYR F 191 14.27 -23.51 -44.11
C TYR F 191 15.07 -23.66 -45.39
N LYS F 192 14.51 -23.20 -46.50
CA LYS F 192 15.17 -23.23 -47.82
C LYS F 192 15.59 -24.65 -48.19
N GLY F 193 14.70 -25.62 -47.96
CA GLY F 193 14.90 -26.98 -48.41
C GLY F 193 15.58 -27.88 -47.41
N LYS F 194 16.18 -27.33 -46.35
CA LYS F 194 16.91 -28.13 -45.37
C LYS F 194 16.19 -28.12 -44.04
N GLU F 195 16.27 -29.25 -43.33
CA GLU F 195 15.65 -29.38 -42.02
C GLU F 195 16.66 -29.00 -40.94
N TYR F 196 16.21 -28.20 -39.97
CA TYR F 196 17.07 -27.69 -38.92
C TYR F 196 16.44 -27.88 -37.56
N THR F 197 17.28 -27.86 -36.54
CA THR F 197 16.92 -27.54 -35.17
C THR F 197 17.43 -26.14 -34.86
N PRO F 198 16.92 -25.49 -33.82
CA PRO F 198 17.50 -24.18 -33.43
C PRO F 198 19.01 -24.22 -33.26
N LYS F 199 19.54 -25.32 -32.73
CA LYS F 199 20.98 -25.43 -32.57
C LYS F 199 21.68 -25.59 -33.93
N SER F 200 21.18 -26.48 -34.78
CA SER F 200 21.84 -26.72 -36.06
C SER F 200 21.70 -25.52 -36.99
N PHE F 201 20.61 -24.76 -36.87
CA PHE F 201 20.48 -23.56 -37.70
C PHE F 201 21.49 -22.49 -37.27
N PHE F 202 21.72 -22.36 -35.96
CA PHE F 202 22.75 -21.42 -35.50
C PHE F 202 24.13 -21.85 -35.98
N GLU F 203 24.40 -23.15 -35.96
CA GLU F 203 25.71 -23.63 -36.41
C GLU F 203 25.91 -23.39 -37.90
N SER F 204 24.83 -23.42 -38.69
CA SER F 204 24.95 -23.18 -40.11
C SER F 204 25.32 -21.74 -40.43
N THR F 205 25.09 -20.81 -39.50
CA THR F 205 25.43 -19.42 -39.73
C THR F 205 26.92 -19.13 -39.55
N GLY F 206 27.63 -19.97 -38.79
CA GLY F 206 29.03 -19.74 -38.53
C GLY F 206 29.32 -18.68 -37.49
N LEU F 207 28.29 -18.13 -36.85
CA LEU F 207 28.50 -17.12 -35.81
C LEU F 207 29.11 -17.75 -34.58
N LYS F 208 30.00 -16.99 -33.91
CA LYS F 208 30.61 -17.41 -32.65
C LYS F 208 30.49 -16.28 -31.65
N ALA F 209 29.93 -16.57 -30.47
CA ALA F 209 29.80 -15.54 -29.44
C ALA F 209 31.16 -15.04 -28.98
N SER F 210 32.18 -15.89 -29.05
CA SER F 210 33.53 -15.49 -28.64
C SER F 210 34.14 -14.45 -29.57
N ASP F 211 33.58 -14.23 -30.76
CA ASP F 211 34.11 -13.23 -31.67
C ASP F 211 33.70 -11.82 -31.30
N TYR F 212 32.82 -11.64 -30.32
CA TYR F 212 32.26 -10.33 -30.03
C TYR F 212 32.61 -9.92 -28.61
N VAL F 213 32.90 -8.63 -28.44
CA VAL F 213 33.31 -8.07 -27.16
C VAL F 213 32.42 -6.88 -26.84
N SER F 214 32.16 -6.70 -25.54
CA SER F 214 31.41 -5.56 -25.05
C SER F 214 32.40 -4.50 -24.56
N LEU F 215 32.14 -3.24 -24.92
CA LEU F 215 33.03 -2.13 -24.59
C LEU F 215 32.24 -1.03 -23.90
N THR F 216 32.90 -0.35 -22.97
CA THR F 216 32.32 0.78 -22.27
C THR F 216 33.43 1.76 -21.91
N SER F 217 33.06 2.86 -21.25
CA SER F 217 34.03 3.89 -20.90
C SER F 217 33.57 4.60 -19.63
N TYR F 218 34.10 4.18 -18.49
CA TYR F 218 33.78 4.80 -17.21
C TYR F 218 35.01 4.77 -16.31
N THR F 219 34.97 5.60 -15.26
CA THR F 219 36.11 5.75 -14.37
C THR F 219 35.93 5.12 -13.00
N HIS F 220 34.75 4.63 -12.66
CA HIS F 220 34.57 3.95 -11.38
C HIS F 220 35.12 2.51 -11.40
N HIS F 221 35.82 2.15 -12.47
CA HIS F 221 36.60 0.92 -12.58
C HIS F 221 37.88 1.26 -13.32
N PRO F 222 38.96 0.52 -13.09
CA PRO F 222 40.21 0.81 -13.78
C PRO F 222 40.07 0.58 -15.28
N PHE F 223 40.78 1.41 -16.05
CA PHE F 223 40.78 1.25 -17.49
C PHE F 223 41.47 -0.06 -17.88
N TYR F 224 41.11 -0.57 -19.06
CA TYR F 224 41.70 -1.78 -19.64
C TYR F 224 41.43 -3.01 -18.78
N THR F 225 40.35 -3.01 -18.02
CA THR F 225 39.89 -4.18 -17.28
C THR F 225 38.45 -4.48 -17.67
N GLN F 226 37.94 -5.59 -17.15
CA GLN F 226 36.57 -6.03 -17.41
C GLN F 226 35.74 -5.91 -16.15
N PHE F 227 34.52 -5.39 -16.30
CA PHE F 227 33.57 -5.34 -15.19
C PHE F 227 32.16 -5.43 -15.75
N PRO F 228 31.22 -6.00 -15.00
CA PRO F 228 29.82 -6.04 -15.47
C PRO F 228 29.13 -4.72 -15.14
N LEU F 229 28.52 -4.12 -16.17
CA LEU F 229 27.81 -2.86 -15.98
C LEU F 229 26.69 -3.02 -14.97
N GLU F 230 26.60 -2.08 -14.03
CA GLU F 230 25.65 -2.14 -12.93
C GLU F 230 24.30 -1.57 -13.38
N ILE F 231 23.67 -2.28 -14.32
CA ILE F 231 22.38 -1.88 -14.86
C ILE F 231 21.41 -3.06 -14.77
N GLN F 232 20.12 -2.73 -14.67
CA GLN F 232 19.11 -3.73 -14.37
C GLN F 232 19.01 -4.79 -15.47
N ASP F 233 19.07 -4.39 -16.73
CA ASP F 233 18.92 -5.36 -17.81
C ASP F 233 20.17 -6.21 -18.02
N ASN F 234 21.24 -5.95 -17.29
CA ASN F 234 22.44 -6.80 -17.32
C ASN F 234 22.41 -7.80 -16.17
N TRP F 235 21.26 -8.43 -15.94
CA TRP F 235 21.12 -9.37 -14.84
C TRP F 235 21.95 -10.64 -15.05
N ARG F 236 22.37 -10.92 -16.28
CA ARG F 236 23.32 -12.00 -16.52
C ARG F 236 24.74 -11.64 -16.11
N HIS F 237 25.01 -10.36 -15.82
CA HIS F 237 26.33 -9.89 -15.40
C HIS F 237 27.38 -10.13 -16.47
N GLY F 238 27.06 -9.71 -17.70
CA GLY F 238 28.02 -9.79 -18.77
C GLY F 238 29.12 -8.75 -18.62
N MET F 239 30.34 -9.14 -18.96
CA MET F 239 31.50 -8.27 -18.78
C MET F 239 31.63 -7.30 -19.94
N SER F 240 32.26 -6.16 -19.66
CA SER F 240 32.59 -5.17 -20.68
C SER F 240 34.00 -4.68 -20.44
N TYR F 241 34.75 -4.48 -21.53
CA TYR F 241 36.08 -3.89 -21.44
C TYR F 241 35.98 -2.39 -21.28
N ASN F 242 36.77 -1.85 -20.36
CA ASN F 242 36.74 -0.42 -20.03
C ASN F 242 37.87 0.30 -20.75
N LEU F 243 37.52 1.31 -21.54
CA LEU F 243 38.48 2.10 -22.31
C LEU F 243 38.36 3.58 -21.98
N PRO F 244 39.44 4.33 -22.06
CA PRO F 244 39.33 5.79 -22.00
C PRO F 244 38.46 6.31 -23.13
N LEU F 245 37.83 7.46 -22.90
CA LEU F 245 36.77 7.93 -23.79
C LEU F 245 37.26 8.13 -25.22
N ASP F 246 38.47 8.66 -25.38
CA ASP F 246 38.98 8.93 -26.73
C ASP F 246 39.29 7.63 -27.47
N GLU F 247 39.93 6.67 -26.82
CA GLU F 247 40.13 5.38 -27.45
C GLU F 247 38.81 4.65 -27.65
N PHE F 248 37.85 4.86 -26.75
CA PHE F 248 36.53 4.28 -26.92
C PHE F 248 35.87 4.78 -28.21
N MET F 249 35.95 6.08 -28.45
CA MET F 249 35.36 6.64 -29.66
C MET F 249 36.14 6.25 -30.91
N GLU F 250 37.43 5.92 -30.78
CA GLU F 250 38.20 5.45 -31.92
C GLU F 250 37.70 4.11 -32.42
N VAL F 251 37.18 3.26 -31.53
CA VAL F 251 36.64 1.98 -31.95
C VAL F 251 35.44 2.16 -32.87
N PHE F 252 34.63 3.19 -32.60
CA PHE F 252 33.48 3.47 -33.45
C PHE F 252 33.90 3.70 -34.90
N ASP F 253 34.81 4.66 -35.11
CA ASP F 253 35.19 5.01 -36.47
C ASP F 253 35.96 3.89 -37.15
N ASN F 254 36.84 3.21 -36.41
CA ASN F 254 37.61 2.12 -37.00
C ASN F 254 36.70 0.98 -37.43
N ALA F 255 35.64 0.72 -36.65
CA ALA F 255 34.70 -0.32 -37.02
C ALA F 255 33.96 0.03 -38.29
N ILE F 256 33.47 1.27 -38.37
CA ILE F 256 32.73 1.69 -39.56
C ILE F 256 33.64 1.73 -40.78
N ASN F 257 34.84 2.31 -40.61
CA ASN F 257 35.73 2.49 -41.75
C ASN F 257 36.30 1.18 -42.28
N THR F 258 36.35 0.13 -41.46
CA THR F 258 36.83 -1.17 -41.93
C THR F 258 35.70 -2.13 -42.27
N GLY F 259 34.46 -1.65 -42.35
CA GLY F 259 33.34 -2.44 -42.83
C GLY F 259 32.48 -3.12 -41.78
N TYR F 260 32.66 -2.81 -40.49
CA TYR F 260 31.90 -3.42 -39.42
C TYR F 260 30.78 -2.50 -38.94
N THR F 261 29.80 -3.09 -38.28
CA THR F 261 28.74 -2.35 -37.62
C THR F 261 28.86 -2.50 -36.11
N ILE F 262 28.06 -1.70 -35.40
CA ILE F 262 28.17 -1.57 -33.95
C ILE F 262 26.79 -1.78 -33.34
N ALA F 263 26.70 -2.65 -32.34
CA ALA F 263 25.51 -2.73 -31.50
C ALA F 263 25.62 -1.65 -30.44
N TRP F 264 24.72 -0.67 -30.50
CA TRP F 264 24.84 0.57 -29.74
C TRP F 264 23.76 0.62 -28.66
N GLY F 265 24.19 0.46 -27.40
CA GLY F 265 23.31 0.66 -26.27
C GLY F 265 23.53 2.03 -25.68
N SER F 266 22.46 2.83 -25.62
CA SER F 266 22.61 4.25 -25.32
C SER F 266 21.41 4.78 -24.56
N ASP F 267 21.64 5.93 -23.93
CA ASP F 267 20.57 6.73 -23.35
C ASP F 267 19.90 7.55 -24.45
N VAL F 268 18.57 7.51 -24.49
CA VAL F 268 17.81 8.31 -25.45
C VAL F 268 16.85 9.27 -24.75
N SER F 269 16.89 9.35 -23.42
CA SER F 269 16.04 10.26 -22.66
C SER F 269 16.72 11.62 -22.51
N GLU F 270 16.95 12.27 -23.65
CA GLU F 270 17.54 13.60 -23.70
C GLU F 270 16.68 14.49 -24.59
N SER F 271 16.76 15.80 -24.35
CA SER F 271 16.02 16.73 -25.19
C SER F 271 16.53 16.72 -26.62
N GLY F 272 17.80 16.36 -26.82
CA GLY F 272 18.37 16.32 -28.15
C GLY F 272 17.91 15.14 -28.99
N PHE F 273 17.45 14.06 -28.36
CA PHE F 273 16.94 12.91 -29.09
C PHE F 273 15.50 13.18 -29.47
N THR F 274 15.25 13.41 -30.76
CA THR F 274 13.94 13.81 -31.25
C THR F 274 13.29 12.65 -32.01
N ARG F 275 11.98 12.78 -32.20
CA ARG F 275 11.23 11.83 -33.00
C ARG F 275 11.44 12.02 -34.50
N ASP F 276 12.20 13.04 -34.91
CA ASP F 276 12.40 13.38 -36.31
C ASP F 276 13.75 12.91 -36.85
N GLY F 277 14.31 11.86 -36.26
CA GLY F 277 15.47 11.21 -36.84
C GLY F 277 16.82 11.82 -36.53
N VAL F 278 16.91 12.73 -35.57
CA VAL F 278 18.20 13.30 -35.19
C VAL F 278 18.40 13.15 -33.68
N ALA F 279 19.66 13.01 -33.29
CA ALA F 279 20.06 12.99 -31.89
C ALA F 279 21.27 13.91 -31.75
N VAL F 280 21.07 15.06 -31.13
CA VAL F 280 22.11 16.08 -31.06
C VAL F 280 22.37 16.45 -29.61
N MET F 281 23.55 17.01 -29.37
CA MET F 281 23.98 17.45 -28.04
C MET F 281 24.38 18.91 -28.13
N PRO F 282 23.41 19.82 -28.24
CA PRO F 282 23.74 21.23 -28.44
C PRO F 282 24.25 21.88 -27.16
N ASP F 283 25.18 22.81 -27.33
CA ASP F 283 25.66 23.64 -26.23
C ASP F 283 24.69 24.80 -26.07
N ASP F 284 23.87 24.75 -25.00
CA ASP F 284 22.81 25.74 -24.83
C ASP F 284 23.39 27.15 -24.69
N GLU F 285 24.55 27.27 -24.04
CA GLU F 285 25.16 28.58 -23.84
C GLU F 285 25.66 29.16 -25.15
N LYS F 286 26.31 28.34 -25.98
CA LYS F 286 26.86 28.85 -27.24
C LYS F 286 25.74 29.22 -28.21
N VAL F 287 24.66 28.45 -28.22
CA VAL F 287 23.53 28.77 -29.08
C VAL F 287 22.86 30.05 -28.60
N GLN F 288 22.77 30.25 -27.29
CA GLN F 288 22.20 31.47 -26.74
C GLN F 288 23.06 32.68 -27.07
N GLU F 289 24.38 32.51 -27.07
CA GLU F 289 25.27 33.63 -27.38
C GLU F 289 25.14 34.06 -28.84
N LEU F 290 24.99 33.10 -29.75
CA LEU F 290 24.86 33.40 -31.17
C LEU F 290 23.45 33.84 -31.56
N SER F 291 22.59 34.15 -30.60
CA SER F 291 21.28 34.71 -30.86
C SER F 291 21.12 36.03 -30.10
N GLY F 292 20.16 36.85 -30.56
CA GLY F 292 19.94 38.14 -29.95
C GLY F 292 19.45 38.08 -28.52
N SER F 293 18.81 36.98 -28.13
CA SER F 293 18.28 36.85 -26.78
C SER F 293 19.41 36.81 -25.76
N ASP F 294 19.09 37.21 -24.53
CA ASP F 294 20.00 37.15 -23.40
C ASP F 294 19.61 36.01 -22.49
N MET F 295 20.33 35.88 -21.36
CA MET F 295 20.07 34.77 -20.45
C MET F 295 18.67 34.82 -19.86
N ALA F 296 18.11 36.02 -19.69
CA ALA F 296 16.79 36.16 -19.09
C ALA F 296 15.68 35.84 -20.08
N HIS F 297 15.75 36.43 -21.28
CA HIS F 297 14.73 36.17 -22.30
C HIS F 297 14.83 34.77 -22.87
N TRP F 298 15.99 34.11 -22.73
CA TRP F 298 16.15 32.75 -23.22
C TRP F 298 15.52 31.73 -22.28
N LEU F 299 15.60 31.96 -20.97
CA LEU F 299 15.05 31.02 -20.01
C LEU F 299 13.53 31.15 -19.85
N LYS F 300 12.88 31.96 -20.67
CA LYS F 300 11.44 32.06 -20.75
C LYS F 300 11.00 32.19 -22.21
N LEU F 301 11.69 31.48 -23.10
CA LEU F 301 11.45 31.55 -24.53
C LEU F 301 10.77 30.28 -25.03
N LYS F 302 10.27 30.37 -26.27
CA LYS F 302 9.59 29.25 -26.92
C LYS F 302 10.62 28.30 -27.53
N PRO F 303 10.59 27.01 -27.19
CA PRO F 303 11.58 26.08 -27.76
C PRO F 303 11.59 26.02 -29.27
N GLU F 304 10.45 26.29 -29.92
CA GLU F 304 10.44 26.34 -31.38
C GLU F 304 11.31 27.48 -31.90
N GLU F 305 11.45 28.56 -31.13
CA GLU F 305 12.29 29.69 -31.51
C GLU F 305 13.77 29.49 -31.17
N LYS F 306 14.10 28.52 -30.31
CA LYS F 306 15.50 28.31 -29.94
C LYS F 306 16.27 27.50 -30.98
N LYS F 307 15.56 26.80 -31.87
CA LYS F 307 16.14 25.94 -32.90
C LYS F 307 17.34 25.13 -32.38
N LEU F 308 17.15 24.53 -31.22
CA LEU F 308 18.25 23.76 -30.61
C LEU F 308 18.41 22.40 -31.29
N ASN F 309 17.31 21.78 -31.70
CA ASN F 309 17.34 20.43 -32.26
C ASN F 309 16.84 20.38 -33.69
N THR F 310 16.77 21.52 -34.37
CA THR F 310 16.20 21.55 -35.72
C THR F 310 17.19 21.96 -36.80
N LYS F 311 18.35 22.51 -36.43
CA LYS F 311 19.39 22.91 -37.37
C LYS F 311 20.73 22.56 -36.74
N PRO F 312 21.78 22.42 -37.55
CA PRO F 312 23.11 22.17 -36.99
C PRO F 312 23.52 23.28 -36.03
N GLN F 313 23.97 22.88 -34.84
CA GLN F 313 24.34 23.78 -33.76
C GLN F 313 25.70 23.38 -33.20
N PRO F 314 26.38 24.30 -32.52
CA PRO F 314 27.62 23.92 -31.83
C PRO F 314 27.33 22.89 -30.73
N GLN F 315 28.14 21.84 -30.71
CA GLN F 315 27.91 20.71 -29.82
C GLN F 315 28.67 20.86 -28.51
N LYS F 316 28.13 20.21 -27.48
CA LYS F 316 28.77 20.12 -26.18
C LYS F 316 29.61 18.84 -26.17
N TRP F 317 30.93 18.99 -26.07
CA TRP F 317 31.85 17.86 -26.10
C TRP F 317 32.28 17.54 -24.67
N CYS F 318 31.75 16.44 -24.14
CA CYS F 318 31.93 16.14 -22.72
C CYS F 318 33.34 15.66 -22.44
N THR F 319 33.79 15.92 -21.22
CA THR F 319 35.02 15.32 -20.72
C THR F 319 34.71 13.95 -20.13
N GLN F 320 35.78 13.24 -19.76
CA GLN F 320 35.58 11.94 -19.12
C GLN F 320 34.82 12.06 -17.81
N ALA F 321 35.08 13.14 -17.05
CA ALA F 321 34.41 13.33 -15.77
C ALA F 321 32.95 13.74 -15.95
N GLU F 322 32.67 14.58 -16.94
CA GLU F 322 31.28 14.97 -17.21
C GLU F 322 30.46 13.77 -17.67
N ARG F 323 31.06 12.87 -18.44
CA ARG F 323 30.38 11.63 -18.81
C ARG F 323 30.13 10.76 -17.59
N GLN F 324 31.08 10.72 -16.65
CA GLN F 324 30.91 9.90 -15.46
C GLN F 324 29.82 10.46 -14.56
N LEU F 325 29.74 11.78 -14.44
CA LEU F 325 28.73 12.39 -13.58
C LEU F 325 27.32 12.02 -14.03
N ALA F 326 27.07 12.10 -15.34
CA ALA F 326 25.73 11.80 -15.86
C ALA F 326 25.35 10.35 -15.60
N TYR F 327 26.32 9.43 -15.62
CA TYR F 327 26.03 8.04 -15.28
C TYR F 327 25.81 7.87 -13.78
N ASP F 328 26.48 8.68 -12.97
CA ASP F 328 26.34 8.59 -11.52
C ASP F 328 25.05 9.20 -11.02
N ASN F 329 24.56 10.27 -11.67
CA ASN F 329 23.44 11.04 -11.15
C ASN F 329 22.13 10.76 -11.88
N TYR F 330 22.05 9.64 -12.61
CA TYR F 330 20.85 9.15 -13.31
C TYR F 330 20.52 9.88 -14.60
N GLU F 331 21.38 10.78 -15.09
CA GLU F 331 21.12 11.43 -16.38
C GLU F 331 21.51 10.57 -17.56
N THR F 332 22.32 9.53 -17.36
CA THR F 332 22.66 8.57 -18.41
C THR F 332 22.23 7.19 -17.94
N THR F 333 21.16 6.66 -18.53
CA THR F 333 20.62 5.37 -18.16
C THR F 333 20.56 4.46 -19.38
N ASP F 334 20.49 3.15 -19.10
CA ASP F 334 20.43 2.13 -20.14
C ASP F 334 19.01 2.09 -20.70
N ASP F 335 18.74 2.93 -21.69
CA ASP F 335 17.39 3.13 -22.21
C ASP F 335 17.07 2.26 -23.43
N HIS F 336 17.92 2.30 -24.45
CA HIS F 336 17.55 1.84 -25.78
C HIS F 336 18.75 1.15 -26.42
N GLY F 337 18.47 0.15 -27.25
CA GLY F 337 19.50 -0.51 -28.03
C GLY F 337 19.26 -0.30 -29.52
N MET F 338 20.30 0.10 -30.24
CA MET F 338 20.19 0.38 -31.67
C MET F 338 21.43 -0.17 -32.36
N GLN F 339 21.54 0.10 -33.65
CA GLN F 339 22.70 -0.31 -34.45
C GLN F 339 23.27 0.89 -35.17
N ILE F 340 24.57 1.11 -35.00
CA ILE F 340 25.31 2.11 -35.77
C ILE F 340 25.96 1.40 -36.94
N TYR F 341 25.73 1.90 -38.15
CA TYR F 341 26.22 1.24 -39.35
C TYR F 341 26.92 2.16 -40.33
N GLY F 342 26.99 3.46 -40.05
CA GLY F 342 27.63 4.38 -40.98
C GLY F 342 27.94 5.71 -40.34
N ILE F 343 28.65 6.53 -41.11
CA ILE F 343 29.02 7.88 -40.72
C ILE F 343 28.52 8.83 -41.79
N ALA F 344 27.94 9.95 -41.38
CA ALA F 344 27.45 10.96 -42.30
C ALA F 344 27.83 12.34 -41.79
N LYS F 345 27.70 13.33 -42.66
CA LYS F 345 27.96 14.72 -42.31
C LYS F 345 26.77 15.55 -42.74
N ASP F 346 26.61 16.71 -42.11
CA ASP F 346 25.56 17.64 -42.46
C ASP F 346 26.14 18.71 -43.39
N GLN F 347 25.33 19.73 -43.72
CA GLN F 347 25.76 20.77 -44.63
C GLN F 347 26.90 21.60 -44.08
N GLU F 348 27.06 21.66 -42.76
CA GLU F 348 28.13 22.43 -42.13
C GLU F 348 29.37 21.59 -41.83
N GLY F 349 29.35 20.31 -42.16
CA GLY F 349 30.51 19.45 -41.97
C GLY F 349 30.56 18.70 -40.66
N ASN F 350 29.57 18.87 -39.79
CA ASN F 350 29.53 18.13 -38.54
C ASN F 350 29.27 16.65 -38.81
N GLU F 351 29.95 15.79 -38.07
CA GLU F 351 29.86 14.35 -38.29
C GLU F 351 28.81 13.71 -37.40
N TYR F 352 28.08 12.75 -37.97
CA TYR F 352 27.03 12.03 -37.29
C TYR F 352 27.24 10.54 -37.50
N TYR F 353 26.72 9.74 -36.57
CA TYR F 353 26.65 8.30 -36.76
C TYR F 353 25.26 7.96 -37.26
N MET F 354 25.19 7.07 -38.24
CA MET F 354 23.93 6.65 -38.84
C MET F 354 23.40 5.48 -38.03
N VAL F 355 22.18 5.64 -37.50
CA VAL F 355 21.61 4.71 -36.53
C VAL F 355 20.40 4.04 -37.17
N LYS F 356 20.35 2.71 -37.11
CA LYS F 356 19.21 1.94 -37.55
C LYS F 356 18.36 1.63 -36.32
N ASN F 357 17.19 2.27 -36.23
CA ASN F 357 16.31 2.05 -35.10
C ASN F 357 15.37 0.88 -35.40
N SER F 358 14.52 0.55 -34.44
CA SER F 358 13.58 -0.57 -34.57
C SER F 358 12.18 -0.10 -34.25
N TRP F 359 11.82 1.09 -34.74
CA TRP F 359 10.49 1.66 -34.54
C TRP F 359 9.70 1.75 -35.84
N GLY F 360 10.01 0.91 -36.83
CA GLY F 360 9.36 1.01 -38.11
C GLY F 360 9.96 2.11 -38.97
N THR F 361 9.34 2.31 -40.13
CA THR F 361 9.83 3.26 -41.12
C THR F 361 8.99 4.53 -41.21
N ASN F 362 8.07 4.73 -40.26
CA ASN F 362 7.21 5.92 -40.29
C ASN F 362 7.87 7.07 -39.54
N SER F 363 9.05 7.46 -40.02
CA SER F 363 9.78 8.59 -39.47
C SER F 363 10.43 9.34 -40.63
N LYS F 364 11.12 10.44 -40.32
CA LYS F 364 11.61 11.33 -41.36
C LYS F 364 12.59 10.64 -42.30
N TYR F 365 13.47 9.79 -41.77
CA TYR F 365 14.45 9.08 -42.59
C TYR F 365 14.16 7.59 -42.68
N ASN F 366 12.87 7.22 -42.58
CA ASN F 366 12.41 5.84 -42.76
C ASN F 366 13.05 4.89 -41.76
N GLY F 367 13.01 5.28 -40.48
CA GLY F 367 13.54 4.46 -39.41
C GLY F 367 15.01 4.63 -39.14
N ILE F 368 15.66 5.57 -39.81
CA ILE F 368 17.09 5.82 -39.63
C ILE F 368 17.25 7.09 -38.79
N TRP F 369 18.20 7.06 -37.87
CA TRP F 369 18.51 8.21 -37.03
C TRP F 369 19.93 8.67 -37.31
N TYR F 370 20.14 9.98 -37.17
CA TYR F 370 21.46 10.59 -37.27
C TYR F 370 21.81 11.11 -35.87
N ALA F 371 22.77 10.47 -35.23
CA ALA F 371 23.21 10.83 -33.90
C ALA F 371 24.57 11.48 -34.01
N SER F 372 24.69 12.73 -33.57
CA SER F 372 25.96 13.42 -33.66
C SER F 372 26.99 12.71 -32.80
N LYS F 373 28.26 12.83 -33.21
CA LYS F 373 29.33 12.18 -32.45
C LYS F 373 29.39 12.71 -31.02
N ALA F 374 28.98 13.97 -30.81
CA ALA F 374 28.96 14.50 -29.45
C ALA F 374 27.91 13.79 -28.59
N PHE F 375 26.75 13.50 -29.18
CA PHE F 375 25.73 12.76 -28.44
C PHE F 375 26.20 11.36 -28.09
N VAL F 376 26.78 10.66 -29.08
CA VAL F 376 27.25 9.29 -28.85
C VAL F 376 28.35 9.27 -27.80
N ARG F 377 29.25 10.24 -27.84
CA ARG F 377 30.35 10.30 -26.87
C ARG F 377 29.81 10.43 -25.45
N TYR F 378 28.72 11.18 -25.28
CA TYR F 378 28.18 11.53 -23.98
C TYR F 378 27.22 10.48 -23.44
N LYS F 379 26.36 9.92 -24.28
CA LYS F 379 25.23 9.14 -23.82
C LYS F 379 25.35 7.64 -24.07
N THR F 380 26.48 7.17 -24.59
CA THR F 380 26.63 5.74 -24.85
C THR F 380 26.82 4.99 -23.54
N MET F 381 26.02 3.94 -23.34
CA MET F 381 26.21 3.07 -22.20
C MET F 381 27.28 2.01 -22.47
N ASN F 382 27.13 1.28 -23.57
CA ASN F 382 28.08 0.26 -23.98
C ASN F 382 27.82 -0.08 -25.44
N ILE F 383 28.81 -0.75 -26.05
CA ILE F 383 28.68 -1.20 -27.43
C ILE F 383 29.20 -2.63 -27.54
N VAL F 384 28.76 -3.32 -28.59
CA VAL F 384 29.26 -4.64 -28.94
C VAL F 384 29.70 -4.60 -30.39
N VAL F 385 30.93 -5.03 -30.64
CA VAL F 385 31.49 -5.12 -31.97
C VAL F 385 32.24 -6.45 -32.10
N HIS F 386 32.55 -6.81 -33.34
CA HIS F 386 33.44 -7.92 -33.58
C HIS F 386 34.85 -7.55 -33.12
N LYS F 387 35.59 -8.56 -32.65
CA LYS F 387 36.95 -8.32 -32.17
C LYS F 387 37.81 -7.65 -33.24
N ASP F 388 37.69 -8.09 -34.48
CA ASP F 388 38.52 -7.56 -35.56
C ASP F 388 38.18 -6.13 -35.92
N ALA F 389 37.12 -5.57 -35.36
CA ALA F 389 36.82 -4.14 -35.55
C ALA F 389 37.67 -3.26 -34.64
N LEU F 390 38.36 -3.83 -33.67
CA LEU F 390 39.21 -3.06 -32.77
C LEU F 390 40.53 -2.71 -33.45
N PRO F 391 41.03 -1.49 -33.26
CA PRO F 391 42.39 -1.18 -33.70
C PRO F 391 43.40 -2.08 -33.00
N LYS F 392 44.52 -2.34 -33.68
CA LYS F 392 45.50 -3.29 -33.16
C LYS F 392 46.07 -2.83 -31.81
N ALA F 393 46.30 -1.52 -31.65
CA ALA F 393 46.85 -1.03 -30.39
C ALA F 393 45.87 -1.22 -29.24
N ILE F 394 44.58 -0.95 -29.48
CA ILE F 394 43.59 -1.14 -28.44
C ILE F 394 43.42 -2.61 -28.11
N LYS F 395 43.48 -3.48 -29.13
CA LYS F 395 43.44 -4.92 -28.88
C LYS F 395 44.57 -5.35 -27.94
N ALA F 396 45.74 -4.75 -28.08
CA ALA F 396 46.87 -5.13 -27.24
C ALA F 396 46.69 -4.66 -25.80
N LYS F 397 46.17 -3.44 -25.62
CA LYS F 397 45.97 -2.93 -24.26
C LYS F 397 44.94 -3.75 -23.50
N LEU F 398 43.96 -4.31 -24.20
CA LEU F 398 42.93 -5.13 -23.57
C LEU F 398 43.32 -6.59 -23.44
N GLY F 399 44.42 -7.02 -24.06
CA GLY F 399 44.81 -8.40 -23.99
C GLY F 399 43.97 -9.33 -24.83
N ILE F 400 43.45 -8.85 -25.95
CA ILE F 400 42.57 -9.62 -26.81
C ILE F 400 43.40 -10.13 -27.98
N LYS F 401 43.55 -11.45 -28.06
CA LYS F 401 44.31 -12.07 -29.14
C LYS F 401 43.43 -12.29 -30.38
#